data_3C0F
# 
_entry.id   3C0F 
# 
_audit_conform.dict_name       mmcif_pdbx.dic 
_audit_conform.dict_version    5.403 
_audit_conform.dict_location   http://mmcif.pdb.org/dictionaries/ascii/mmcif_pdbx.dic 
# 
loop_
_database_2.database_id 
_database_2.database_code 
_database_2.pdbx_database_accession 
_database_2.pdbx_DOI 
PDB   3C0F         pdb_00003c0f 10.2210/pdb3c0f/pdb 
RCSB  RCSB046184   ?            ?                   
WWPDB D_1000046184 ?            ?                   
# 
loop_
_pdbx_audit_revision_history.ordinal 
_pdbx_audit_revision_history.data_content_type 
_pdbx_audit_revision_history.major_revision 
_pdbx_audit_revision_history.minor_revision 
_pdbx_audit_revision_history.revision_date 
_pdbx_audit_revision_history.part_number 
1 'Structure model' 1 0 2008-02-05 ? 
2 'Structure model' 1 1 2011-07-13 ? 
3 'Structure model' 1 2 2025-03-26 ? 
# 
_pdbx_audit_revision_details.ordinal             1 
_pdbx_audit_revision_details.revision_ordinal    1 
_pdbx_audit_revision_details.data_content_type   'Structure model' 
_pdbx_audit_revision_details.provider            repository 
_pdbx_audit_revision_details.type                'Initial release' 
_pdbx_audit_revision_details.description         ? 
_pdbx_audit_revision_details.details             ? 
# 
loop_
_pdbx_audit_revision_group.ordinal 
_pdbx_audit_revision_group.revision_ordinal 
_pdbx_audit_revision_group.data_content_type 
_pdbx_audit_revision_group.group 
1 2 'Structure model' Advisory                    
2 2 'Structure model' 'Version format compliance' 
3 3 'Structure model' 'Data collection'           
4 3 'Structure model' 'Database references'       
5 3 'Structure model' 'Derived calculations'      
6 3 'Structure model' 'Structure summary'         
# 
loop_
_pdbx_audit_revision_category.ordinal 
_pdbx_audit_revision_category.revision_ordinal 
_pdbx_audit_revision_category.data_content_type 
_pdbx_audit_revision_category.category 
1 3 'Structure model' chem_comp_atom            
2 3 'Structure model' chem_comp_bond            
3 3 'Structure model' database_2                
4 3 'Structure model' pdbx_entry_details        
5 3 'Structure model' pdbx_modification_feature 
6 3 'Structure model' struct_conn               
# 
loop_
_pdbx_audit_revision_item.ordinal 
_pdbx_audit_revision_item.revision_ordinal 
_pdbx_audit_revision_item.data_content_type 
_pdbx_audit_revision_item.item 
1 3 'Structure model' '_database_2.pdbx_DOI'                
2 3 'Structure model' '_database_2.pdbx_database_accession' 
3 3 'Structure model' '_struct_conn.pdbx_leaving_atom_flag' 
# 
_pdbx_database_status.status_code                     REL 
_pdbx_database_status.entry_id                        3C0F 
_pdbx_database_status.recvd_initial_deposition_date   2008-01-20 
_pdbx_database_status.deposit_site                    RCSB 
_pdbx_database_status.process_site                    RCSB 
_pdbx_database_status.status_code_sf                  REL 
_pdbx_database_status.status_code_mr                  ? 
_pdbx_database_status.SG_entry                        ? 
_pdbx_database_status.pdb_format_compatible           Y 
_pdbx_database_status.status_code_cs                  ? 
_pdbx_database_status.status_code_nmr_data            ? 
_pdbx_database_status.methods_development_category    ? 
# 
loop_
_audit_author.name 
_audit_author.pdbx_ordinal 
'Li, Y.'      1  
'Bahti, P.'   2  
'Shaw, N.'    3  
'Song, G.'    4  
'Yin, J.'     5  
'Zhu, J.-Y.'  6  
'Zhang, H.'   7  
'Xu, H.'      8  
'Wang, B.-C.' 9  
'Liu, Z.-J.'  10 
# 
_citation.id                        primary 
_citation.title                     
'Crystal structure of a novel non-Pfam protein AF1514 from Archeoglobus fulgidus DSM 4304 solved by S-SAD using a Cr X-ray source.' 
_citation.journal_abbrev            Proteins 
_citation.journal_volume            71 
_citation.page_first                2109 
_citation.page_last                 2113 
_citation.year                      2008 
_citation.journal_id_ASTM           PSFGEY 
_citation.country                   US 
_citation.journal_id_ISSN           0887-3585 
_citation.journal_id_CSD            0867 
_citation.book_publisher            ? 
_citation.pdbx_database_id_PubMed   18361456 
_citation.pdbx_database_id_DOI      10.1002/prot.22025 
# 
loop_
_citation_author.citation_id 
_citation_author.name 
_citation_author.ordinal 
_citation_author.identifier_ORCID 
primary 'Li, Y.'     1  ? 
primary 'Bahti, P.'  2  ? 
primary 'Shaw, N.'   3  ? 
primary 'Song, G.'   4  ? 
primary 'Chen, S.'   5  ? 
primary 'Zhang, X.'  6  ? 
primary 'Zhang, M.'  7  ? 
primary 'Cheng, C.'  8  ? 
primary 'Yin, J.'    9  ? 
primary 'Zhu, J.Y.'  10 ? 
primary 'Zhang, H.'  11 ? 
primary 'Che, D.'    12 ? 
primary 'Xu, H.'     13 ? 
primary 'Abbas, A.'  14 ? 
primary 'Wang, B.C.' 15 ? 
primary 'Liu, Z.J.'  16 ? 
# 
loop_
_entity.id 
_entity.type 
_entity.src_method 
_entity.pdbx_description 
_entity.formula_weight 
_entity.pdbx_number_of_molecules 
_entity.pdbx_ec 
_entity.pdbx_mutation 
_entity.pdbx_fragment 
_entity.details 
1 polymer man 'Uncharacterized protein AF_1514' 10654.134 1   ? ? ? ? 
2 water   nat water                             18.015    121 ? ? ? ? 
# 
_entity_poly.entity_id                      1 
_entity_poly.type                           'polypeptide(L)' 
_entity_poly.nstd_linkage                   no 
_entity_poly.nstd_monomer                   yes 
_entity_poly.pdbx_seq_one_letter_code       
;MEIMDEI(MLY)VNLQKEVSLEEAERYA(MLY)NIAS(MLY)YGDGILLSVHDS(MLY)TGYRAPEVYCCGEKPWEVYAC
NRGANL(MLY)ISVNQFEFYFRIEVEGQAKY
;
_entity_poly.pdbx_seq_one_letter_code_can   
;MEIMDEIKVNLQKEVSLEEAERYAKNIASKYGDGILLSVHDSKTGYRAPEVYCCGEKPWEVYACNRGANLKISVNQFEFY
FRIEVEGQAKY
;
_entity_poly.pdbx_strand_id                 B 
_entity_poly.pdbx_target_identifier         ? 
# 
_pdbx_entity_nonpoly.entity_id   2 
_pdbx_entity_nonpoly.name        water 
_pdbx_entity_nonpoly.comp_id     HOH 
# 
loop_
_entity_poly_seq.entity_id 
_entity_poly_seq.num 
_entity_poly_seq.mon_id 
_entity_poly_seq.hetero 
1 1  MET n 
1 2  GLU n 
1 3  ILE n 
1 4  MET n 
1 5  ASP n 
1 6  GLU n 
1 7  ILE n 
1 8  MLY n 
1 9  VAL n 
1 10 ASN n 
1 11 LEU n 
1 12 GLN n 
1 13 LYS n 
1 14 GLU n 
1 15 VAL n 
1 16 SER n 
1 17 LEU n 
1 18 GLU n 
1 19 GLU n 
1 20 ALA n 
1 21 GLU n 
1 22 ARG n 
1 23 TYR n 
1 24 ALA n 
1 25 MLY n 
1 26 ASN n 
1 27 ILE n 
1 28 ALA n 
1 29 SER n 
1 30 MLY n 
1 31 TYR n 
1 32 GLY n 
1 33 ASP n 
1 34 GLY n 
1 35 ILE n 
1 36 LEU n 
1 37 LEU n 
1 38 SER n 
1 39 VAL n 
1 40 HIS n 
1 41 ASP n 
1 42 SER n 
1 43 MLY n 
1 44 THR n 
1 45 GLY n 
1 46 TYR n 
1 47 ARG n 
1 48 ALA n 
1 49 PRO n 
1 50 GLU n 
1 51 VAL n 
1 52 TYR n 
1 53 CYS n 
1 54 CYS n 
1 55 GLY n 
1 56 GLU n 
1 57 LYS n 
1 58 PRO n 
1 59 TRP n 
1 60 GLU n 
1 61 VAL n 
1 62 TYR n 
1 63 ALA n 
1 64 CYS n 
1 65 ASN n 
1 66 ARG n 
1 67 GLY n 
1 68 ALA n 
1 69 ASN n 
1 70 LEU n 
1 71 MLY n 
1 72 ILE n 
1 73 SER n 
1 74 VAL n 
1 75 ASN n 
1 76 GLN n 
1 77 PHE n 
1 78 GLU n 
1 79 PHE n 
1 80 TYR n 
1 81 PHE n 
1 82 ARG n 
1 83 ILE n 
1 84 GLU n 
1 85 VAL n 
1 86 GLU n 
1 87 GLY n 
1 88 GLN n 
1 89 ALA n 
1 90 LYS n 
1 91 TYR n 
# 
_entity_src_gen.entity_id                          1 
_entity_src_gen.pdbx_src_id                        1 
_entity_src_gen.pdbx_alt_source_flag               sample 
_entity_src_gen.pdbx_seq_type                      ? 
_entity_src_gen.pdbx_beg_seq_num                   ? 
_entity_src_gen.pdbx_end_seq_num                   ? 
_entity_src_gen.gene_src_common_name               ? 
_entity_src_gen.gene_src_genus                     Archaeoglobus 
_entity_src_gen.pdbx_gene_src_gene                 AF1514 
_entity_src_gen.gene_src_species                   'Archaeoglobus fulgidus' 
_entity_src_gen.gene_src_strain                    DSM4304 
_entity_src_gen.gene_src_tissue                    ? 
_entity_src_gen.gene_src_tissue_fraction           ? 
_entity_src_gen.gene_src_details                   ? 
_entity_src_gen.pdbx_gene_src_fragment             ? 
_entity_src_gen.pdbx_gene_src_scientific_name      'Archaeoglobus fulgidus DSM 4304' 
_entity_src_gen.pdbx_gene_src_ncbi_taxonomy_id     224325 
_entity_src_gen.pdbx_gene_src_variant              ? 
_entity_src_gen.pdbx_gene_src_cell_line            ? 
_entity_src_gen.pdbx_gene_src_atcc                 ? 
_entity_src_gen.pdbx_gene_src_organ                ? 
_entity_src_gen.pdbx_gene_src_organelle            ? 
_entity_src_gen.pdbx_gene_src_cell                 ? 
_entity_src_gen.pdbx_gene_src_cellular_location    ? 
_entity_src_gen.host_org_common_name               ? 
_entity_src_gen.pdbx_host_org_scientific_name      'Escherichia coli BL21' 
_entity_src_gen.pdbx_host_org_ncbi_taxonomy_id     511693 
_entity_src_gen.host_org_genus                     Escherichia 
_entity_src_gen.pdbx_host_org_gene                 ? 
_entity_src_gen.pdbx_host_org_organ                ? 
_entity_src_gen.host_org_species                   'Escherichia coli' 
_entity_src_gen.pdbx_host_org_tissue               ? 
_entity_src_gen.pdbx_host_org_tissue_fraction      ? 
_entity_src_gen.pdbx_host_org_strain               BL21 
_entity_src_gen.pdbx_host_org_variant              ? 
_entity_src_gen.pdbx_host_org_cell_line            ? 
_entity_src_gen.pdbx_host_org_atcc                 ? 
_entity_src_gen.pdbx_host_org_culture_collection   ? 
_entity_src_gen.pdbx_host_org_cell                 ? 
_entity_src_gen.pdbx_host_org_organelle            ? 
_entity_src_gen.pdbx_host_org_cellular_location    ? 
_entity_src_gen.pdbx_host_org_vector_type          plasmid 
_entity_src_gen.pdbx_host_org_vector               ? 
_entity_src_gen.host_org_details                   ? 
_entity_src_gen.expression_system_id               ? 
_entity_src_gen.plasmid_name                       pET28b 
_entity_src_gen.plasmid_details                    ? 
_entity_src_gen.pdbx_description                   ? 
# 
loop_
_chem_comp.id 
_chem_comp.type 
_chem_comp.mon_nstd_flag 
_chem_comp.name 
_chem_comp.pdbx_synonyms 
_chem_comp.formula 
_chem_comp.formula_weight 
ALA 'L-peptide linking' y ALANINE           ? 'C3 H7 N O2'     89.093  
ARG 'L-peptide linking' y ARGININE          ? 'C6 H15 N4 O2 1' 175.209 
ASN 'L-peptide linking' y ASPARAGINE        ? 'C4 H8 N2 O3'    132.118 
ASP 'L-peptide linking' y 'ASPARTIC ACID'   ? 'C4 H7 N O4'     133.103 
CYS 'L-peptide linking' y CYSTEINE          ? 'C3 H7 N O2 S'   121.158 
GLN 'L-peptide linking' y GLUTAMINE         ? 'C5 H10 N2 O3'   146.144 
GLU 'L-peptide linking' y 'GLUTAMIC ACID'   ? 'C5 H9 N O4'     147.129 
GLY 'peptide linking'   y GLYCINE           ? 'C2 H5 N O2'     75.067  
HIS 'L-peptide linking' y HISTIDINE         ? 'C6 H10 N3 O2 1' 156.162 
HOH non-polymer         . WATER             ? 'H2 O'           18.015  
ILE 'L-peptide linking' y ISOLEUCINE        ? 'C6 H13 N O2'    131.173 
LEU 'L-peptide linking' y LEUCINE           ? 'C6 H13 N O2'    131.173 
LYS 'L-peptide linking' y LYSINE            ? 'C6 H15 N2 O2 1' 147.195 
MET 'L-peptide linking' y METHIONINE        ? 'C5 H11 N O2 S'  149.211 
MLY 'L-peptide linking' n N-DIMETHYL-LYSINE ? 'C8 H18 N2 O2'   174.241 
PHE 'L-peptide linking' y PHENYLALANINE     ? 'C9 H11 N O2'    165.189 
PRO 'L-peptide linking' y PROLINE           ? 'C5 H9 N O2'     115.130 
SER 'L-peptide linking' y SERINE            ? 'C3 H7 N O3'     105.093 
THR 'L-peptide linking' y THREONINE         ? 'C4 H9 N O3'     119.119 
TRP 'L-peptide linking' y TRYPTOPHAN        ? 'C11 H12 N2 O2'  204.225 
TYR 'L-peptide linking' y TYROSINE          ? 'C9 H11 N O3'    181.189 
VAL 'L-peptide linking' y VALINE            ? 'C5 H11 N O2'    117.146 
# 
loop_
_pdbx_poly_seq_scheme.asym_id 
_pdbx_poly_seq_scheme.entity_id 
_pdbx_poly_seq_scheme.seq_id 
_pdbx_poly_seq_scheme.mon_id 
_pdbx_poly_seq_scheme.ndb_seq_num 
_pdbx_poly_seq_scheme.pdb_seq_num 
_pdbx_poly_seq_scheme.auth_seq_num 
_pdbx_poly_seq_scheme.pdb_mon_id 
_pdbx_poly_seq_scheme.auth_mon_id 
_pdbx_poly_seq_scheme.pdb_strand_id 
_pdbx_poly_seq_scheme.pdb_ins_code 
_pdbx_poly_seq_scheme.hetero 
A 1 1  MET 1  1  ?  ?   ?   B . n 
A 1 2  GLU 2  2  ?  ?   ?   B . n 
A 1 3  ILE 3  3  3  ILE ALA B . n 
A 1 4  MET 4  4  4  MET MET B . n 
A 1 5  ASP 5  5  5  ASP ASP B . n 
A 1 6  GLU 6  6  6  GLU GLU B . n 
A 1 7  ILE 7  7  7  ILE ILE B . n 
A 1 8  MLY 8  8  8  MLY MLY B . n 
A 1 9  VAL 9  9  9  VAL VAL B . n 
A 1 10 ASN 10 10 10 ASN ASN B . n 
A 1 11 LEU 11 11 11 LEU LEU B . n 
A 1 12 GLN 12 12 12 GLN GLN B . n 
A 1 13 LYS 13 13 13 LYS LYS B . n 
A 1 14 GLU 14 14 14 GLU GLU B . n 
A 1 15 VAL 15 15 15 VAL VAL B . n 
A 1 16 SER 16 16 16 SER SER B . n 
A 1 17 LEU 17 17 17 LEU LEU B . n 
A 1 18 GLU 18 18 18 GLU GLU B . n 
A 1 19 GLU 19 19 19 GLU GLU B . n 
A 1 20 ALA 20 20 20 ALA ALA B . n 
A 1 21 GLU 21 21 21 GLU GLU B . n 
A 1 22 ARG 22 22 22 ARG ARG B . n 
A 1 23 TYR 23 23 23 TYR TYR B . n 
A 1 24 ALA 24 24 24 ALA ALA B . n 
A 1 25 MLY 25 25 25 MLY MLY B . n 
A 1 26 ASN 26 26 26 ASN ASN B . n 
A 1 27 ILE 27 27 27 ILE ILE B . n 
A 1 28 ALA 28 28 28 ALA ALA B . n 
A 1 29 SER 29 29 29 SER SER B . n 
A 1 30 MLY 30 30 30 MLY MLY B . n 
A 1 31 TYR 31 31 31 TYR TYR B . n 
A 1 32 GLY 32 32 32 GLY GLY B . n 
A 1 33 ASP 33 33 33 ASP ASP B . n 
A 1 34 GLY 34 34 34 GLY GLY B . n 
A 1 35 ILE 35 35 35 ILE ILE B . n 
A 1 36 LEU 36 36 36 LEU LEU B . n 
A 1 37 LEU 37 37 37 LEU LEU B . n 
A 1 38 SER 38 38 38 SER SER B . n 
A 1 39 VAL 39 39 39 VAL VAL B . n 
A 1 40 HIS 40 40 40 HIS HIS B . n 
A 1 41 ASP 41 41 41 ASP ASP B . n 
A 1 42 SER 42 42 42 SER SER B . n 
A 1 43 MLY 43 43 43 MLY MLY B . n 
A 1 44 THR 44 44 44 THR THR B . n 
A 1 45 GLY 45 45 45 GLY GLY B . n 
A 1 46 TYR 46 46 46 TYR TYR B . n 
A 1 47 ARG 47 47 47 ARG ARG B . n 
A 1 48 ALA 48 48 48 ALA ALA B . n 
A 1 49 PRO 49 49 49 PRO PRO B . n 
A 1 50 GLU 50 50 50 GLU GLU B . n 
A 1 51 VAL 51 51 51 VAL VAL B . n 
A 1 52 TYR 52 52 52 TYR TYR B . n 
A 1 53 CYS 53 53 53 CYS GLY B . n 
A 1 54 CYS 54 54 54 CYS CYS B . n 
A 1 55 GLY 55 55 55 GLY GLY B . n 
A 1 56 GLU 56 56 56 GLU GLY B . n 
A 1 57 LYS 57 57 57 LYS LYS B . n 
A 1 58 PRO 58 58 58 PRO PRO B . n 
A 1 59 TRP 59 59 59 TRP TRP B . n 
A 1 60 GLU 60 60 60 GLU GLU B . n 
A 1 61 VAL 61 61 61 VAL VAL B . n 
A 1 62 TYR 62 62 62 TYR TYR B . n 
A 1 63 ALA 63 63 63 ALA ALA B . n 
A 1 64 CYS 64 64 64 CYS CYS B . n 
A 1 65 ASN 65 65 65 ASN ASN B . n 
A 1 66 ARG 66 66 66 ARG ARG B . n 
A 1 67 GLY 67 67 67 GLY GLY B . n 
A 1 68 ALA 68 68 68 ALA ALA B . n 
A 1 69 ASN 69 69 69 ASN ASN B . n 
A 1 70 LEU 70 70 70 LEU LEU B . n 
A 1 71 MLY 71 71 71 MLY MLY B . n 
A 1 72 ILE 72 72 72 ILE ILE B . n 
A 1 73 SER 73 73 73 SER SER B . n 
A 1 74 VAL 74 74 74 VAL VAL B . n 
A 1 75 ASN 75 75 75 ASN ASN B . n 
A 1 76 GLN 76 76 76 GLN GLN B . n 
A 1 77 PHE 77 77 77 PHE PHE B . n 
A 1 78 GLU 78 78 78 GLU GLU B . n 
A 1 79 PHE 79 79 79 PHE PHE B . n 
A 1 80 TYR 80 80 80 TYR TYR B . n 
A 1 81 PHE 81 81 81 PHE PHE B . n 
A 1 82 ARG 82 82 82 ARG ARG B . n 
A 1 83 ILE 83 83 83 ILE ILE B . n 
A 1 84 GLU 84 84 84 GLU GLU B . n 
A 1 85 VAL 85 85 85 VAL VAL B . n 
A 1 86 GLU 86 86 86 GLU GLU B . n 
A 1 87 GLY 87 87 87 GLY ALA B . n 
A 1 88 GLN 88 88 ?  ?   ?   B . n 
A 1 89 ALA 89 89 ?  ?   ?   B . n 
A 1 90 LYS 90 90 ?  ?   ?   B . n 
A 1 91 TYR 91 91 ?  ?   ?   B . n 
# 
loop_
_pdbx_nonpoly_scheme.asym_id 
_pdbx_nonpoly_scheme.entity_id 
_pdbx_nonpoly_scheme.mon_id 
_pdbx_nonpoly_scheme.ndb_seq_num 
_pdbx_nonpoly_scheme.pdb_seq_num 
_pdbx_nonpoly_scheme.auth_seq_num 
_pdbx_nonpoly_scheme.pdb_mon_id 
_pdbx_nonpoly_scheme.auth_mon_id 
_pdbx_nonpoly_scheme.pdb_strand_id 
_pdbx_nonpoly_scheme.pdb_ins_code 
B 2 HOH 1   92  1   HOH HOH B . 
B 2 HOH 2   93  2   HOH HOH B . 
B 2 HOH 3   94  3   HOH HOH B . 
B 2 HOH 4   95  4   HOH HOH B . 
B 2 HOH 5   96  5   HOH HOH B . 
B 2 HOH 6   97  6   HOH HOH B . 
B 2 HOH 7   98  7   HOH HOH B . 
B 2 HOH 8   99  8   HOH HOH B . 
B 2 HOH 9   100 9   HOH HOH B . 
B 2 HOH 10  101 10  HOH HOH B . 
B 2 HOH 11  102 11  HOH HOH B . 
B 2 HOH 12  103 12  HOH HOH B . 
B 2 HOH 13  104 14  HOH HOH B . 
B 2 HOH 14  105 15  HOH HOH B . 
B 2 HOH 15  106 16  HOH HOH B . 
B 2 HOH 16  107 17  HOH HOH B . 
B 2 HOH 17  108 18  HOH HOH B . 
B 2 HOH 18  109 19  HOH HOH B . 
B 2 HOH 19  110 20  HOH HOH B . 
B 2 HOH 20  111 21  HOH HOH B . 
B 2 HOH 21  112 22  HOH HOH B . 
B 2 HOH 22  113 23  HOH HOH B . 
B 2 HOH 23  114 24  HOH HOH B . 
B 2 HOH 24  115 25  HOH HOH B . 
B 2 HOH 25  116 26  HOH HOH B . 
B 2 HOH 26  117 27  HOH HOH B . 
B 2 HOH 27  118 28  HOH HOH B . 
B 2 HOH 28  119 29  HOH HOH B . 
B 2 HOH 29  120 30  HOH HOH B . 
B 2 HOH 30  121 31  HOH HOH B . 
B 2 HOH 31  122 32  HOH HOH B . 
B 2 HOH 32  123 33  HOH HOH B . 
B 2 HOH 33  124 34  HOH HOH B . 
B 2 HOH 34  125 35  HOH HOH B . 
B 2 HOH 35  126 36  HOH HOH B . 
B 2 HOH 36  127 37  HOH HOH B . 
B 2 HOH 37  128 38  HOH HOH B . 
B 2 HOH 38  129 39  HOH HOH B . 
B 2 HOH 39  130 40  HOH HOH B . 
B 2 HOH 40  131 41  HOH HOH B . 
B 2 HOH 41  132 42  HOH HOH B . 
B 2 HOH 42  133 43  HOH HOH B . 
B 2 HOH 43  134 44  HOH HOH B . 
B 2 HOH 44  135 45  HOH HOH B . 
B 2 HOH 45  136 46  HOH HOH B . 
B 2 HOH 46  137 47  HOH HOH B . 
B 2 HOH 47  138 48  HOH HOH B . 
B 2 HOH 48  139 49  HOH HOH B . 
B 2 HOH 49  140 50  HOH HOH B . 
B 2 HOH 50  141 51  HOH HOH B . 
B 2 HOH 51  142 52  HOH HOH B . 
B 2 HOH 52  143 53  HOH HOH B . 
B 2 HOH 53  144 54  HOH HOH B . 
B 2 HOH 54  145 55  HOH HOH B . 
B 2 HOH 55  146 56  HOH HOH B . 
B 2 HOH 56  147 62  HOH HOH B . 
B 2 HOH 57  148 63  HOH HOH B . 
B 2 HOH 58  149 64  HOH HOH B . 
B 2 HOH 59  150 66  HOH HOH B . 
B 2 HOH 60  151 68  HOH HOH B . 
B 2 HOH 61  152 71  HOH HOH B . 
B 2 HOH 62  153 72  HOH HOH B . 
B 2 HOH 63  154 73  HOH HOH B . 
B 2 HOH 64  155 76  HOH HOH B . 
B 2 HOH 65  156 77  HOH HOH B . 
B 2 HOH 66  157 78  HOH HOH B . 
B 2 HOH 67  158 79  HOH HOH B . 
B 2 HOH 68  159 80  HOH HOH B . 
B 2 HOH 69  160 83  HOH HOH B . 
B 2 HOH 70  161 87  HOH HOH B . 
B 2 HOH 71  162 90  HOH HOH B . 
B 2 HOH 72  163 93  HOH HOH B . 
B 2 HOH 73  164 94  HOH HOH B . 
B 2 HOH 74  165 96  HOH HOH B . 
B 2 HOH 75  166 97  HOH HOH B . 
B 2 HOH 76  167 98  HOH HOH B . 
B 2 HOH 77  168 99  HOH HOH B . 
B 2 HOH 78  169 101 HOH HOH B . 
B 2 HOH 79  170 102 HOH HOH B . 
B 2 HOH 80  171 103 HOH HOH B . 
B 2 HOH 81  172 104 HOH HOH B . 
B 2 HOH 82  173 107 HOH HOH B . 
B 2 HOH 83  174 110 HOH HOH B . 
B 2 HOH 84  175 111 HOH HOH B . 
B 2 HOH 85  176 112 HOH HOH B . 
B 2 HOH 86  177 113 HOH HOH B . 
B 2 HOH 87  178 115 HOH HOH B . 
B 2 HOH 88  179 116 HOH HOH B . 
B 2 HOH 89  180 117 HOH HOH B . 
B 2 HOH 90  181 118 HOH HOH B . 
B 2 HOH 91  182 120 HOH HOH B . 
B 2 HOH 92  183 121 HOH HOH B . 
B 2 HOH 93  184 123 HOH HOH B . 
B 2 HOH 94  185 125 HOH HOH B . 
B 2 HOH 95  186 126 HOH HOH B . 
B 2 HOH 96  187 127 HOH HOH B . 
B 2 HOH 97  188 128 HOH HOH B . 
B 2 HOH 98  189 129 HOH HOH B . 
B 2 HOH 99  190 130 HOH HOH B . 
B 2 HOH 100 191 133 HOH HOH B . 
B 2 HOH 101 192 134 HOH HOH B . 
B 2 HOH 102 193 136 HOH HOH B . 
B 2 HOH 103 194 138 HOH HOH B . 
B 2 HOH 104 195 139 HOH HOH B . 
B 2 HOH 105 196 140 HOH HOH B . 
B 2 HOH 106 197 141 HOH HOH B . 
B 2 HOH 107 198 143 HOH HOH B . 
B 2 HOH 108 199 145 HOH HOH B . 
B 2 HOH 109 200 146 HOH HOH B . 
B 2 HOH 110 201 147 HOH HOH B . 
B 2 HOH 111 202 148 HOH HOH B . 
B 2 HOH 112 203 149 HOH HOH B . 
B 2 HOH 113 204 151 HOH HOH B . 
B 2 HOH 114 205 152 HOH HOH B . 
B 2 HOH 115 206 153 HOH HOH B . 
B 2 HOH 116 207 154 HOH HOH B . 
B 2 HOH 117 208 156 HOH HOH B . 
B 2 HOH 118 209 158 HOH HOH B . 
B 2 HOH 119 210 159 HOH HOH B . 
B 2 HOH 120 211 163 HOH HOH B . 
B 2 HOH 121 212 167 HOH HOH B . 
# 
loop_
_pdbx_unobs_or_zero_occ_atoms.id 
_pdbx_unobs_or_zero_occ_atoms.PDB_model_num 
_pdbx_unobs_or_zero_occ_atoms.polymer_flag 
_pdbx_unobs_or_zero_occ_atoms.occupancy_flag 
_pdbx_unobs_or_zero_occ_atoms.auth_asym_id 
_pdbx_unobs_or_zero_occ_atoms.auth_comp_id 
_pdbx_unobs_or_zero_occ_atoms.auth_seq_id 
_pdbx_unobs_or_zero_occ_atoms.PDB_ins_code 
_pdbx_unobs_or_zero_occ_atoms.auth_atom_id 
_pdbx_unobs_or_zero_occ_atoms.label_alt_id 
_pdbx_unobs_or_zero_occ_atoms.label_asym_id 
_pdbx_unobs_or_zero_occ_atoms.label_comp_id 
_pdbx_unobs_or_zero_occ_atoms.label_seq_id 
_pdbx_unobs_or_zero_occ_atoms.label_atom_id 
1  1 Y 1 B ILE 3  ? CG1 ? A ILE 3  CG1 
2  1 Y 1 B ILE 3  ? CG2 ? A ILE 3  CG2 
3  1 Y 1 B ILE 3  ? CD1 ? A ILE 3  CD1 
4  1 Y 1 B CYS 53 ? CB  ? A CYS 53 CB  
5  1 Y 1 B CYS 53 ? SG  ? A CYS 53 SG  
6  1 Y 1 B GLU 56 ? CB  ? A GLU 56 CB  
7  1 Y 1 B GLU 56 ? CG  ? A GLU 56 CG  
8  1 Y 1 B GLU 56 ? CD  ? A GLU 56 CD  
9  1 Y 1 B GLU 56 ? OE1 ? A GLU 56 OE1 
10 1 Y 1 B GLU 56 ? OE2 ? A GLU 56 OE2 
11 1 Y 1 B LYS 57 ? CE  ? A LYS 57 CE  
12 1 Y 1 B LYS 57 ? NZ  ? A LYS 57 NZ  
13 1 Y 1 B ARG 66 ? NH2 ? A ARG 66 NH2 
# 
loop_
_software.name 
_software.classification 
_software.version 
_software.citation_id 
_software.pdbx_ordinal 
REFMAC   refinement        5.2.0019 ? 1 
HKL-2000 'data collection' .        ? 2 
HKL-2000 'data reduction'  .        ? 3 
HKL-2000 'data scaling'    .        ? 4 
SHARP    phasing           .        ? 5 
# 
_cell.entry_id           3C0F 
_cell.length_a           49.737 
_cell.length_b           49.737 
_cell.length_c           106.462 
_cell.angle_alpha        90.00 
_cell.angle_beta         90.00 
_cell.angle_gamma        90.00 
_cell.Z_PDB              8 
_cell.pdbx_unique_axis   ? 
_cell.length_a_esd       ? 
_cell.length_b_esd       ? 
_cell.length_c_esd       ? 
_cell.angle_alpha_esd    ? 
_cell.angle_beta_esd     ? 
_cell.angle_gamma_esd    ? 
# 
_symmetry.entry_id                         3C0F 
_symmetry.space_group_name_H-M             'P 41 21 2' 
_symmetry.pdbx_full_space_group_name_H-M   ? 
_symmetry.cell_setting                     ? 
_symmetry.Int_Tables_number                92 
_symmetry.space_group_name_Hall            ? 
# 
_exptl.entry_id          3C0F 
_exptl.method            'X-RAY DIFFRACTION' 
_exptl.crystals_number   2 
# 
_exptl_crystal.id                    1 
_exptl_crystal.density_meas          ? 
_exptl_crystal.density_Matthews      3.09 
_exptl_crystal.density_percent_sol   60.19 
_exptl_crystal.description           ? 
_exptl_crystal.F_000                 ? 
_exptl_crystal.preparation           ? 
# 
_exptl_crystal_grow.crystal_id      1 
_exptl_crystal_grow.method          'VAPOR DIFFUSION, HANGING DROP' 
_exptl_crystal_grow.temp            291 
_exptl_crystal_grow.temp_details    ? 
_exptl_crystal_grow.pH              5.0 
_exptl_crystal_grow.pdbx_details    
'0.1 M sodium chloride, 0.1 M sodium acetate trihydrate, 10 % v/v MPD, pH 5.0, VAPOR DIFFUSION, HANGING DROP, temperature 291K' 
_exptl_crystal_grow.pdbx_pH_range   . 
# 
loop_
_diffrn.id 
_diffrn.ambient_temp 
_diffrn.ambient_temp_details 
_diffrn.crystal_id 
1 100 ? 1 
2 ?   ? 1 
# 
loop_
_diffrn_detector.diffrn_id 
_diffrn_detector.detector 
_diffrn_detector.type 
_diffrn_detector.pdbx_collection_date 
_diffrn_detector.details 
1 'IMAGE PLATE' 'RIGAKU RAXIS IV++' 2007-11-12 ? 
2 'IMAGE PLATE' 'RIGAKU RAXIS IV++' 2007-11-18 ? 
# 
_diffrn_radiation.diffrn_id                        1 
_diffrn_radiation.wavelength_id                    1 
_diffrn_radiation.pdbx_monochromatic_or_laue_m_l   M 
_diffrn_radiation.monochromator                    Graphite 
_diffrn_radiation.pdbx_diffrn_protocol             'SINGLE WAVELENGTH' 
_diffrn_radiation.pdbx_scattering_type             x-ray 
# 
loop_
_diffrn_radiation_wavelength.id 
_diffrn_radiation_wavelength.wavelength 
_diffrn_radiation_wavelength.wt 
1 1.5418 1.0 
2 2.29   1.0 
# 
loop_
_diffrn_source.diffrn_id 
_diffrn_source.source 
_diffrn_source.type 
_diffrn_source.pdbx_synchrotron_site 
_diffrn_source.pdbx_synchrotron_beamline 
_diffrn_source.pdbx_wavelength 
_diffrn_source.pdbx_wavelength_list 
1 'ROTATING ANODE' 'RIGAKU FR-E+ SUPERBRIGHT' ? ? 1.5418 ?    
2 'ROTATING ANODE' 'RIGAKU MICROMAX-007'      ? ? ?      2.29 
# 
_reflns.entry_id                     3C0F 
_reflns.observed_criterion_sigma_F   1.70 
_reflns.observed_criterion_sigma_I   1.74 
_reflns.d_resolution_high            1.80 
_reflns.d_resolution_low             45.08 
_reflns.number_all                   13109 
_reflns.number_obs                   11982 
_reflns.percent_possible_obs         91.4 
_reflns.pdbx_Rmerge_I_obs            0.041 
_reflns.pdbx_Rsym_value              0.042 
_reflns.pdbx_netI_over_sigmaI        46.2 
_reflns.B_iso_Wilson_estimate        26 
_reflns.pdbx_redundancy              9.2 
_reflns.R_free_details               ? 
_reflns.limit_h_max                  ? 
_reflns.limit_h_min                  ? 
_reflns.limit_k_max                  ? 
_reflns.limit_k_min                  ? 
_reflns.limit_l_max                  ? 
_reflns.limit_l_min                  ? 
_reflns.observed_criterion_F_max     ? 
_reflns.observed_criterion_F_min     ? 
_reflns.pdbx_chi_squared             ? 
_reflns.pdbx_scaling_rejects         ? 
_reflns.pdbx_ordinal                 1 
_reflns.pdbx_diffrn_id               1 
# 
_reflns_shell.d_res_high             1.80 
_reflns_shell.d_res_low              1.86 
_reflns_shell.percent_possible_all   58 
_reflns_shell.Rmerge_I_obs           0.215 
_reflns_shell.pdbx_Rsym_value        0.216 
_reflns_shell.meanI_over_sigI_obs    4.80 
_reflns_shell.pdbx_redundancy        2.5 
_reflns_shell.percent_possible_obs   ? 
_reflns_shell.number_unique_all      735 
_reflns_shell.number_measured_all    ? 
_reflns_shell.number_measured_obs    ? 
_reflns_shell.number_unique_obs      ? 
_reflns_shell.pdbx_chi_squared       ? 
_reflns_shell.pdbx_ordinal           1 
_reflns_shell.pdbx_diffrn_id         1 
# 
_refine.entry_id                                 3C0F 
_refine.ls_number_reflns_obs                     11347 
_refine.ls_number_reflns_all                     13109 
_refine.pdbx_ls_sigma_I                          1.80 
_refine.pdbx_ls_sigma_F                          1.80 
_refine.pdbx_data_cutoff_high_absF               ? 
_refine.pdbx_data_cutoff_low_absF                ? 
_refine.pdbx_data_cutoff_high_rms_absF           ? 
_refine.ls_d_res_low                             45.08 
_refine.ls_d_res_high                            1.80 
_refine.ls_percent_reflns_obs                    91.27 
_refine.ls_R_factor_obs                          0.20652 
_refine.ls_R_factor_all                          ? 
_refine.ls_R_factor_R_work                       0.20554 
_refine.ls_R_factor_R_free                       0.22647 
_refine.ls_R_factor_R_free_error                 ? 
_refine.ls_R_factor_R_free_error_details         ? 
_refine.ls_percent_reflns_R_free                 4.8 
_refine.ls_number_reflns_R_free                  575 
_refine.ls_number_parameters                     ? 
_refine.ls_number_restraints                     ? 
_refine.occupancy_min                            ? 
_refine.occupancy_max                            ? 
_refine.correlation_coeff_Fo_to_Fc               0.947 
_refine.correlation_coeff_Fo_to_Fc_free          0.940 
_refine.B_iso_mean                               19.372 
_refine.aniso_B[1][1]                            0.65 
_refine.aniso_B[2][2]                            0.65 
_refine.aniso_B[3][3]                            -1.31 
_refine.aniso_B[1][2]                            0.00 
_refine.aniso_B[1][3]                            0.00 
_refine.aniso_B[2][3]                            0.00 
_refine.solvent_model_details                    MASK 
_refine.solvent_model_param_ksol                 ? 
_refine.solvent_model_param_bsol                 ? 
_refine.pdbx_solvent_vdw_probe_radii             1.20 
_refine.pdbx_solvent_ion_probe_radii             0.80 
_refine.pdbx_solvent_shrinkage_radii             0.80 
_refine.pdbx_ls_cross_valid_method               THROUGHOUT 
_refine.details                                  'HYDROGENS HAVE BEEN ADDED IN THE RIDING POSITIONS' 
_refine.pdbx_starting_model                      ? 
_refine.pdbx_method_to_determine_struct          SAD 
_refine.pdbx_isotropic_thermal_model             isotropic 
_refine.pdbx_stereochemistry_target_values       'MAXIMUM LIKELIHOOD' 
_refine.pdbx_stereochem_target_val_spec_case     ? 
_refine.pdbx_R_Free_selection_details            RANDOM 
_refine.pdbx_overall_ESU_R                       0.122 
_refine.pdbx_overall_ESU_R_Free                  0.114 
_refine.overall_SU_ML                            0.071 
_refine.overall_SU_B                             4.362 
_refine.ls_redundancy_reflns_obs                 ? 
_refine.B_iso_min                                ? 
_refine.B_iso_max                                ? 
_refine.overall_SU_R_Cruickshank_DPI             ? 
_refine.overall_SU_R_free                        ? 
_refine.ls_wR_factor_R_free                      ? 
_refine.ls_wR_factor_R_work                      ? 
_refine.overall_FOM_free_R_set                   ? 
_refine.overall_FOM_work_R_set                   ? 
_refine.pdbx_overall_phase_error                 ? 
_refine.pdbx_refine_id                           'X-RAY DIFFRACTION' 
_refine.pdbx_TLS_residual_ADP_flag               'LIKELY RESIDUAL' 
_refine.pdbx_diffrn_id                           1 
_refine.pdbx_overall_SU_R_free_Cruickshank_DPI   ? 
_refine.pdbx_overall_SU_R_Blow_DPI               ? 
_refine.pdbx_overall_SU_R_free_Blow_DPI          ? 
# 
_refine_analyze.entry_id                        3C0F 
_refine_analyze.Luzzati_coordinate_error_obs    0.035 
_refine_analyze.Luzzati_sigma_a_obs             ? 
_refine_analyze.Luzzati_d_res_low_obs           ? 
_refine_analyze.Luzzati_coordinate_error_free   ? 
_refine_analyze.Luzzati_sigma_a_free            ? 
_refine_analyze.Luzzati_d_res_low_free          ? 
_refine_analyze.number_disordered_residues      ? 
_refine_analyze.occupancy_sum_non_hydrogen      ? 
_refine_analyze.occupancy_sum_hydrogen          ? 
_refine_analyze.pdbx_Luzzati_d_res_high_obs     ? 
_refine_analyze.pdbx_refine_id                  'X-RAY DIFFRACTION' 
# 
_refine_hist.pdbx_refine_id                   'X-RAY DIFFRACTION' 
_refine_hist.cycle_id                         LAST 
_refine_hist.pdbx_number_atoms_protein        682 
_refine_hist.pdbx_number_atoms_nucleic_acid   0 
_refine_hist.pdbx_number_atoms_ligand         0 
_refine_hist.number_atoms_solvent             121 
_refine_hist.number_atoms_total               803 
_refine_hist.d_res_high                       1.80 
_refine_hist.d_res_low                        45.08 
# 
loop_
_refine_ls_restr.type 
_refine_ls_restr.dev_ideal 
_refine_ls_restr.dev_ideal_target 
_refine_ls_restr.weight 
_refine_ls_restr.number 
_refine_ls_restr.pdbx_refine_id 
_refine_ls_restr.pdbx_restraint_function 
r_bond_refined_d         0.007  0.022  ? 699 'X-RAY DIFFRACTION' ? 
r_angle_refined_deg      1.009  1.995  ? 942 'X-RAY DIFFRACTION' ? 
r_dihedral_angle_1_deg   5.217  5.000  ? 84  'X-RAY DIFFRACTION' ? 
r_dihedral_angle_2_deg   25.942 25.000 ? 34  'X-RAY DIFFRACTION' ? 
r_dihedral_angle_3_deg   10.344 15.000 ? 101 'X-RAY DIFFRACTION' ? 
r_dihedral_angle_4_deg   15.080 15.000 ? 4   'X-RAY DIFFRACTION' ? 
r_chiral_restr           0.058  0.200  ? 102 'X-RAY DIFFRACTION' ? 
r_gen_planes_refined     0.003  0.020  ? 528 'X-RAY DIFFRACTION' ? 
r_nbd_refined            0.171  0.200  ? 290 'X-RAY DIFFRACTION' ? 
r_nbtor_refined          0.307  0.200  ? 466 'X-RAY DIFFRACTION' ? 
r_xyhbond_nbd_refined    0.064  0.200  ? 46  'X-RAY DIFFRACTION' ? 
r_symmetry_vdw_refined   0.158  0.203  ? 34  'X-RAY DIFFRACTION' ? 
r_symmetry_hbond_refined 0.073  0.200  ? 9   'X-RAY DIFFRACTION' ? 
r_mcbond_it              0.280  1.500  ? 434 'X-RAY DIFFRACTION' ? 
r_mcangle_it             0.490  2.000  ? 669 'X-RAY DIFFRACTION' ? 
r_scbond_it              0.698  3.000  ? 308 'X-RAY DIFFRACTION' ? 
r_scangle_it             1.058  4.500  ? 273 'X-RAY DIFFRACTION' ? 
# 
_refine_ls_shell.pdbx_total_number_of_bins_used   20 
_refine_ls_shell.d_res_high                       1.80 
_refine_ls_shell.d_res_low                        1.846 
_refine_ls_shell.number_reflns_R_work             484 
_refine_ls_shell.R_factor_R_work                  0.409 
_refine_ls_shell.percent_reflns_obs               53.95 
_refine_ls_shell.R_factor_R_free                  0.412 
_refine_ls_shell.R_factor_R_free_error            0.114 
_refine_ls_shell.percent_reflns_R_free            ? 
_refine_ls_shell.number_reflns_R_free             21 
_refine_ls_shell.number_reflns_all                ? 
_refine_ls_shell.R_factor_all                     ? 
_refine_ls_shell.number_reflns_obs                420 
_refine_ls_shell.redundancy_reflns_obs            ? 
_refine_ls_shell.pdbx_refine_id                   'X-RAY DIFFRACTION' 
# 
_struct.entry_id                  3C0F 
_struct.title                     
'Crystal Structure of a novel non-Pfam protein AF1514 from Archeoglobus fulgidus DSM 4304 solved by S-SAD using a Cr X-ray source' 
_struct.pdbx_model_details        ? 
_struct.pdbx_CASP_flag            N 
_struct.pdbx_model_type_details   ? 
# 
_struct_keywords.entry_id        3C0F 
_struct_keywords.pdbx_keywords   'UNKNOWN FUNCTION' 
_struct_keywords.text            'hot dog fold, sulphur SAD, methylated, UNKNOWN FUNCTION' 
# 
loop_
_struct_asym.id 
_struct_asym.pdbx_blank_PDB_chainid_flag 
_struct_asym.pdbx_modified 
_struct_asym.entity_id 
_struct_asym.details 
A N N 1 ? 
B N N 2 ? 
# 
_struct_ref.id                         1 
_struct_ref.db_name                    UNP 
_struct_ref.db_code                    Y1514_ARCFU 
_struct_ref.pdbx_db_accession          O28758 
_struct_ref.entity_id                  1 
_struct_ref.pdbx_seq_one_letter_code   
;MEIMDEIKVNLQKEVSLEEAERYAKNIASKYGDGILLSVHDSKTGYRAPEVYCCGEKPWEVYACNRGANLKISVNQFEFY
FRIEVEGQAKY
;
_struct_ref.pdbx_align_begin           1 
_struct_ref.pdbx_db_isoform            ? 
# 
_struct_ref_seq.align_id                      1 
_struct_ref_seq.ref_id                        1 
_struct_ref_seq.pdbx_PDB_id_code              3C0F 
_struct_ref_seq.pdbx_strand_id                B 
_struct_ref_seq.seq_align_beg                 1 
_struct_ref_seq.pdbx_seq_align_beg_ins_code   ? 
_struct_ref_seq.seq_align_end                 91 
_struct_ref_seq.pdbx_seq_align_end_ins_code   ? 
_struct_ref_seq.pdbx_db_accession             O28758 
_struct_ref_seq.db_align_beg                  1 
_struct_ref_seq.pdbx_db_align_beg_ins_code    ? 
_struct_ref_seq.db_align_end                  91 
_struct_ref_seq.pdbx_db_align_end_ins_code    ? 
_struct_ref_seq.pdbx_auth_seq_align_beg       1 
_struct_ref_seq.pdbx_auth_seq_align_end       91 
# 
_pdbx_struct_assembly.id                   1 
_pdbx_struct_assembly.details              author_and_software_defined_assembly 
_pdbx_struct_assembly.method_details       PISA 
_pdbx_struct_assembly.oligomeric_details   dimeric 
_pdbx_struct_assembly.oligomeric_count     2 
# 
_pdbx_struct_assembly_prop.biol_id   1 
_pdbx_struct_assembly_prop.type      'ABSA (A^2)' 
_pdbx_struct_assembly_prop.value     1390 
_pdbx_struct_assembly_prop.details   ? 
# 
_pdbx_struct_assembly_gen.assembly_id       1 
_pdbx_struct_assembly_gen.oper_expression   1,2 
_pdbx_struct_assembly_gen.asym_id_list      A,B 
# 
loop_
_pdbx_struct_oper_list.id 
_pdbx_struct_oper_list.type 
_pdbx_struct_oper_list.name 
_pdbx_struct_oper_list.symmetry_operation 
_pdbx_struct_oper_list.matrix[1][1] 
_pdbx_struct_oper_list.matrix[1][2] 
_pdbx_struct_oper_list.matrix[1][3] 
_pdbx_struct_oper_list.vector[1] 
_pdbx_struct_oper_list.matrix[2][1] 
_pdbx_struct_oper_list.matrix[2][2] 
_pdbx_struct_oper_list.matrix[2][3] 
_pdbx_struct_oper_list.vector[2] 
_pdbx_struct_oper_list.matrix[3][1] 
_pdbx_struct_oper_list.matrix[3][2] 
_pdbx_struct_oper_list.matrix[3][3] 
_pdbx_struct_oper_list.vector[3] 
1 'identity operation'         1_555 x,y,z  1.0000000000 0.0000000000  0.0000000000 0.0000000000  0.0000000000  1.0000000000  0.0000000000  0.0000000000  0.0000000000 0.0000000000  1.0000000000  0.0000000000  
2 'crystal symmetry operation' 7_555 y,x,-z 0.5749591782 -0.7648895683 0.2904580722 11.0465098295 -0.7648895683 -0.6285262121 -0.1410629257 21.0894452412 0.2904580722 -0.1410629257 -0.9464329661 -4.3610610191 
# 
_struct_biol.id        1 
_struct_biol.details   ? 
# 
loop_
_struct_conf.conf_type_id 
_struct_conf.id 
_struct_conf.pdbx_PDB_helix_id 
_struct_conf.beg_label_comp_id 
_struct_conf.beg_label_asym_id 
_struct_conf.beg_label_seq_id 
_struct_conf.pdbx_beg_PDB_ins_code 
_struct_conf.end_label_comp_id 
_struct_conf.end_label_asym_id 
_struct_conf.end_label_seq_id 
_struct_conf.pdbx_end_PDB_ins_code 
_struct_conf.beg_auth_comp_id 
_struct_conf.beg_auth_asym_id 
_struct_conf.beg_auth_seq_id 
_struct_conf.end_auth_comp_id 
_struct_conf.end_auth_asym_id 
_struct_conf.end_auth_seq_id 
_struct_conf.pdbx_PDB_helix_class 
_struct_conf.details 
_struct_conf.pdbx_PDB_helix_length 
HELX_P HELX_P1 1 SER A 16 ? SER A 29 ? SER B 16 SER B 29 1 ? 14 
HELX_P HELX_P2 2 LYS A 57 ? ARG A 66 ? LYS B 57 ARG B 66 1 ? 10 
# 
_struct_conf_type.id          HELX_P 
_struct_conf_type.criteria    ? 
_struct_conf_type.reference   ? 
# 
loop_
_struct_conn.id 
_struct_conn.conn_type_id 
_struct_conn.pdbx_leaving_atom_flag 
_struct_conn.pdbx_PDB_id 
_struct_conn.ptnr1_label_asym_id 
_struct_conn.ptnr1_label_comp_id 
_struct_conn.ptnr1_label_seq_id 
_struct_conn.ptnr1_label_atom_id 
_struct_conn.pdbx_ptnr1_label_alt_id 
_struct_conn.pdbx_ptnr1_PDB_ins_code 
_struct_conn.pdbx_ptnr1_standard_comp_id 
_struct_conn.ptnr1_symmetry 
_struct_conn.ptnr2_label_asym_id 
_struct_conn.ptnr2_label_comp_id 
_struct_conn.ptnr2_label_seq_id 
_struct_conn.ptnr2_label_atom_id 
_struct_conn.pdbx_ptnr2_label_alt_id 
_struct_conn.pdbx_ptnr2_PDB_ins_code 
_struct_conn.ptnr1_auth_asym_id 
_struct_conn.ptnr1_auth_comp_id 
_struct_conn.ptnr1_auth_seq_id 
_struct_conn.ptnr2_auth_asym_id 
_struct_conn.ptnr2_auth_comp_id 
_struct_conn.ptnr2_auth_seq_id 
_struct_conn.ptnr2_symmetry 
_struct_conn.pdbx_ptnr3_label_atom_id 
_struct_conn.pdbx_ptnr3_label_seq_id 
_struct_conn.pdbx_ptnr3_label_comp_id 
_struct_conn.pdbx_ptnr3_label_asym_id 
_struct_conn.pdbx_ptnr3_label_alt_id 
_struct_conn.pdbx_ptnr3_PDB_ins_code 
_struct_conn.details 
_struct_conn.pdbx_dist_value 
_struct_conn.pdbx_value_order 
_struct_conn.pdbx_role 
covale1  covale both ? A ILE 7  C ? ? ? 1_555 A MLY 8  N ? ? B ILE 7  B MLY 8  1_555 ? ? ? ? ? ? ? 1.329 ? ? 
covale2  covale both ? A MLY 8  C ? ? ? 1_555 A VAL 9  N ? ? B MLY 8  B VAL 9  1_555 ? ? ? ? ? ? ? 1.330 ? ? 
covale3  covale both ? A ALA 24 C ? ? ? 1_555 A MLY 25 N ? ? B ALA 24 B MLY 25 1_555 ? ? ? ? ? ? ? 1.335 ? ? 
covale4  covale both ? A MLY 25 C ? ? ? 1_555 A ASN 26 N ? ? B MLY 25 B ASN 26 1_555 ? ? ? ? ? ? ? 1.331 ? ? 
covale5  covale both ? A SER 29 C ? ? ? 1_555 A MLY 30 N ? ? B SER 29 B MLY 30 1_555 ? ? ? ? ? ? ? 1.333 ? ? 
covale6  covale both ? A MLY 30 C ? ? ? 1_555 A TYR 31 N ? ? B MLY 30 B TYR 31 1_555 ? ? ? ? ? ? ? 1.332 ? ? 
covale7  covale both ? A SER 42 C ? ? ? 1_555 A MLY 43 N ? ? B SER 42 B MLY 43 1_555 ? ? ? ? ? ? ? 1.331 ? ? 
covale8  covale both ? A MLY 43 C ? ? ? 1_555 A THR 44 N ? ? B MLY 43 B THR 44 1_555 ? ? ? ? ? ? ? 1.333 ? ? 
covale9  covale both ? A LEU 70 C ? ? ? 1_555 A MLY 71 N ? ? B LEU 70 B MLY 71 1_555 ? ? ? ? ? ? ? 1.329 ? ? 
covale10 covale both ? A MLY 71 C ? ? ? 1_555 A ILE 72 N ? ? B MLY 71 B ILE 72 1_555 ? ? ? ? ? ? ? 1.331 ? ? 
# 
_struct_conn_type.id          covale 
_struct_conn_type.criteria    ? 
_struct_conn_type.reference   ? 
# 
loop_
_pdbx_modification_feature.ordinal 
_pdbx_modification_feature.label_comp_id 
_pdbx_modification_feature.label_asym_id 
_pdbx_modification_feature.label_seq_id 
_pdbx_modification_feature.label_alt_id 
_pdbx_modification_feature.modified_residue_label_comp_id 
_pdbx_modification_feature.modified_residue_label_asym_id 
_pdbx_modification_feature.modified_residue_label_seq_id 
_pdbx_modification_feature.modified_residue_label_alt_id 
_pdbx_modification_feature.auth_comp_id 
_pdbx_modification_feature.auth_asym_id 
_pdbx_modification_feature.auth_seq_id 
_pdbx_modification_feature.PDB_ins_code 
_pdbx_modification_feature.symmetry 
_pdbx_modification_feature.modified_residue_auth_comp_id 
_pdbx_modification_feature.modified_residue_auth_asym_id 
_pdbx_modification_feature.modified_residue_auth_seq_id 
_pdbx_modification_feature.modified_residue_PDB_ins_code 
_pdbx_modification_feature.modified_residue_symmetry 
_pdbx_modification_feature.comp_id_linking_atom 
_pdbx_modification_feature.modified_residue_id_linking_atom 
_pdbx_modification_feature.modified_residue_id 
_pdbx_modification_feature.ref_pcm_id 
_pdbx_modification_feature.ref_comp_id 
_pdbx_modification_feature.type 
_pdbx_modification_feature.category 
1 MLY A 8  ? . . . . MLY B 8  ? 1_555 . . . . . . . LYS 1 MLY Methylation 'Named protein modification' 
2 MLY A 25 ? . . . . MLY B 25 ? 1_555 . . . . . . . LYS 1 MLY Methylation 'Named protein modification' 
3 MLY A 30 ? . . . . MLY B 30 ? 1_555 . . . . . . . LYS 1 MLY Methylation 'Named protein modification' 
4 MLY A 43 ? . . . . MLY B 43 ? 1_555 . . . . . . . LYS 1 MLY Methylation 'Named protein modification' 
5 MLY A 71 ? . . . . MLY B 71 ? 1_555 . . . . . . . LYS 1 MLY Methylation 'Named protein modification' 
# 
loop_
_struct_mon_prot_cis.pdbx_id 
_struct_mon_prot_cis.label_comp_id 
_struct_mon_prot_cis.label_seq_id 
_struct_mon_prot_cis.label_asym_id 
_struct_mon_prot_cis.label_alt_id 
_struct_mon_prot_cis.pdbx_PDB_ins_code 
_struct_mon_prot_cis.auth_comp_id 
_struct_mon_prot_cis.auth_seq_id 
_struct_mon_prot_cis.auth_asym_id 
_struct_mon_prot_cis.pdbx_label_comp_id_2 
_struct_mon_prot_cis.pdbx_label_seq_id_2 
_struct_mon_prot_cis.pdbx_label_asym_id_2 
_struct_mon_prot_cis.pdbx_PDB_ins_code_2 
_struct_mon_prot_cis.pdbx_auth_comp_id_2 
_struct_mon_prot_cis.pdbx_auth_seq_id_2 
_struct_mon_prot_cis.pdbx_auth_asym_id_2 
_struct_mon_prot_cis.pdbx_PDB_model_num 
_struct_mon_prot_cis.pdbx_omega_angle 
1 ALA 48 A . ? ALA 48 B PRO 49 A ? PRO 49 B 1 2.09  
2 CYS 54 A . ? CYS 54 B GLY 55 A ? GLY 55 B 1 -7.77 
# 
_struct_sheet.id               A 
_struct_sheet.type             ? 
_struct_sheet.number_strands   5 
_struct_sheet.details          ? 
# 
loop_
_struct_sheet_order.sheet_id 
_struct_sheet_order.range_id_1 
_struct_sheet_order.range_id_2 
_struct_sheet_order.offset 
_struct_sheet_order.sense 
A 1 2 ? parallel      
A 2 3 ? anti-parallel 
A 3 4 ? anti-parallel 
A 4 5 ? anti-parallel 
# 
loop_
_struct_sheet_range.sheet_id 
_struct_sheet_range.id 
_struct_sheet_range.beg_label_comp_id 
_struct_sheet_range.beg_label_asym_id 
_struct_sheet_range.beg_label_seq_id 
_struct_sheet_range.pdbx_beg_PDB_ins_code 
_struct_sheet_range.end_label_comp_id 
_struct_sheet_range.end_label_asym_id 
_struct_sheet_range.end_label_seq_id 
_struct_sheet_range.pdbx_end_PDB_ins_code 
_struct_sheet_range.beg_auth_comp_id 
_struct_sheet_range.beg_auth_asym_id 
_struct_sheet_range.beg_auth_seq_id 
_struct_sheet_range.end_auth_comp_id 
_struct_sheet_range.end_auth_asym_id 
_struct_sheet_range.end_auth_seq_id 
A 1 ASP A 5  ? VAL A 9  ? ASP B 5  VAL B 9  
A 2 LEU A 70 ? VAL A 74 ? LEU B 70 VAL B 74 
A 3 PHE A 77 ? GLU A 84 ? PHE B 77 GLU B 84 
A 4 ASP A 33 ? ASP A 41 ? ASP B 33 ASP B 41 
A 5 ARG A 47 ? ALA A 48 ? ARG B 47 ALA B 48 
# 
loop_
_pdbx_struct_sheet_hbond.sheet_id 
_pdbx_struct_sheet_hbond.range_id_1 
_pdbx_struct_sheet_hbond.range_id_2 
_pdbx_struct_sheet_hbond.range_1_label_atom_id 
_pdbx_struct_sheet_hbond.range_1_label_comp_id 
_pdbx_struct_sheet_hbond.range_1_label_asym_id 
_pdbx_struct_sheet_hbond.range_1_label_seq_id 
_pdbx_struct_sheet_hbond.range_1_PDB_ins_code 
_pdbx_struct_sheet_hbond.range_1_auth_atom_id 
_pdbx_struct_sheet_hbond.range_1_auth_comp_id 
_pdbx_struct_sheet_hbond.range_1_auth_asym_id 
_pdbx_struct_sheet_hbond.range_1_auth_seq_id 
_pdbx_struct_sheet_hbond.range_2_label_atom_id 
_pdbx_struct_sheet_hbond.range_2_label_comp_id 
_pdbx_struct_sheet_hbond.range_2_label_asym_id 
_pdbx_struct_sheet_hbond.range_2_label_seq_id 
_pdbx_struct_sheet_hbond.range_2_PDB_ins_code 
_pdbx_struct_sheet_hbond.range_2_auth_atom_id 
_pdbx_struct_sheet_hbond.range_2_auth_comp_id 
_pdbx_struct_sheet_hbond.range_2_auth_asym_id 
_pdbx_struct_sheet_hbond.range_2_auth_seq_id 
A 1 2 N VAL A 9  ? N VAL B 9  O SER A 73 ? O SER B 73 
A 2 3 N LEU A 70 ? N LEU B 70 O PHE A 81 ? O PHE B 81 
A 3 4 O GLU A 84 ? O GLU B 84 N ASP A 33 ? N ASP B 33 
A 4 5 N VAL A 39 ? N VAL B 39 O ALA A 48 ? O ALA B 48 
# 
_pdbx_entry_details.entry_id                   3C0F 
_pdbx_entry_details.compound_details           ? 
_pdbx_entry_details.source_details             ? 
_pdbx_entry_details.nonpolymer_details         ? 
_pdbx_entry_details.sequence_details           ? 
_pdbx_entry_details.has_ligand_of_interest     ? 
_pdbx_entry_details.has_protein_modification   Y 
# 
loop_
_pdbx_validate_close_contact.id 
_pdbx_validate_close_contact.PDB_model_num 
_pdbx_validate_close_contact.auth_atom_id_1 
_pdbx_validate_close_contact.auth_asym_id_1 
_pdbx_validate_close_contact.auth_comp_id_1 
_pdbx_validate_close_contact.auth_seq_id_1 
_pdbx_validate_close_contact.PDB_ins_code_1 
_pdbx_validate_close_contact.label_alt_id_1 
_pdbx_validate_close_contact.auth_atom_id_2 
_pdbx_validate_close_contact.auth_asym_id_2 
_pdbx_validate_close_contact.auth_comp_id_2 
_pdbx_validate_close_contact.auth_seq_id_2 
_pdbx_validate_close_contact.PDB_ins_code_2 
_pdbx_validate_close_contact.label_alt_id_2 
_pdbx_validate_close_contact.dist 
1 1 CH1 B MLY 71  ? ? O B HOH 179 ? ? 1.71 
2 1 OE2 B GLU 6   ? ? O B HOH 148 ? ? 2.04 
3 1 OD1 B ASN 10  ? ? O B HOH 210 ? ? 2.09 
4 1 O   B HOH 196 ? ? O B HOH 198 ? ? 2.09 
5 1 O   B HOH 166 ? ? O B HOH 190 ? ? 2.17 
# 
loop_
_pdbx_validate_symm_contact.id 
_pdbx_validate_symm_contact.PDB_model_num 
_pdbx_validate_symm_contact.auth_atom_id_1 
_pdbx_validate_symm_contact.auth_asym_id_1 
_pdbx_validate_symm_contact.auth_comp_id_1 
_pdbx_validate_symm_contact.auth_seq_id_1 
_pdbx_validate_symm_contact.PDB_ins_code_1 
_pdbx_validate_symm_contact.label_alt_id_1 
_pdbx_validate_symm_contact.site_symmetry_1 
_pdbx_validate_symm_contact.auth_atom_id_2 
_pdbx_validate_symm_contact.auth_asym_id_2 
_pdbx_validate_symm_contact.auth_comp_id_2 
_pdbx_validate_symm_contact.auth_seq_id_2 
_pdbx_validate_symm_contact.PDB_ins_code_2 
_pdbx_validate_symm_contact.label_alt_id_2 
_pdbx_validate_symm_contact.site_symmetry_2 
_pdbx_validate_symm_contact.dist 
1 1 O B HOH 201 ? ? 1_555 O B HOH 202 ? ? 8_664 1.19 
2 1 O B HOH 133 ? ? 1_555 O B HOH 208 ? ? 7_555 2.01 
# 
loop_
_pdbx_validate_torsion.id 
_pdbx_validate_torsion.PDB_model_num 
_pdbx_validate_torsion.auth_comp_id 
_pdbx_validate_torsion.auth_asym_id 
_pdbx_validate_torsion.auth_seq_id 
_pdbx_validate_torsion.PDB_ins_code 
_pdbx_validate_torsion.label_alt_id 
_pdbx_validate_torsion.phi 
_pdbx_validate_torsion.psi 
1 1 CYS B 54 ? ? -160.33 47.45   
2 1 ASN B 75 ? ? 44.25   -118.39 
# 
loop_
_pdbx_struct_mod_residue.id 
_pdbx_struct_mod_residue.label_asym_id 
_pdbx_struct_mod_residue.label_comp_id 
_pdbx_struct_mod_residue.label_seq_id 
_pdbx_struct_mod_residue.auth_asym_id 
_pdbx_struct_mod_residue.auth_comp_id 
_pdbx_struct_mod_residue.auth_seq_id 
_pdbx_struct_mod_residue.PDB_ins_code 
_pdbx_struct_mod_residue.parent_comp_id 
_pdbx_struct_mod_residue.details 
1 A MLY 8  B MLY 8  ? LYS N-DIMETHYL-LYSINE 
2 A MLY 25 B MLY 25 ? LYS N-DIMETHYL-LYSINE 
3 A MLY 30 B MLY 30 ? LYS N-DIMETHYL-LYSINE 
4 A MLY 43 B MLY 43 ? LYS N-DIMETHYL-LYSINE 
5 A MLY 71 B MLY 71 ? LYS N-DIMETHYL-LYSINE 
# 
loop_
_pdbx_refine_tls.id 
_pdbx_refine_tls.details 
_pdbx_refine_tls.method 
_pdbx_refine_tls.origin_x 
_pdbx_refine_tls.origin_y 
_pdbx_refine_tls.origin_z 
_pdbx_refine_tls.T[1][1] 
_pdbx_refine_tls.T[2][2] 
_pdbx_refine_tls.T[3][3] 
_pdbx_refine_tls.T[1][2] 
_pdbx_refine_tls.T[1][3] 
_pdbx_refine_tls.T[2][3] 
_pdbx_refine_tls.L[1][1] 
_pdbx_refine_tls.L[2][2] 
_pdbx_refine_tls.L[3][3] 
_pdbx_refine_tls.L[1][2] 
_pdbx_refine_tls.L[1][3] 
_pdbx_refine_tls.L[2][3] 
_pdbx_refine_tls.S[1][1] 
_pdbx_refine_tls.S[1][2] 
_pdbx_refine_tls.S[1][3] 
_pdbx_refine_tls.S[2][1] 
_pdbx_refine_tls.S[2][2] 
_pdbx_refine_tls.S[2][3] 
_pdbx_refine_tls.S[3][1] 
_pdbx_refine_tls.S[3][2] 
_pdbx_refine_tls.S[3][3] 
_pdbx_refine_tls.pdbx_refine_id 
1 ? refined 1.7274   8.9840  -3.5948  0.0127  -0.0029 0.0957  -0.0367 -0.0469 0.0379  2.4043  4.6492  31.1628 0.8031  -3.0238 -1.9411 -0.0629 0.1935  0.1273  -0.0598 0.1127  0.2636  -0.2078 -0.6958 -0.0499 'X-RAY DIFFRACTION' 
2 ? refined 3.7712   -1.5596 -12.2930 0.0608  0.0085  -0.0116 -0.0791 0.0026  -0.0102 14.9331 10.1018 26.3117 0.8080  10.4013 -7.4935 -0.1912 0.7176  -0.2521 -0.8007 0.1174  -0.3208 -0.2593 0.6749  0.0737  'X-RAY DIFFRACTION' 
3 ? refined 9.2676   0.1993  -3.4692  -0.0029 0.0396  0.0463  -0.0220 -0.0060 0.0315  10.3842 7.6485  10.5877 3.3341  5.9487  4.3061  -0.1239 0.5522  -0.0792 -0.2603 0.1950  -0.1956 0.2032  0.3538  -0.0711 'X-RAY DIFFRACTION' 
4 ? refined -0.9243  -2.8686 -1.4788  0.0460  0.0417  0.0531  -0.0174 -0.0075 0.0309  2.8470  2.0895  2.0574  1.2079  1.9680  0.9116  -0.0083 0.1582  0.0831  0.0109  -0.0115 0.0862  0.0085  0.0486  0.0198  'X-RAY DIFFRACTION' 
5 ? refined -14.0925 -6.0197 0.8680   0.0965  0.0835  0.1911  -0.0555 0.0187  -0.0038 8.3199  32.5152 10.9041 -1.7424 5.8408  12.0764 0.3104  -0.6940 -0.1452 -0.0554 -0.5260 2.7185  0.3373  -1.2560 0.2156  'X-RAY DIFFRACTION' 
6 ? refined -7.8172  -2.7793 4.8676   0.0038  -0.0254 0.0382  -0.0264 0.0440  0.0009  13.4998 2.5059  14.5591 1.5197  5.8219  -0.3938 0.0759  -0.2297 0.2231  0.2607  -0.2042 0.4157  -0.4245 -0.2955 0.1283  'X-RAY DIFFRACTION' 
7 ? refined -0.4630  1.6289  4.8654   -0.0012 0.0294  0.0666  -0.0148 -0.0097 0.0191  1.5548  3.1692  9.4738  0.7227  -0.4702 -1.5055 0.0911  -0.0518 -0.0897 0.1983  0.1126  0.2995  -0.1840 -0.3541 -0.2037 'X-RAY DIFFRACTION' 
8 ? refined 3.4809   0.2325  3.0266   0.0549  0.0144  0.0604  -0.0298 -0.0112 0.0059  3.3334  2.1582  5.8648  -0.3390 2.5519  -1.5518 0.0058  -0.1021 -0.0833 0.0968  0.0803  0.0257  -0.0551 0.0613  -0.0861 'X-RAY DIFFRACTION' 
# 
loop_
_pdbx_refine_tls_group.id 
_pdbx_refine_tls_group.refine_tls_id 
_pdbx_refine_tls_group.beg_auth_asym_id 
_pdbx_refine_tls_group.beg_auth_seq_id 
_pdbx_refine_tls_group.beg_label_asym_id 
_pdbx_refine_tls_group.beg_label_seq_id 
_pdbx_refine_tls_group.end_auth_asym_id 
_pdbx_refine_tls_group.end_auth_seq_id 
_pdbx_refine_tls_group.end_label_asym_id 
_pdbx_refine_tls_group.end_label_seq_id 
_pdbx_refine_tls_group.selection 
_pdbx_refine_tls_group.pdbx_refine_id 
_pdbx_refine_tls_group.selection_details 
1 1 B 3  A 3  B 13 A 13 ? 'X-RAY DIFFRACTION' ? 
2 2 B 14 A 14 B 20 A 20 ? 'X-RAY DIFFRACTION' ? 
3 3 B 21 A 21 B 29 A 29 ? 'X-RAY DIFFRACTION' ? 
4 4 B 30 A 30 B 50 A 50 ? 'X-RAY DIFFRACTION' ? 
5 5 B 51 A 51 B 57 A 57 ? 'X-RAY DIFFRACTION' ? 
6 6 B 58 A 58 B 64 A 64 ? 'X-RAY DIFFRACTION' ? 
7 7 B 65 A 65 B 74 A 74 ? 'X-RAY DIFFRACTION' ? 
8 8 B 75 A 75 B 87 A 87 ? 'X-RAY DIFFRACTION' ? 
# 
loop_
_pdbx_unobs_or_zero_occ_residues.id 
_pdbx_unobs_or_zero_occ_residues.PDB_model_num 
_pdbx_unobs_or_zero_occ_residues.polymer_flag 
_pdbx_unobs_or_zero_occ_residues.occupancy_flag 
_pdbx_unobs_or_zero_occ_residues.auth_asym_id 
_pdbx_unobs_or_zero_occ_residues.auth_comp_id 
_pdbx_unobs_or_zero_occ_residues.auth_seq_id 
_pdbx_unobs_or_zero_occ_residues.PDB_ins_code 
_pdbx_unobs_or_zero_occ_residues.label_asym_id 
_pdbx_unobs_or_zero_occ_residues.label_comp_id 
_pdbx_unobs_or_zero_occ_residues.label_seq_id 
1 1 Y 1 B MET 1  ? A MET 1  
2 1 Y 1 B GLU 2  ? A GLU 2  
3 1 Y 1 B GLN 88 ? A GLN 88 
4 1 Y 1 B ALA 89 ? A ALA 89 
5 1 Y 1 B LYS 90 ? A LYS 90 
6 1 Y 1 B TYR 91 ? A TYR 91 
# 
loop_
_chem_comp_atom.comp_id 
_chem_comp_atom.atom_id 
_chem_comp_atom.type_symbol 
_chem_comp_atom.pdbx_aromatic_flag 
_chem_comp_atom.pdbx_stereo_config 
_chem_comp_atom.pdbx_ordinal 
ALA N    N N N 1   
ALA CA   C N S 2   
ALA C    C N N 3   
ALA O    O N N 4   
ALA CB   C N N 5   
ALA OXT  O N N 6   
ALA H    H N N 7   
ALA H2   H N N 8   
ALA HA   H N N 9   
ALA HB1  H N N 10  
ALA HB2  H N N 11  
ALA HB3  H N N 12  
ALA HXT  H N N 13  
ARG N    N N N 14  
ARG CA   C N S 15  
ARG C    C N N 16  
ARG O    O N N 17  
ARG CB   C N N 18  
ARG CG   C N N 19  
ARG CD   C N N 20  
ARG NE   N N N 21  
ARG CZ   C N N 22  
ARG NH1  N N N 23  
ARG NH2  N N N 24  
ARG OXT  O N N 25  
ARG H    H N N 26  
ARG H2   H N N 27  
ARG HA   H N N 28  
ARG HB2  H N N 29  
ARG HB3  H N N 30  
ARG HG2  H N N 31  
ARG HG3  H N N 32  
ARG HD2  H N N 33  
ARG HD3  H N N 34  
ARG HE   H N N 35  
ARG HH11 H N N 36  
ARG HH12 H N N 37  
ARG HH21 H N N 38  
ARG HH22 H N N 39  
ARG HXT  H N N 40  
ASN N    N N N 41  
ASN CA   C N S 42  
ASN C    C N N 43  
ASN O    O N N 44  
ASN CB   C N N 45  
ASN CG   C N N 46  
ASN OD1  O N N 47  
ASN ND2  N N N 48  
ASN OXT  O N N 49  
ASN H    H N N 50  
ASN H2   H N N 51  
ASN HA   H N N 52  
ASN HB2  H N N 53  
ASN HB3  H N N 54  
ASN HD21 H N N 55  
ASN HD22 H N N 56  
ASN HXT  H N N 57  
ASP N    N N N 58  
ASP CA   C N S 59  
ASP C    C N N 60  
ASP O    O N N 61  
ASP CB   C N N 62  
ASP CG   C N N 63  
ASP OD1  O N N 64  
ASP OD2  O N N 65  
ASP OXT  O N N 66  
ASP H    H N N 67  
ASP H2   H N N 68  
ASP HA   H N N 69  
ASP HB2  H N N 70  
ASP HB3  H N N 71  
ASP HD2  H N N 72  
ASP HXT  H N N 73  
CYS N    N N N 74  
CYS CA   C N R 75  
CYS C    C N N 76  
CYS O    O N N 77  
CYS CB   C N N 78  
CYS SG   S N N 79  
CYS OXT  O N N 80  
CYS H    H N N 81  
CYS H2   H N N 82  
CYS HA   H N N 83  
CYS HB2  H N N 84  
CYS HB3  H N N 85  
CYS HG   H N N 86  
CYS HXT  H N N 87  
GLN N    N N N 88  
GLN CA   C N S 89  
GLN C    C N N 90  
GLN O    O N N 91  
GLN CB   C N N 92  
GLN CG   C N N 93  
GLN CD   C N N 94  
GLN OE1  O N N 95  
GLN NE2  N N N 96  
GLN OXT  O N N 97  
GLN H    H N N 98  
GLN H2   H N N 99  
GLN HA   H N N 100 
GLN HB2  H N N 101 
GLN HB3  H N N 102 
GLN HG2  H N N 103 
GLN HG3  H N N 104 
GLN HE21 H N N 105 
GLN HE22 H N N 106 
GLN HXT  H N N 107 
GLU N    N N N 108 
GLU CA   C N S 109 
GLU C    C N N 110 
GLU O    O N N 111 
GLU CB   C N N 112 
GLU CG   C N N 113 
GLU CD   C N N 114 
GLU OE1  O N N 115 
GLU OE2  O N N 116 
GLU OXT  O N N 117 
GLU H    H N N 118 
GLU H2   H N N 119 
GLU HA   H N N 120 
GLU HB2  H N N 121 
GLU HB3  H N N 122 
GLU HG2  H N N 123 
GLU HG3  H N N 124 
GLU HE2  H N N 125 
GLU HXT  H N N 126 
GLY N    N N N 127 
GLY CA   C N N 128 
GLY C    C N N 129 
GLY O    O N N 130 
GLY OXT  O N N 131 
GLY H    H N N 132 
GLY H2   H N N 133 
GLY HA2  H N N 134 
GLY HA3  H N N 135 
GLY HXT  H N N 136 
HIS N    N N N 137 
HIS CA   C N S 138 
HIS C    C N N 139 
HIS O    O N N 140 
HIS CB   C N N 141 
HIS CG   C Y N 142 
HIS ND1  N Y N 143 
HIS CD2  C Y N 144 
HIS CE1  C Y N 145 
HIS NE2  N Y N 146 
HIS OXT  O N N 147 
HIS H    H N N 148 
HIS H2   H N N 149 
HIS HA   H N N 150 
HIS HB2  H N N 151 
HIS HB3  H N N 152 
HIS HD1  H N N 153 
HIS HD2  H N N 154 
HIS HE1  H N N 155 
HIS HE2  H N N 156 
HIS HXT  H N N 157 
HOH O    O N N 158 
HOH H1   H N N 159 
HOH H2   H N N 160 
ILE N    N N N 161 
ILE CA   C N S 162 
ILE C    C N N 163 
ILE O    O N N 164 
ILE CB   C N S 165 
ILE CG1  C N N 166 
ILE CG2  C N N 167 
ILE CD1  C N N 168 
ILE OXT  O N N 169 
ILE H    H N N 170 
ILE H2   H N N 171 
ILE HA   H N N 172 
ILE HB   H N N 173 
ILE HG12 H N N 174 
ILE HG13 H N N 175 
ILE HG21 H N N 176 
ILE HG22 H N N 177 
ILE HG23 H N N 178 
ILE HD11 H N N 179 
ILE HD12 H N N 180 
ILE HD13 H N N 181 
ILE HXT  H N N 182 
LEU N    N N N 183 
LEU CA   C N S 184 
LEU C    C N N 185 
LEU O    O N N 186 
LEU CB   C N N 187 
LEU CG   C N N 188 
LEU CD1  C N N 189 
LEU CD2  C N N 190 
LEU OXT  O N N 191 
LEU H    H N N 192 
LEU H2   H N N 193 
LEU HA   H N N 194 
LEU HB2  H N N 195 
LEU HB3  H N N 196 
LEU HG   H N N 197 
LEU HD11 H N N 198 
LEU HD12 H N N 199 
LEU HD13 H N N 200 
LEU HD21 H N N 201 
LEU HD22 H N N 202 
LEU HD23 H N N 203 
LEU HXT  H N N 204 
LYS N    N N N 205 
LYS CA   C N S 206 
LYS C    C N N 207 
LYS O    O N N 208 
LYS CB   C N N 209 
LYS CG   C N N 210 
LYS CD   C N N 211 
LYS CE   C N N 212 
LYS NZ   N N N 213 
LYS OXT  O N N 214 
LYS H    H N N 215 
LYS H2   H N N 216 
LYS HA   H N N 217 
LYS HB2  H N N 218 
LYS HB3  H N N 219 
LYS HG2  H N N 220 
LYS HG3  H N N 221 
LYS HD2  H N N 222 
LYS HD3  H N N 223 
LYS HE2  H N N 224 
LYS HE3  H N N 225 
LYS HZ1  H N N 226 
LYS HZ2  H N N 227 
LYS HZ3  H N N 228 
LYS HXT  H N N 229 
MET N    N N N 230 
MET CA   C N S 231 
MET C    C N N 232 
MET O    O N N 233 
MET CB   C N N 234 
MET CG   C N N 235 
MET SD   S N N 236 
MET CE   C N N 237 
MET OXT  O N N 238 
MET H    H N N 239 
MET H2   H N N 240 
MET HA   H N N 241 
MET HB2  H N N 242 
MET HB3  H N N 243 
MET HG2  H N N 244 
MET HG3  H N N 245 
MET HE1  H N N 246 
MET HE2  H N N 247 
MET HE3  H N N 248 
MET HXT  H N N 249 
MLY N    N N N 250 
MLY CA   C N S 251 
MLY CB   C N N 252 
MLY CG   C N N 253 
MLY CD   C N N 254 
MLY CE   C N N 255 
MLY NZ   N N N 256 
MLY CH1  C N N 257 
MLY CH2  C N N 258 
MLY C    C N N 259 
MLY O    O N N 260 
MLY OXT  O N N 261 
MLY H    H N N 262 
MLY H2   H N N 263 
MLY HA   H N N 264 
MLY HB2  H N N 265 
MLY HB3  H N N 266 
MLY HG2  H N N 267 
MLY HG3  H N N 268 
MLY HD2  H N N 269 
MLY HD3  H N N 270 
MLY HE2  H N N 271 
MLY HE3  H N N 272 
MLY HH11 H N N 273 
MLY HH12 H N N 274 
MLY HH13 H N N 275 
MLY HH21 H N N 276 
MLY HH22 H N N 277 
MLY HH23 H N N 278 
MLY HXT  H N N 279 
PHE N    N N N 280 
PHE CA   C N S 281 
PHE C    C N N 282 
PHE O    O N N 283 
PHE CB   C N N 284 
PHE CG   C Y N 285 
PHE CD1  C Y N 286 
PHE CD2  C Y N 287 
PHE CE1  C Y N 288 
PHE CE2  C Y N 289 
PHE CZ   C Y N 290 
PHE OXT  O N N 291 
PHE H    H N N 292 
PHE H2   H N N 293 
PHE HA   H N N 294 
PHE HB2  H N N 295 
PHE HB3  H N N 296 
PHE HD1  H N N 297 
PHE HD2  H N N 298 
PHE HE1  H N N 299 
PHE HE2  H N N 300 
PHE HZ   H N N 301 
PHE HXT  H N N 302 
PRO N    N N N 303 
PRO CA   C N S 304 
PRO C    C N N 305 
PRO O    O N N 306 
PRO CB   C N N 307 
PRO CG   C N N 308 
PRO CD   C N N 309 
PRO OXT  O N N 310 
PRO H    H N N 311 
PRO HA   H N N 312 
PRO HB2  H N N 313 
PRO HB3  H N N 314 
PRO HG2  H N N 315 
PRO HG3  H N N 316 
PRO HD2  H N N 317 
PRO HD3  H N N 318 
PRO HXT  H N N 319 
SER N    N N N 320 
SER CA   C N S 321 
SER C    C N N 322 
SER O    O N N 323 
SER CB   C N N 324 
SER OG   O N N 325 
SER OXT  O N N 326 
SER H    H N N 327 
SER H2   H N N 328 
SER HA   H N N 329 
SER HB2  H N N 330 
SER HB3  H N N 331 
SER HG   H N N 332 
SER HXT  H N N 333 
THR N    N N N 334 
THR CA   C N S 335 
THR C    C N N 336 
THR O    O N N 337 
THR CB   C N R 338 
THR OG1  O N N 339 
THR CG2  C N N 340 
THR OXT  O N N 341 
THR H    H N N 342 
THR H2   H N N 343 
THR HA   H N N 344 
THR HB   H N N 345 
THR HG1  H N N 346 
THR HG21 H N N 347 
THR HG22 H N N 348 
THR HG23 H N N 349 
THR HXT  H N N 350 
TRP N    N N N 351 
TRP CA   C N S 352 
TRP C    C N N 353 
TRP O    O N N 354 
TRP CB   C N N 355 
TRP CG   C Y N 356 
TRP CD1  C Y N 357 
TRP CD2  C Y N 358 
TRP NE1  N Y N 359 
TRP CE2  C Y N 360 
TRP CE3  C Y N 361 
TRP CZ2  C Y N 362 
TRP CZ3  C Y N 363 
TRP CH2  C Y N 364 
TRP OXT  O N N 365 
TRP H    H N N 366 
TRP H2   H N N 367 
TRP HA   H N N 368 
TRP HB2  H N N 369 
TRP HB3  H N N 370 
TRP HD1  H N N 371 
TRP HE1  H N N 372 
TRP HE3  H N N 373 
TRP HZ2  H N N 374 
TRP HZ3  H N N 375 
TRP HH2  H N N 376 
TRP HXT  H N N 377 
TYR N    N N N 378 
TYR CA   C N S 379 
TYR C    C N N 380 
TYR O    O N N 381 
TYR CB   C N N 382 
TYR CG   C Y N 383 
TYR CD1  C Y N 384 
TYR CD2  C Y N 385 
TYR CE1  C Y N 386 
TYR CE2  C Y N 387 
TYR CZ   C Y N 388 
TYR OH   O N N 389 
TYR OXT  O N N 390 
TYR H    H N N 391 
TYR H2   H N N 392 
TYR HA   H N N 393 
TYR HB2  H N N 394 
TYR HB3  H N N 395 
TYR HD1  H N N 396 
TYR HD2  H N N 397 
TYR HE1  H N N 398 
TYR HE2  H N N 399 
TYR HH   H N N 400 
TYR HXT  H N N 401 
VAL N    N N N 402 
VAL CA   C N S 403 
VAL C    C N N 404 
VAL O    O N N 405 
VAL CB   C N N 406 
VAL CG1  C N N 407 
VAL CG2  C N N 408 
VAL OXT  O N N 409 
VAL H    H N N 410 
VAL H2   H N N 411 
VAL HA   H N N 412 
VAL HB   H N N 413 
VAL HG11 H N N 414 
VAL HG12 H N N 415 
VAL HG13 H N N 416 
VAL HG21 H N N 417 
VAL HG22 H N N 418 
VAL HG23 H N N 419 
VAL HXT  H N N 420 
# 
loop_
_chem_comp_bond.comp_id 
_chem_comp_bond.atom_id_1 
_chem_comp_bond.atom_id_2 
_chem_comp_bond.value_order 
_chem_comp_bond.pdbx_aromatic_flag 
_chem_comp_bond.pdbx_stereo_config 
_chem_comp_bond.pdbx_ordinal 
ALA N   CA   sing N N 1   
ALA N   H    sing N N 2   
ALA N   H2   sing N N 3   
ALA CA  C    sing N N 4   
ALA CA  CB   sing N N 5   
ALA CA  HA   sing N N 6   
ALA C   O    doub N N 7   
ALA C   OXT  sing N N 8   
ALA CB  HB1  sing N N 9   
ALA CB  HB2  sing N N 10  
ALA CB  HB3  sing N N 11  
ALA OXT HXT  sing N N 12  
ARG N   CA   sing N N 13  
ARG N   H    sing N N 14  
ARG N   H2   sing N N 15  
ARG CA  C    sing N N 16  
ARG CA  CB   sing N N 17  
ARG CA  HA   sing N N 18  
ARG C   O    doub N N 19  
ARG C   OXT  sing N N 20  
ARG CB  CG   sing N N 21  
ARG CB  HB2  sing N N 22  
ARG CB  HB3  sing N N 23  
ARG CG  CD   sing N N 24  
ARG CG  HG2  sing N N 25  
ARG CG  HG3  sing N N 26  
ARG CD  NE   sing N N 27  
ARG CD  HD2  sing N N 28  
ARG CD  HD3  sing N N 29  
ARG NE  CZ   sing N N 30  
ARG NE  HE   sing N N 31  
ARG CZ  NH1  sing N N 32  
ARG CZ  NH2  doub N N 33  
ARG NH1 HH11 sing N N 34  
ARG NH1 HH12 sing N N 35  
ARG NH2 HH21 sing N N 36  
ARG NH2 HH22 sing N N 37  
ARG OXT HXT  sing N N 38  
ASN N   CA   sing N N 39  
ASN N   H    sing N N 40  
ASN N   H2   sing N N 41  
ASN CA  C    sing N N 42  
ASN CA  CB   sing N N 43  
ASN CA  HA   sing N N 44  
ASN C   O    doub N N 45  
ASN C   OXT  sing N N 46  
ASN CB  CG   sing N N 47  
ASN CB  HB2  sing N N 48  
ASN CB  HB3  sing N N 49  
ASN CG  OD1  doub N N 50  
ASN CG  ND2  sing N N 51  
ASN ND2 HD21 sing N N 52  
ASN ND2 HD22 sing N N 53  
ASN OXT HXT  sing N N 54  
ASP N   CA   sing N N 55  
ASP N   H    sing N N 56  
ASP N   H2   sing N N 57  
ASP CA  C    sing N N 58  
ASP CA  CB   sing N N 59  
ASP CA  HA   sing N N 60  
ASP C   O    doub N N 61  
ASP C   OXT  sing N N 62  
ASP CB  CG   sing N N 63  
ASP CB  HB2  sing N N 64  
ASP CB  HB3  sing N N 65  
ASP CG  OD1  doub N N 66  
ASP CG  OD2  sing N N 67  
ASP OD2 HD2  sing N N 68  
ASP OXT HXT  sing N N 69  
CYS N   CA   sing N N 70  
CYS N   H    sing N N 71  
CYS N   H2   sing N N 72  
CYS CA  C    sing N N 73  
CYS CA  CB   sing N N 74  
CYS CA  HA   sing N N 75  
CYS C   O    doub N N 76  
CYS C   OXT  sing N N 77  
CYS CB  SG   sing N N 78  
CYS CB  HB2  sing N N 79  
CYS CB  HB3  sing N N 80  
CYS SG  HG   sing N N 81  
CYS OXT HXT  sing N N 82  
GLN N   CA   sing N N 83  
GLN N   H    sing N N 84  
GLN N   H2   sing N N 85  
GLN CA  C    sing N N 86  
GLN CA  CB   sing N N 87  
GLN CA  HA   sing N N 88  
GLN C   O    doub N N 89  
GLN C   OXT  sing N N 90  
GLN CB  CG   sing N N 91  
GLN CB  HB2  sing N N 92  
GLN CB  HB3  sing N N 93  
GLN CG  CD   sing N N 94  
GLN CG  HG2  sing N N 95  
GLN CG  HG3  sing N N 96  
GLN CD  OE1  doub N N 97  
GLN CD  NE2  sing N N 98  
GLN NE2 HE21 sing N N 99  
GLN NE2 HE22 sing N N 100 
GLN OXT HXT  sing N N 101 
GLU N   CA   sing N N 102 
GLU N   H    sing N N 103 
GLU N   H2   sing N N 104 
GLU CA  C    sing N N 105 
GLU CA  CB   sing N N 106 
GLU CA  HA   sing N N 107 
GLU C   O    doub N N 108 
GLU C   OXT  sing N N 109 
GLU CB  CG   sing N N 110 
GLU CB  HB2  sing N N 111 
GLU CB  HB3  sing N N 112 
GLU CG  CD   sing N N 113 
GLU CG  HG2  sing N N 114 
GLU CG  HG3  sing N N 115 
GLU CD  OE1  doub N N 116 
GLU CD  OE2  sing N N 117 
GLU OE2 HE2  sing N N 118 
GLU OXT HXT  sing N N 119 
GLY N   CA   sing N N 120 
GLY N   H    sing N N 121 
GLY N   H2   sing N N 122 
GLY CA  C    sing N N 123 
GLY CA  HA2  sing N N 124 
GLY CA  HA3  sing N N 125 
GLY C   O    doub N N 126 
GLY C   OXT  sing N N 127 
GLY OXT HXT  sing N N 128 
HIS N   CA   sing N N 129 
HIS N   H    sing N N 130 
HIS N   H2   sing N N 131 
HIS CA  C    sing N N 132 
HIS CA  CB   sing N N 133 
HIS CA  HA   sing N N 134 
HIS C   O    doub N N 135 
HIS C   OXT  sing N N 136 
HIS CB  CG   sing N N 137 
HIS CB  HB2  sing N N 138 
HIS CB  HB3  sing N N 139 
HIS CG  ND1  sing Y N 140 
HIS CG  CD2  doub Y N 141 
HIS ND1 CE1  doub Y N 142 
HIS ND1 HD1  sing N N 143 
HIS CD2 NE2  sing Y N 144 
HIS CD2 HD2  sing N N 145 
HIS CE1 NE2  sing Y N 146 
HIS CE1 HE1  sing N N 147 
HIS NE2 HE2  sing N N 148 
HIS OXT HXT  sing N N 149 
HOH O   H1   sing N N 150 
HOH O   H2   sing N N 151 
ILE N   CA   sing N N 152 
ILE N   H    sing N N 153 
ILE N   H2   sing N N 154 
ILE CA  C    sing N N 155 
ILE CA  CB   sing N N 156 
ILE CA  HA   sing N N 157 
ILE C   O    doub N N 158 
ILE C   OXT  sing N N 159 
ILE CB  CG1  sing N N 160 
ILE CB  CG2  sing N N 161 
ILE CB  HB   sing N N 162 
ILE CG1 CD1  sing N N 163 
ILE CG1 HG12 sing N N 164 
ILE CG1 HG13 sing N N 165 
ILE CG2 HG21 sing N N 166 
ILE CG2 HG22 sing N N 167 
ILE CG2 HG23 sing N N 168 
ILE CD1 HD11 sing N N 169 
ILE CD1 HD12 sing N N 170 
ILE CD1 HD13 sing N N 171 
ILE OXT HXT  sing N N 172 
LEU N   CA   sing N N 173 
LEU N   H    sing N N 174 
LEU N   H2   sing N N 175 
LEU CA  C    sing N N 176 
LEU CA  CB   sing N N 177 
LEU CA  HA   sing N N 178 
LEU C   O    doub N N 179 
LEU C   OXT  sing N N 180 
LEU CB  CG   sing N N 181 
LEU CB  HB2  sing N N 182 
LEU CB  HB3  sing N N 183 
LEU CG  CD1  sing N N 184 
LEU CG  CD2  sing N N 185 
LEU CG  HG   sing N N 186 
LEU CD1 HD11 sing N N 187 
LEU CD1 HD12 sing N N 188 
LEU CD1 HD13 sing N N 189 
LEU CD2 HD21 sing N N 190 
LEU CD2 HD22 sing N N 191 
LEU CD2 HD23 sing N N 192 
LEU OXT HXT  sing N N 193 
LYS N   CA   sing N N 194 
LYS N   H    sing N N 195 
LYS N   H2   sing N N 196 
LYS CA  C    sing N N 197 
LYS CA  CB   sing N N 198 
LYS CA  HA   sing N N 199 
LYS C   O    doub N N 200 
LYS C   OXT  sing N N 201 
LYS CB  CG   sing N N 202 
LYS CB  HB2  sing N N 203 
LYS CB  HB3  sing N N 204 
LYS CG  CD   sing N N 205 
LYS CG  HG2  sing N N 206 
LYS CG  HG3  sing N N 207 
LYS CD  CE   sing N N 208 
LYS CD  HD2  sing N N 209 
LYS CD  HD3  sing N N 210 
LYS CE  NZ   sing N N 211 
LYS CE  HE2  sing N N 212 
LYS CE  HE3  sing N N 213 
LYS NZ  HZ1  sing N N 214 
LYS NZ  HZ2  sing N N 215 
LYS NZ  HZ3  sing N N 216 
LYS OXT HXT  sing N N 217 
MET N   CA   sing N N 218 
MET N   H    sing N N 219 
MET N   H2   sing N N 220 
MET CA  C    sing N N 221 
MET CA  CB   sing N N 222 
MET CA  HA   sing N N 223 
MET C   O    doub N N 224 
MET C   OXT  sing N N 225 
MET CB  CG   sing N N 226 
MET CB  HB2  sing N N 227 
MET CB  HB3  sing N N 228 
MET CG  SD   sing N N 229 
MET CG  HG2  sing N N 230 
MET CG  HG3  sing N N 231 
MET SD  CE   sing N N 232 
MET CE  HE1  sing N N 233 
MET CE  HE2  sing N N 234 
MET CE  HE3  sing N N 235 
MET OXT HXT  sing N N 236 
MLY N   CA   sing N N 237 
MLY N   H    sing N N 238 
MLY N   H2   sing N N 239 
MLY CA  CB   sing N N 240 
MLY CA  C    sing N N 241 
MLY CA  HA   sing N N 242 
MLY CB  CG   sing N N 243 
MLY CB  HB2  sing N N 244 
MLY CB  HB3  sing N N 245 
MLY CG  CD   sing N N 246 
MLY CG  HG2  sing N N 247 
MLY CG  HG3  sing N N 248 
MLY CD  CE   sing N N 249 
MLY CD  HD2  sing N N 250 
MLY CD  HD3  sing N N 251 
MLY CE  NZ   sing N N 252 
MLY CE  HE2  sing N N 253 
MLY CE  HE3  sing N N 254 
MLY NZ  CH1  sing N N 255 
MLY NZ  CH2  sing N N 256 
MLY CH1 HH11 sing N N 257 
MLY CH1 HH12 sing N N 258 
MLY CH1 HH13 sing N N 259 
MLY CH2 HH21 sing N N 260 
MLY CH2 HH22 sing N N 261 
MLY CH2 HH23 sing N N 262 
MLY C   O    doub N N 263 
MLY C   OXT  sing N N 264 
MLY OXT HXT  sing N N 265 
PHE N   CA   sing N N 266 
PHE N   H    sing N N 267 
PHE N   H2   sing N N 268 
PHE CA  C    sing N N 269 
PHE CA  CB   sing N N 270 
PHE CA  HA   sing N N 271 
PHE C   O    doub N N 272 
PHE C   OXT  sing N N 273 
PHE CB  CG   sing N N 274 
PHE CB  HB2  sing N N 275 
PHE CB  HB3  sing N N 276 
PHE CG  CD1  doub Y N 277 
PHE CG  CD2  sing Y N 278 
PHE CD1 CE1  sing Y N 279 
PHE CD1 HD1  sing N N 280 
PHE CD2 CE2  doub Y N 281 
PHE CD2 HD2  sing N N 282 
PHE CE1 CZ   doub Y N 283 
PHE CE1 HE1  sing N N 284 
PHE CE2 CZ   sing Y N 285 
PHE CE2 HE2  sing N N 286 
PHE CZ  HZ   sing N N 287 
PHE OXT HXT  sing N N 288 
PRO N   CA   sing N N 289 
PRO N   CD   sing N N 290 
PRO N   H    sing N N 291 
PRO CA  C    sing N N 292 
PRO CA  CB   sing N N 293 
PRO CA  HA   sing N N 294 
PRO C   O    doub N N 295 
PRO C   OXT  sing N N 296 
PRO CB  CG   sing N N 297 
PRO CB  HB2  sing N N 298 
PRO CB  HB3  sing N N 299 
PRO CG  CD   sing N N 300 
PRO CG  HG2  sing N N 301 
PRO CG  HG3  sing N N 302 
PRO CD  HD2  sing N N 303 
PRO CD  HD3  sing N N 304 
PRO OXT HXT  sing N N 305 
SER N   CA   sing N N 306 
SER N   H    sing N N 307 
SER N   H2   sing N N 308 
SER CA  C    sing N N 309 
SER CA  CB   sing N N 310 
SER CA  HA   sing N N 311 
SER C   O    doub N N 312 
SER C   OXT  sing N N 313 
SER CB  OG   sing N N 314 
SER CB  HB2  sing N N 315 
SER CB  HB3  sing N N 316 
SER OG  HG   sing N N 317 
SER OXT HXT  sing N N 318 
THR N   CA   sing N N 319 
THR N   H    sing N N 320 
THR N   H2   sing N N 321 
THR CA  C    sing N N 322 
THR CA  CB   sing N N 323 
THR CA  HA   sing N N 324 
THR C   O    doub N N 325 
THR C   OXT  sing N N 326 
THR CB  OG1  sing N N 327 
THR CB  CG2  sing N N 328 
THR CB  HB   sing N N 329 
THR OG1 HG1  sing N N 330 
THR CG2 HG21 sing N N 331 
THR CG2 HG22 sing N N 332 
THR CG2 HG23 sing N N 333 
THR OXT HXT  sing N N 334 
TRP N   CA   sing N N 335 
TRP N   H    sing N N 336 
TRP N   H2   sing N N 337 
TRP CA  C    sing N N 338 
TRP CA  CB   sing N N 339 
TRP CA  HA   sing N N 340 
TRP C   O    doub N N 341 
TRP C   OXT  sing N N 342 
TRP CB  CG   sing N N 343 
TRP CB  HB2  sing N N 344 
TRP CB  HB3  sing N N 345 
TRP CG  CD1  doub Y N 346 
TRP CG  CD2  sing Y N 347 
TRP CD1 NE1  sing Y N 348 
TRP CD1 HD1  sing N N 349 
TRP CD2 CE2  doub Y N 350 
TRP CD2 CE3  sing Y N 351 
TRP NE1 CE2  sing Y N 352 
TRP NE1 HE1  sing N N 353 
TRP CE2 CZ2  sing Y N 354 
TRP CE3 CZ3  doub Y N 355 
TRP CE3 HE3  sing N N 356 
TRP CZ2 CH2  doub Y N 357 
TRP CZ2 HZ2  sing N N 358 
TRP CZ3 CH2  sing Y N 359 
TRP CZ3 HZ3  sing N N 360 
TRP CH2 HH2  sing N N 361 
TRP OXT HXT  sing N N 362 
TYR N   CA   sing N N 363 
TYR N   H    sing N N 364 
TYR N   H2   sing N N 365 
TYR CA  C    sing N N 366 
TYR CA  CB   sing N N 367 
TYR CA  HA   sing N N 368 
TYR C   O    doub N N 369 
TYR C   OXT  sing N N 370 
TYR CB  CG   sing N N 371 
TYR CB  HB2  sing N N 372 
TYR CB  HB3  sing N N 373 
TYR CG  CD1  doub Y N 374 
TYR CG  CD2  sing Y N 375 
TYR CD1 CE1  sing Y N 376 
TYR CD1 HD1  sing N N 377 
TYR CD2 CE2  doub Y N 378 
TYR CD2 HD2  sing N N 379 
TYR CE1 CZ   doub Y N 380 
TYR CE1 HE1  sing N N 381 
TYR CE2 CZ   sing Y N 382 
TYR CE2 HE2  sing N N 383 
TYR CZ  OH   sing N N 384 
TYR OH  HH   sing N N 385 
TYR OXT HXT  sing N N 386 
VAL N   CA   sing N N 387 
VAL N   H    sing N N 388 
VAL N   H2   sing N N 389 
VAL CA  C    sing N N 390 
VAL CA  CB   sing N N 391 
VAL CA  HA   sing N N 392 
VAL C   O    doub N N 393 
VAL C   OXT  sing N N 394 
VAL CB  CG1  sing N N 395 
VAL CB  CG2  sing N N 396 
VAL CB  HB   sing N N 397 
VAL CG1 HG11 sing N N 398 
VAL CG1 HG12 sing N N 399 
VAL CG1 HG13 sing N N 400 
VAL CG2 HG21 sing N N 401 
VAL CG2 HG22 sing N N 402 
VAL CG2 HG23 sing N N 403 
VAL OXT HXT  sing N N 404 
# 
_atom_sites.entry_id                    3C0F 
_atom_sites.fract_transf_matrix[1][1]   -0.01366044 
_atom_sites.fract_transf_matrix[1][2]   -0.00073458 
_atom_sites.fract_transf_matrix[1][3]   -0.01473445 
_atom_sites.fract_transf_matrix[2][1]   -0.01157206 
_atom_sites.fract_transf_matrix[2][2]   0.01298892 
_atom_sites.fract_transf_matrix[2][3]   0.01008101 
_atom_sites.fract_transf_matrix[3][1]   0.00427486 
_atom_sites.fract_transf_matrix[3][2]   0.00716164 
_atom_sites.fract_transf_matrix[3][3]   -0.00432030 
_atom_sites.fract_transf_vector[1]      0.477708 
_atom_sites.fract_transf_vector[2]      0.375574 
_atom_sites.fract_transf_vector[3]      -0.108549 
# 
loop_
_atom_type.symbol 
C 
N 
O 
S 
# 
loop_
_atom_site.group_PDB 
_atom_site.id 
_atom_site.type_symbol 
_atom_site.label_atom_id 
_atom_site.label_alt_id 
_atom_site.label_comp_id 
_atom_site.label_asym_id 
_atom_site.label_entity_id 
_atom_site.label_seq_id 
_atom_site.pdbx_PDB_ins_code 
_atom_site.Cartn_x 
_atom_site.Cartn_y 
_atom_site.Cartn_z 
_atom_site.occupancy 
_atom_site.B_iso_or_equiv 
_atom_site.pdbx_formal_charge 
_atom_site.auth_seq_id 
_atom_site.auth_comp_id 
_atom_site.auth_asym_id 
_atom_site.auth_atom_id 
_atom_site.pdbx_PDB_model_num 
ATOM   1   N N   . ILE A 1 3  ? -6.203  7.283   10.026  1.00 20.00 ? 3   ILE B N   1 
ATOM   2   C CA  . ILE A 1 3  ? -5.304  8.279   9.455   1.00 20.00 ? 3   ILE B CA  1 
ATOM   3   C C   . ILE A 1 3  ? -3.849  7.959   9.782   1.00 20.00 ? 3   ILE B C   1 
ATOM   4   O O   . ILE A 1 3  ? -3.489  7.771   10.956  1.00 17.35 ? 3   ILE B O   1 
ATOM   5   C CB  . ILE A 1 3  ? -5.668  9.670   9.951   1.00 20.00 ? 3   ILE B CB  1 
ATOM   6   N N   . MET A 1 4  ? -3.028  7.867   8.744   1.00 16.66 ? 4   MET B N   1 
ATOM   7   C CA  . MET A 1 4  ? -1.604  7.559   8.866   1.00 16.27 ? 4   MET B CA  1 
ATOM   8   C C   . MET A 1 4  ? -0.802  8.483   7.950   1.00 15.66 ? 4   MET B C   1 
ATOM   9   O O   . MET A 1 4  ? -1.381  9.201   7.133   1.00 15.49 ? 4   MET B O   1 
ATOM   10  C CB  . MET A 1 4  ? -1.343  6.090   8.502   1.00 16.23 ? 4   MET B CB  1 
ATOM   11  C CG  . MET A 1 4  ? -1.617  5.733   7.034   1.00 16.47 ? 4   MET B CG  1 
ATOM   12  S SD  . MET A 1 4  ? -1.705  3.955   6.697   1.00 16.54 ? 4   MET B SD  1 
ATOM   13  C CE  . MET A 1 4  ? -3.282  3.541   7.427   1.00 16.46 ? 4   MET B CE  1 
ATOM   14  N N   . ASP A 1 5  ? 0.523   8.456   8.083   1.00 15.16 ? 5   ASP B N   1 
ATOM   15  C CA  . ASP A 1 5  ? 1.400   9.162   7.145   1.00 14.91 ? 5   ASP B CA  1 
ATOM   16  C C   . ASP A 1 5  ? 1.184   8.628   5.730   1.00 14.63 ? 5   ASP B C   1 
ATOM   17  O O   . ASP A 1 5  ? 0.964   7.427   5.537   1.00 14.14 ? 5   ASP B O   1 
ATOM   18  C CB  . ASP A 1 5  ? 2.869   9.015   7.550   1.00 14.81 ? 5   ASP B CB  1 
ATOM   19  C CG  . ASP A 1 5  ? 3.222   9.806   8.809   1.00 15.17 ? 5   ASP B CG  1 
ATOM   20  O OD1 . ASP A 1 5  ? 2.421   10.660  9.249   1.00 14.18 ? 5   ASP B OD1 1 
ATOM   21  O OD2 . ASP A 1 5  ? 4.318   9.569   9.354   1.00 15.47 ? 5   ASP B OD2 1 
ATOM   22  N N   . GLU A 1 6  ? 1.227   9.526   4.749   1.00 14.51 ? 6   GLU B N   1 
ATOM   23  C CA  . GLU A 1 6  ? 0.918   9.174   3.363   1.00 14.84 ? 6   GLU B CA  1 
ATOM   24  C C   . GLU A 1 6  ? 1.959   9.705   2.385   1.00 14.51 ? 6   GLU B C   1 
ATOM   25  O O   . GLU A 1 6  ? 2.470   10.814  2.542   1.00 14.47 ? 6   GLU B O   1 
ATOM   26  C CB  . GLU A 1 6  ? -0.464  9.710   2.965   1.00 14.67 ? 6   GLU B CB  1 
ATOM   27  C CG  . GLU A 1 6  ? -1.631  9.078   3.706   1.00 15.41 ? 6   GLU B CG  1 
ATOM   28  C CD  . GLU A 1 6  ? -2.982  9.633   3.277   1.00 15.49 ? 6   GLU B CD  1 
ATOM   29  O OE1 . GLU A 1 6  ? -3.071  10.259  2.198   1.00 16.49 ? 6   GLU B OE1 1 
ATOM   30  O OE2 . GLU A 1 6  ? -3.961  9.433   4.024   1.00 16.90 ? 6   GLU B OE2 1 
ATOM   31  N N   . ILE A 1 7  ? 2.260   8.901   1.372   1.00 14.51 ? 7   ILE B N   1 
ATOM   32  C CA  . ILE A 1 7  ? 3.126   9.321   0.272   1.00 14.44 ? 7   ILE B CA  1 
ATOM   33  C C   . ILE A 1 7  ? 2.406   8.976   -1.029  1.00 14.74 ? 7   ILE B C   1 
ATOM   34  O O   . ILE A 1 7  ? 2.040   7.818   -1.255  1.00 15.00 ? 7   ILE B O   1 
ATOM   35  C CB  . ILE A 1 7  ? 4.529   8.650   0.343   1.00 14.50 ? 7   ILE B CB  1 
ATOM   36  C CG1 . ILE A 1 7  ? 5.257   9.053   1.636   1.00 14.07 ? 7   ILE B CG1 1 
ATOM   37  C CG2 . ILE A 1 7  ? 5.376   9.015   -0.889  1.00 14.25 ? 7   ILE B CG2 1 
ATOM   38  C CD1 . ILE A 1 7  ? 6.535   8.270   1.939   1.00 14.28 ? 7   ILE B CD1 1 
HETATM 39  N N   . MLY A 1 8  ? 2.175   9.985   -1.863  1.00 14.57 ? 8   MLY B N   1 
HETATM 40  C CA  . MLY A 1 8  ? 1.460   9.788   -3.121  1.00 14.88 ? 8   MLY B CA  1 
HETATM 41  C CB  . MLY A 1 8  ? 0.196   10.645  -3.164  1.00 14.73 ? 8   MLY B CB  1 
HETATM 42  C CG  . MLY A 1 8  ? -0.552  10.520  -4.491  1.00 15.65 ? 8   MLY B CG  1 
HETATM 43  C CD  . MLY A 1 8  ? -1.895  11.235  -4.421  1.00 17.05 ? 8   MLY B CD  1 
HETATM 44  C CE  . MLY A 1 8  ? -2.690  11.111  -5.724  1.00 18.44 ? 8   MLY B CE  1 
HETATM 45  N NZ  . MLY A 1 8  ? -2.947  9.704   -6.089  1.00 18.97 ? 8   MLY B NZ  1 
HETATM 46  C CH1 . MLY A 1 8  ? -3.317  9.640   -7.510  1.00 18.79 ? 8   MLY B CH1 1 
HETATM 47  C CH2 . MLY A 1 8  ? -4.053  9.149   -5.288  1.00 19.36 ? 8   MLY B CH2 1 
HETATM 48  C C   . MLY A 1 8  ? 2.369   10.090  -4.270  1.00 14.71 ? 8   MLY B C   1 
HETATM 49  O O   . MLY A 1 8  ? 2.823   11.223  -4.428  1.00 14.64 ? 8   MLY B O   1 
ATOM   50  N N   . VAL A 1 9  ? 2.629   9.068   -5.081  1.00 14.84 ? 9   VAL B N   1 
ATOM   51  C CA  . VAL A 1 9  ? 3.514   9.185   -6.236  1.00 14.87 ? 9   VAL B CA  1 
ATOM   52  C C   . VAL A 1 9  ? 2.691   9.215   -7.526  1.00 14.91 ? 9   VAL B C   1 
ATOM   53  O O   . VAL A 1 9  ? 1.851   8.343   -7.757  1.00 14.86 ? 9   VAL B O   1 
ATOM   54  C CB  . VAL A 1 9  ? 4.539   8.025   -6.285  1.00 15.02 ? 9   VAL B CB  1 
ATOM   55  C CG1 . VAL A 1 9  ? 5.507   8.206   -7.447  1.00 14.85 ? 9   VAL B CG1 1 
ATOM   56  C CG2 . VAL A 1 9  ? 5.304   7.923   -4.963  1.00 14.94 ? 9   VAL B CG2 1 
ATOM   57  N N   . ASN A 1 10 ? 2.936   10.237  -8.343  1.00 14.97 ? 10  ASN B N   1 
ATOM   58  C CA  . ASN A 1 10 ? 2.297   10.388  -9.648  1.00 15.39 ? 10  ASN B CA  1 
ATOM   59  C C   . ASN A 1 10 ? 3.349   10.410  -10.751 1.00 15.38 ? 10  ASN B C   1 
ATOM   60  O O   . ASN A 1 10 ? 4.047   11.411  -10.941 1.00 15.04 ? 10  ASN B O   1 
ATOM   61  C CB  . ASN A 1 10 ? 1.441   11.659  -9.685  1.00 15.61 ? 10  ASN B CB  1 
ATOM   62  C CG  . ASN A 1 10 ? 0.290   11.614  -8.697  1.00 16.51 ? 10  ASN B CG  1 
ATOM   63  O OD1 . ASN A 1 10 ? -0.530  10.699  -8.727  1.00 18.13 ? 10  ASN B OD1 1 
ATOM   64  N ND2 . ASN A 1 10 ? 0.220   12.609  -7.822  1.00 17.58 ? 10  ASN B ND2 1 
ATOM   65  N N   . LEU A 1 11 ? 3.472   9.289   -11.455 1.00 15.71 ? 11  LEU B N   1 
ATOM   66  C CA  . LEU A 1 11 ? 4.461   9.140   -12.517 1.00 16.10 ? 11  LEU B CA  1 
ATOM   67  C C   . LEU A 1 11 ? 3.813   9.309   -13.882 1.00 16.37 ? 11  LEU B C   1 
ATOM   68  O O   . LEU A 1 11 ? 2.679   8.870   -14.101 1.00 16.25 ? 11  LEU B O   1 
ATOM   69  C CB  . LEU A 1 11 ? 5.161   7.777   -12.426 1.00 15.99 ? 11  LEU B CB  1 
ATOM   70  C CG  . LEU A 1 11 ? 5.871   7.387   -11.122 1.00 16.26 ? 11  LEU B CG  1 
ATOM   71  C CD1 . LEU A 1 11 ? 6.327   5.935   -11.183 1.00 15.81 ? 11  LEU B CD1 1 
ATOM   72  C CD2 . LEU A 1 11 ? 7.052   8.311   -10.813 1.00 15.61 ? 11  LEU B CD2 1 
ATOM   73  N N   . GLN A 1 12 ? 4.540   9.952   -14.792 1.00 16.67 ? 12  GLN B N   1 
ATOM   74  C CA  . GLN A 1 12 ? 4.067   10.172  -16.158 1.00 17.18 ? 12  GLN B CA  1 
ATOM   75  C C   . GLN A 1 12 ? 3.870   8.863   -16.924 1.00 17.28 ? 12  GLN B C   1 
ATOM   76  O O   . GLN A 1 12 ? 2.937   8.736   -17.720 1.00 17.38 ? 12  GLN B O   1 
ATOM   77  C CB  . GLN A 1 12 ? 5.025   11.093  -16.916 1.00 17.27 ? 12  GLN B CB  1 
ATOM   78  C CG  . GLN A 1 12 ? 4.919   12.557  -16.524 1.00 18.27 ? 12  GLN B CG  1 
ATOM   79  C CD  . GLN A 1 12 ? 6.006   13.405  -17.156 1.00 19.68 ? 12  GLN B CD  1 
ATOM   80  O OE1 . GLN A 1 12 ? 7.174   13.320  -16.777 1.00 20.86 ? 12  GLN B OE1 1 
ATOM   81  N NE2 . GLN A 1 12 ? 5.625   14.231  -18.124 1.00 20.19 ? 12  GLN B NE2 1 
ATOM   82  N N   . LYS A 1 13 ? 4.745   7.893   -16.671 1.00 17.34 ? 13  LYS B N   1 
ATOM   83  C CA  . LYS A 1 13 ? 4.657   6.594   -17.328 1.00 17.49 ? 13  LYS B CA  1 
ATOM   84  C C   . LYS A 1 13 ? 3.616   5.693   -16.663 1.00 17.61 ? 13  LYS B C   1 
ATOM   85  O O   . LYS A 1 13 ? 3.262   5.886   -15.495 1.00 17.35 ? 13  LYS B O   1 
ATOM   86  C CB  . LYS A 1 13 ? 6.027   5.904   -17.360 1.00 17.48 ? 13  LYS B CB  1 
ATOM   87  C CG  . LYS A 1 13 ? 6.533   5.394   -16.014 1.00 17.71 ? 13  LYS B CG  1 
ATOM   88  C CD  . LYS A 1 13 ? 7.793   4.566   -16.196 1.00 17.87 ? 13  LYS B CD  1 
ATOM   89  C CE  . LYS A 1 13 ? 8.314   4.044   -14.873 1.00 18.68 ? 13  LYS B CE  1 
ATOM   90  N NZ  . LYS A 1 13 ? 9.570   3.266   -15.063 1.00 19.09 ? 13  LYS B NZ  1 
ATOM   91  N N   . GLU A 1 14 ? 3.128   4.717   -17.423 1.00 17.67 ? 14  GLU B N   1 
ATOM   92  C CA  . GLU A 1 14 ? 2.234   3.697   -16.888 1.00 18.04 ? 14  GLU B CA  1 
ATOM   93  C C   . GLU A 1 14 ? 3.046   2.634   -16.157 1.00 18.10 ? 14  GLU B C   1 
ATOM   94  O O   . GLU A 1 14 ? 4.143   2.270   -16.595 1.00 18.24 ? 14  GLU B O   1 
ATOM   95  C CB  . GLU A 1 14 ? 1.401   3.060   -18.003 1.00 18.03 ? 14  GLU B CB  1 
ATOM   96  C CG  . GLU A 1 14 ? 0.376   3.996   -18.648 1.00 18.86 ? 14  GLU B CG  1 
ATOM   97  C CD  . GLU A 1 14 ? -0.881  4.205   -17.804 1.00 19.72 ? 14  GLU B CD  1 
ATOM   98  O OE1 . GLU A 1 14 ? -1.005  3.596   -16.719 1.00 19.68 ? 14  GLU B OE1 1 
ATOM   99  O OE2 . GLU A 1 14 ? -1.756  4.984   -18.240 1.00 20.26 ? 14  GLU B OE2 1 
ATOM   100 N N   . VAL A 1 15 ? 2.510   2.155   -15.037 1.00 18.01 ? 15  VAL B N   1 
ATOM   101 C CA  . VAL A 1 15 ? 3.183   1.144   -14.224 1.00 17.93 ? 15  VAL B CA  1 
ATOM   102 C C   . VAL A 1 15 ? 2.338   -0.114  -14.045 1.00 17.84 ? 15  VAL B C   1 
ATOM   103 O O   . VAL A 1 15 ? 1.108   -0.046  -13.954 1.00 17.88 ? 15  VAL B O   1 
ATOM   104 C CB  . VAL A 1 15 ? 3.616   1.687   -12.827 1.00 18.04 ? 15  VAL B CB  1 
ATOM   105 C CG1 . VAL A 1 15 ? 4.719   2.732   -12.969 1.00 17.98 ? 15  VAL B CG1 1 
ATOM   106 C CG2 . VAL A 1 15 ? 2.421   2.245   -12.043 1.00 18.11 ? 15  VAL B CG2 1 
ATOM   107 N N   . SER A 1 16 ? 3.016   -1.256  -14.003 1.00 17.49 ? 16  SER B N   1 
ATOM   108 C CA  . SER A 1 16 ? 2.391   -2.528  -13.667 1.00 17.37 ? 16  SER B CA  1 
ATOM   109 C C   . SER A 1 16 ? 2.323   -2.662  -12.151 1.00 17.32 ? 16  SER B C   1 
ATOM   110 O O   . SER A 1 16 ? 2.913   -1.857  -11.425 1.00 17.11 ? 16  SER B O   1 
ATOM   111 C CB  . SER A 1 16 ? 3.205   -3.684  -14.249 1.00 17.46 ? 16  SER B CB  1 
ATOM   112 O OG  . SER A 1 16 ? 4.447   -3.804  -13.575 1.00 16.93 ? 16  SER B OG  1 
ATOM   113 N N   . LEU A 1 17 ? 1.611   -3.680  -11.675 1.00 17.15 ? 17  LEU B N   1 
ATOM   114 C CA  . LEU A 1 17 ? 1.539   -3.951  -10.241 1.00 17.09 ? 17  LEU B CA  1 
ATOM   115 C C   . LEU A 1 17 ? 2.931   -4.195  -9.646  1.00 17.11 ? 17  LEU B C   1 
ATOM   116 O O   . LEU A 1 17 ? 3.265   -3.633  -8.601  1.00 16.91 ? 17  LEU B O   1 
ATOM   117 C CB  . LEU A 1 17 ? 0.601   -5.131  -9.953  1.00 17.06 ? 17  LEU B CB  1 
ATOM   118 C CG  . LEU A 1 17 ? 0.583   -5.759  -8.552  1.00 17.10 ? 17  LEU B CG  1 
ATOM   119 C CD1 . LEU A 1 17 ? 0.254   -4.748  -7.447  1.00 17.83 ? 17  LEU B CD1 1 
ATOM   120 C CD2 . LEU A 1 17 ? -0.390  -6.930  -8.521  1.00 16.83 ? 17  LEU B CD2 1 
ATOM   121 N N   . GLU A 1 18 ? 3.734   -5.015  -10.327 1.00 17.18 ? 18  GLU B N   1 
ATOM   122 C CA  . GLU A 1 18 ? 5.093   -5.341  -9.885  1.00 17.44 ? 18  GLU B CA  1 
ATOM   123 C C   . GLU A 1 18 ? 5.977   -4.091  -9.817  1.00 17.29 ? 18  GLU B C   1 
ATOM   124 O O   . GLU A 1 18 ? 6.682   -3.875  -8.830  1.00 16.97 ? 18  GLU B O   1 
ATOM   125 C CB  . GLU A 1 18 ? 5.725   -6.396  -10.801 1.00 17.38 ? 18  GLU B CB  1 
ATOM   126 C CG  . GLU A 1 18 ? 7.156   -6.789  -10.423 1.00 18.12 ? 18  GLU B CG  1 
ATOM   127 C CD  . GLU A 1 18 ? 7.709   -7.944  -11.248 1.00 18.19 ? 18  GLU B CD  1 
ATOM   128 O OE1 . GLU A 1 18 ? 7.142   -8.265  -12.315 1.00 19.63 ? 18  GLU B OE1 1 
ATOM   129 O OE2 . GLU A 1 18 ? 8.726   -8.533  -10.824 1.00 18.98 ? 18  GLU B OE2 1 
ATOM   130 N N   . GLU A 1 19 ? 5.923   -3.277  -10.869 1.00 17.16 ? 19  GLU B N   1 
ATOM   131 C CA  . GLU A 1 19 ? 6.686   -2.031  -10.930 1.00 17.40 ? 19  GLU B CA  1 
ATOM   132 C C   . GLU A 1 19 ? 6.288   -1.060  -9.820  1.00 17.08 ? 19  GLU B C   1 
ATOM   133 O O   . GLU A 1 19 ? 7.158   -0.474  -9.168  1.00 17.07 ? 19  GLU B O   1 
ATOM   134 C CB  . GLU A 1 19 ? 6.528   -1.371  -12.301 1.00 17.44 ? 19  GLU B CB  1 
ATOM   135 C CG  . GLU A 1 19 ? 7.300   -2.073  -13.410 1.00 17.85 ? 19  GLU B CG  1 
ATOM   136 C CD  . GLU A 1 19 ? 6.958   -1.558  -14.799 1.00 18.02 ? 19  GLU B CD  1 
ATOM   137 O OE1 . GLU A 1 19 ? 5.894   -0.922  -14.971 1.00 18.86 ? 19  GLU B OE1 1 
ATOM   138 O OE2 . GLU A 1 19 ? 7.759   -1.803  -15.725 1.00 18.81 ? 19  GLU B OE2 1 
ATOM   139 N N   . ALA A 1 20 ? 4.980   -0.904  -9.610  1.00 16.70 ? 20  ALA B N   1 
ATOM   140 C CA  . ALA A 1 20 ? 4.453   -0.019  -8.574  1.00 16.47 ? 20  ALA B CA  1 
ATOM   141 C C   . ALA A 1 20 ? 4.845   -0.486  -7.172  1.00 16.00 ? 20  ALA B C   1 
ATOM   142 O O   . ALA A 1 20 ? 5.194   0.335   -6.314  1.00 15.70 ? 20  ALA B O   1 
ATOM   143 C CB  . ALA A 1 20 ? 2.937   0.103   -8.691  1.00 16.47 ? 20  ALA B CB  1 
ATOM   144 N N   . GLU A 1 21 ? 4.789   -1.799  -6.947  1.00 15.53 ? 21  GLU B N   1 
ATOM   145 C CA  . GLU A 1 21 ? 5.179   -2.378  -5.662  1.00 15.34 ? 21  GLU B CA  1 
ATOM   146 C C   . GLU A 1 21 ? 6.658   -2.149  -5.368  1.00 15.19 ? 21  GLU B C   1 
ATOM   147 O O   . GLU A 1 21 ? 7.020   -1.792  -4.246  1.00 14.66 ? 21  GLU B O   1 
ATOM   148 C CB  . GLU A 1 21 ? 4.837   -3.871  -5.583  1.00 15.32 ? 21  GLU B CB  1 
ATOM   149 C CG  . GLU A 1 21 ? 5.191   -4.498  -4.227  1.00 15.60 ? 21  GLU B CG  1 
ATOM   150 C CD  . GLU A 1 21 ? 4.410   -5.756  -3.918  1.00 15.82 ? 21  GLU B CD  1 
ATOM   151 O OE1 . GLU A 1 21 ? 3.191   -5.783  -4.182  1.00 16.41 ? 21  GLU B OE1 1 
ATOM   152 O OE2 . GLU A 1 21 ? 5.015   -6.713  -3.390  1.00 15.46 ? 21  GLU B OE2 1 
ATOM   153 N N   . ARG A 1 22 ? 7.497   -2.340  -6.384  1.00 15.34 ? 22  ARG B N   1 
ATOM   154 C CA  . ARG A 1 22 ? 8.935   -2.083  -6.265  1.00 15.57 ? 22  ARG B CA  1 
ATOM   155 C C   . ARG A 1 22 ? 9.208   -0.617  -5.904  1.00 15.48 ? 22  ARG B C   1 
ATOM   156 O O   . ARG A 1 22 ? 9.998   -0.342  -4.997  1.00 15.10 ? 22  ARG B O   1 
ATOM   157 C CB  . ARG A 1 22 ? 9.665   -2.488  -7.549  1.00 15.57 ? 22  ARG B CB  1 
ATOM   158 C CG  . ARG A 1 22 ? 11.192  -2.478  -7.453  1.00 16.16 ? 22  ARG B CG  1 
ATOM   159 C CD  . ARG A 1 22 ? 11.842  -3.177  -8.650  1.00 16.75 ? 22  ARG B CD  1 
ATOM   160 N NE  . ARG A 1 22 ? 11.627  -2.464  -9.910  1.00 19.33 ? 22  ARG B NE  1 
ATOM   161 C CZ  . ARG A 1 22 ? 10.776  -2.842  -10.862 1.00 19.87 ? 22  ARG B CZ  1 
ATOM   162 N NH1 . ARG A 1 22 ? 10.044  -3.941  -10.718 1.00 20.55 ? 22  ARG B NH1 1 
ATOM   163 N NH2 . ARG A 1 22 ? 10.659  -2.118  -11.967 1.00 20.19 ? 22  ARG B NH2 1 
ATOM   164 N N   . TYR A 1 23 ? 8.537   0.306   -6.599  1.00 15.31 ? 23  TYR B N   1 
ATOM   165 C CA  . TYR A 1 23 ? 8.615   1.747   -6.296  1.00 15.52 ? 23  TYR B CA  1 
ATOM   166 C C   . TYR A 1 23 ? 8.224   2.054   -4.845  1.00 15.50 ? 23  TYR B C   1 
ATOM   167 O O   . TYR A 1 23 ? 8.924   2.799   -4.146  1.00 15.37 ? 23  TYR B O   1 
ATOM   168 C CB  . TYR A 1 23 ? 7.709   2.554   -7.239  1.00 15.82 ? 23  TYR B CB  1 
ATOM   169 C CG  . TYR A 1 23 ? 8.345   3.021   -8.531  1.00 16.60 ? 23  TYR B CG  1 
ATOM   170 C CD1 . TYR A 1 23 ? 7.991   2.444   -9.753  1.00 16.73 ? 23  TYR B CD1 1 
ATOM   171 C CD2 . TYR A 1 23 ? 9.275   4.062   -8.541  1.00 16.71 ? 23  TYR B CD2 1 
ATOM   172 C CE1 . TYR A 1 23 ? 8.561   2.877   -10.950 1.00 17.14 ? 23  TYR B CE1 1 
ATOM   173 C CE2 . TYR A 1 23 ? 9.849   4.504   -9.731  1.00 17.31 ? 23  TYR B CE2 1 
ATOM   174 C CZ  . TYR A 1 23 ? 9.489   3.907   -10.929 1.00 16.80 ? 23  TYR B CZ  1 
ATOM   175 O OH  . TYR A 1 23 ? 10.054  4.337   -12.106 1.00 17.22 ? 23  TYR B OH  1 
ATOM   176 N N   . ALA A 1 24 ? 7.107   1.474   -4.407  1.00 15.17 ? 24  ALA B N   1 
ATOM   177 C CA  . ALA A 1 24 ? 6.590   1.660   -3.049  1.00 15.24 ? 24  ALA B CA  1 
ATOM   178 C C   . ALA A 1 24 ? 7.529   1.094   -1.980  1.00 15.28 ? 24  ALA B C   1 
ATOM   179 O O   . ALA A 1 24 ? 7.814   1.766   -0.986  1.00 14.94 ? 24  ALA B O   1 
ATOM   180 C CB  . ALA A 1 24 ? 5.194   1.047   -2.923  1.00 15.29 ? 24  ALA B CB  1 
HETATM 181 N N   . MLY A 1 25 ? 8.010   -0.132  -2.196  1.00 15.11 ? 25  MLY B N   1 
HETATM 182 C CA  . MLY A 1 25 ? 8.931   -0.793  -1.266  1.00 15.17 ? 25  MLY B CA  1 
HETATM 183 C CB  . MLY A 1 25 ? 9.179   -2.241  -1.684  1.00 15.13 ? 25  MLY B CB  1 
HETATM 184 C CG  . MLY A 1 25 ? 7.989   -3.115  -1.289  1.00 14.87 ? 25  MLY B CG  1 
HETATM 185 C CD  . MLY A 1 25 ? 8.229   -4.590  -1.594  1.00 15.81 ? 25  MLY B CD  1 
HETATM 186 C CE  . MLY A 1 25 ? 7.350   -5.449  -0.687  1.00 16.01 ? 25  MLY B CE  1 
HETATM 187 N NZ  . MLY A 1 25 ? 7.691   -6.878  -0.776  1.00 16.48 ? 25  MLY B NZ  1 
HETATM 188 C CH1 . MLY A 1 25 ? 6.499   -7.669  -0.438  1.00 16.22 ? 25  MLY B CH1 1 
HETATM 189 C CH2 . MLY A 1 25 ? 8.771   -7.202  0.173   1.00 17.08 ? 25  MLY B CH2 1 
HETATM 190 C C   . MLY A 1 25 ? 10.228  -0.040  -1.155  1.00 15.20 ? 25  MLY B C   1 
HETATM 191 O O   . MLY A 1 25 ? 10.802  0.068   -0.066  1.00 15.21 ? 25  MLY B O   1 
ATOM   192 N N   . ASN A 1 26 ? 10.693  0.503   -2.278  1.00 15.08 ? 26  ASN B N   1 
ATOM   193 C CA  . ASN A 1 26 ? 11.907  1.313   -2.289  1.00 15.39 ? 26  ASN B CA  1 
ATOM   194 C C   . ASN A 1 26 ? 11.788  2.580   -1.446  1.00 15.17 ? 26  ASN B C   1 
ATOM   195 O O   . ASN A 1 26 ? 12.701  2.909   -0.689  1.00 15.29 ? 26  ASN B O   1 
ATOM   196 C CB  . ASN A 1 26 ? 12.340  1.630   -3.721  1.00 15.54 ? 26  ASN B CB  1 
ATOM   197 C CG  . ASN A 1 26 ? 13.052  0.464   -4.382  1.00 16.90 ? 26  ASN B CG  1 
ATOM   198 O OD1 . ASN A 1 26 ? 13.495  -0.474  -3.709  1.00 18.40 ? 26  ASN B OD1 1 
ATOM   199 N ND2 . ASN A 1 26 ? 13.180  0.519   -5.706  1.00 18.08 ? 26  ASN B ND2 1 
ATOM   200 N N   . ILE A 1 27 ? 10.652  3.268   -1.564  1.00 14.75 ? 27  ILE B N   1 
ATOM   201 C CA  . ILE A 1 27 ? 10.365  4.445   -0.737  1.00 14.64 ? 27  ILE B CA  1 
ATOM   202 C C   . ILE A 1 27 ? 10.234  4.081   0.744   1.00 14.56 ? 27  ILE B C   1 
ATOM   203 O O   . ILE A 1 27 ? 10.863  4.716   1.596   1.00 14.39 ? 27  ILE B O   1 
ATOM   204 C CB  . ILE A 1 27 ? 9.101   5.195   -1.221  1.00 14.34 ? 27  ILE B CB  1 
ATOM   205 C CG1 . ILE A 1 27 ? 9.373   5.871   -2.570  1.00 14.11 ? 27  ILE B CG1 1 
ATOM   206 C CG2 . ILE A 1 27 ? 8.661   6.238   -0.190  1.00 14.80 ? 27  ILE B CG2 1 
ATOM   207 C CD1 . ILE A 1 27 ? 8.120   6.272   -3.326  1.00 12.91 ? 27  ILE B CD1 1 
ATOM   208 N N   . ALA A 1 28 ? 9.423   3.062   1.036   1.00 14.57 ? 28  ALA B N   1 
ATOM   209 C CA  . ALA A 1 28 ? 9.212   2.582   2.409   1.00 14.45 ? 28  ALA B CA  1 
ATOM   210 C C   . ALA A 1 28 ? 10.521  2.260   3.134   1.00 14.34 ? 28  ALA B C   1 
ATOM   211 O O   . ALA A 1 28 ? 10.654  2.523   4.335   1.00 14.25 ? 28  ALA B O   1 
ATOM   212 C CB  . ALA A 1 28 ? 8.295   1.366   2.412   1.00 14.43 ? 28  ALA B CB  1 
ATOM   213 N N   . SER A 1 29 ? 11.484  1.714   2.391   1.00 14.33 ? 29  SER B N   1 
ATOM   214 C CA  . SER A 1 29 ? 12.742  1.217   2.957   1.00 14.35 ? 29  SER B CA  1 
ATOM   215 C C   . SER A 1 29 ? 13.617  2.293   3.622   1.00 14.20 ? 29  SER B C   1 
ATOM   216 O O   . SER A 1 29 ? 14.480  1.971   4.439   1.00 13.81 ? 29  SER B O   1 
ATOM   217 C CB  . SER A 1 29 ? 13.545  0.449   1.899   1.00 14.35 ? 29  SER B CB  1 
ATOM   218 O OG  . SER A 1 29 ? 14.143  1.332   0.970   1.00 15.21 ? 29  SER B OG  1 
HETATM 219 N N   . MLY A 1 30 ? 13.388  3.559   3.275   1.00 14.05 ? 30  MLY B N   1 
HETATM 220 C CA  . MLY A 1 30 ? 14.107  4.670   3.907   1.00 14.15 ? 30  MLY B CA  1 
HETATM 221 C CB  . MLY A 1 30 ? 13.948  5.942   3.067   1.00 14.30 ? 30  MLY B CB  1 
HETATM 222 C CG  . MLY A 1 30 ? 14.952  7.043   3.419   1.00 15.24 ? 30  MLY B CG  1 
HETATM 223 C CD  . MLY A 1 30 ? 16.386  6.733   2.981   1.00 16.05 ? 30  MLY B CD  1 
HETATM 224 C CE  . MLY A 1 30 ? 17.332  7.859   3.396   1.00 17.07 ? 30  MLY B CE  1 
HETATM 225 N NZ  . MLY A 1 30 ? 18.730  7.583   3.017   1.00 17.27 ? 30  MLY B NZ  1 
HETATM 226 C CH1 . MLY A 1 30 ? 19.629  8.372   3.873   1.00 17.74 ? 30  MLY B CH1 1 
HETATM 227 C CH2 . MLY A 1 30 ? 18.979  7.973   1.623   1.00 17.72 ? 30  MLY B CH2 1 
HETATM 228 C C   . MLY A 1 30 ? 13.692  4.893   5.345   1.00 13.99 ? 30  MLY B C   1 
HETATM 229 O O   . MLY A 1 30 ? 14.413  5.536   6.112   1.00 14.18 ? 30  MLY B O   1 
ATOM   230 N N   . TYR A 1 31 ? 12.544  4.339   5.734   1.00 13.67 ? 31  TYR B N   1 
ATOM   231 C CA  . TYR A 1 31 ? 11.963  4.612   7.055   1.00 13.34 ? 31  TYR B CA  1 
ATOM   232 C C   . TYR A 1 31 ? 12.060  3.443   8.028   1.00 13.00 ? 31  TYR B C   1 
ATOM   233 O O   . TYR A 1 31 ? 11.861  3.608   9.234   1.00 12.67 ? 31  TYR B O   1 
ATOM   234 C CB  . TYR A 1 31 ? 10.521  5.111   6.897   1.00 13.67 ? 31  TYR B CB  1 
ATOM   235 C CG  . TYR A 1 31 ? 10.430  6.191   5.844   1.00 14.12 ? 31  TYR B CG  1 
ATOM   236 C CD1 . TYR A 1 31 ? 11.061  7.424   6.030   1.00 14.67 ? 31  TYR B CD1 1 
ATOM   237 C CD2 . TYR A 1 31 ? 9.764   5.964   4.641   1.00 13.93 ? 31  TYR B CD2 1 
ATOM   238 C CE1 . TYR A 1 31 ? 11.007  8.415   5.057   1.00 14.73 ? 31  TYR B CE1 1 
ATOM   239 C CE2 . TYR A 1 31 ? 9.699   6.952   3.656   1.00 14.35 ? 31  TYR B CE2 1 
ATOM   240 C CZ  . TYR A 1 31 ? 10.324  8.172   3.872   1.00 14.58 ? 31  TYR B CZ  1 
ATOM   241 O OH  . TYR A 1 31 ? 10.271  9.150   2.908   1.00 14.91 ? 31  TYR B OH  1 
ATOM   242 N N   . GLY A 1 32 ? 12.395  2.272   7.501   1.00 12.47 ? 32  GLY B N   1 
ATOM   243 C CA  . GLY A 1 32 ? 12.555  1.076   8.317   1.00 12.23 ? 32  GLY B CA  1 
ATOM   244 C C   . GLY A 1 32 ? 12.182  -0.167  7.542   1.00 11.88 ? 32  GLY B C   1 
ATOM   245 O O   . GLY A 1 32 ? 12.200  -0.171  6.307   1.00 12.02 ? 32  GLY B O   1 
ATOM   246 N N   . ASP A 1 33 ? 11.847  -1.222  8.277   1.00 11.54 ? 33  ASP B N   1 
ATOM   247 C CA  . ASP A 1 33 ? 11.474  -2.505  7.700   1.00 11.33 ? 33  ASP B CA  1 
ATOM   248 C C   . ASP A 1 33 ? 10.007  -2.468  7.255   1.00 11.42 ? 33  ASP B C   1 
ATOM   249 O O   . ASP A 1 33 ? 9.095   -2.499  8.087   1.00 11.44 ? 33  ASP B O   1 
ATOM   250 C CB  . ASP A 1 33 ? 11.700  -3.613  8.735   1.00 11.22 ? 33  ASP B CB  1 
ATOM   251 C CG  . ASP A 1 33 ? 11.732  -5.005  8.127   1.00 10.98 ? 33  ASP B CG  1 
ATOM   252 O OD1 . ASP A 1 33 ? 11.355  -5.177  6.943   1.00 10.35 ? 33  ASP B OD1 1 
ATOM   253 O OD2 . ASP A 1 33 ? 12.147  -5.936  8.852   1.00 9.95  ? 33  ASP B OD2 1 
ATOM   254 N N   . GLY A 1 34 ? 9.798   -2.412  5.941   1.00 11.38 ? 34  GLY B N   1 
ATOM   255 C CA  . GLY A 1 34 ? 8.463   -2.268  5.362   1.00 12.01 ? 34  GLY B CA  1 
ATOM   256 C C   . GLY A 1 34 ? 7.721   -3.583  5.213   1.00 12.40 ? 34  GLY B C   1 
ATOM   257 O O   . GLY A 1 34 ? 8.008   -4.369  4.307   1.00 12.47 ? 34  GLY B O   1 
ATOM   258 N N   . ILE A 1 35 ? 6.770   -3.821  6.112   1.00 12.55 ? 35  ILE B N   1 
ATOM   259 C CA  . ILE A 1 35 ? 5.908   -4.997  6.033   1.00 12.85 ? 35  ILE B CA  1 
ATOM   260 C C   . ILE A 1 35 ? 4.669   -4.630  5.217   1.00 12.87 ? 35  ILE B C   1 
ATOM   261 O O   . ILE A 1 35 ? 3.789   -3.915  5.703   1.00 13.03 ? 35  ILE B O   1 
ATOM   262 C CB  . ILE A 1 35 ? 5.475   -5.494  7.446   1.00 12.99 ? 35  ILE B CB  1 
ATOM   263 C CG1 . ILE A 1 35 ? 6.674   -5.588  8.414   1.00 13.92 ? 35  ILE B CG1 1 
ATOM   264 C CG2 . ILE A 1 35 ? 4.660   -6.792  7.353   1.00 13.12 ? 35  ILE B CG2 1 
ATOM   265 C CD1 . ILE A 1 35 ? 7.803   -6.509  7.973   1.00 14.84 ? 35  ILE B CD1 1 
ATOM   266 N N   . LEU A 1 36 ? 4.609   -5.111  3.978   1.00 12.67 ? 36  LEU B N   1 
ATOM   267 C CA  . LEU A 1 36 ? 3.463   -4.835  3.114   1.00 12.72 ? 36  LEU B CA  1 
ATOM   268 C C   . LEU A 1 36 ? 2.250   -5.646  3.557   1.00 12.59 ? 36  LEU B C   1 
ATOM   269 O O   . LEU A 1 36 ? 2.283   -6.880  3.565   1.00 12.67 ? 36  LEU B O   1 
ATOM   270 C CB  . LEU A 1 36 ? 3.787   -5.106  1.643   1.00 12.65 ? 36  LEU B CB  1 
ATOM   271 C CG  . LEU A 1 36 ? 2.674   -4.780  0.635   1.00 12.93 ? 36  LEU B CG  1 
ATOM   272 C CD1 . LEU A 1 36 ? 2.216   -3.318  0.711   1.00 13.50 ? 36  LEU B CD1 1 
ATOM   273 C CD2 . LEU A 1 36 ? 3.131   -5.123  -0.770  1.00 13.00 ? 36  LEU B CD2 1 
ATOM   274 N N   . LEU A 1 37 ? 1.184   -4.939  3.922   1.00 12.46 ? 37  LEU B N   1 
ATOM   275 C CA  . LEU A 1 37 ? -0.018  -5.574  4.459   1.00 12.76 ? 37  LEU B CA  1 
ATOM   276 C C   . LEU A 1 37 ? -1.103  -5.777  3.400   1.00 12.59 ? 37  LEU B C   1 
ATOM   277 O O   . LEU A 1 37 ? -1.722  -6.839  3.340   1.00 12.96 ? 37  LEU B O   1 
ATOM   278 C CB  . LEU A 1 37 ? -0.561  -4.775  5.651   1.00 12.99 ? 37  LEU B CB  1 
ATOM   279 C CG  . LEU A 1 37 ? 0.349   -4.673  6.880   1.00 13.72 ? 37  LEU B CG  1 
ATOM   280 C CD1 . LEU A 1 37 ? -0.153  -3.585  7.822   1.00 14.23 ? 37  LEU B CD1 1 
ATOM   281 C CD2 . LEU A 1 37 ? 0.480   -6.006  7.610   1.00 15.24 ? 37  LEU B CD2 1 
ATOM   282 N N   . SER A 1 38 ? -1.332  -4.761  2.573   1.00 12.48 ? 38  SER B N   1 
ATOM   283 C CA  . SER A 1 38 ? -2.367  -4.841  1.543   1.00 12.24 ? 38  SER B CA  1 
ATOM   284 C C   . SER A 1 38 ? -2.078  -3.948  0.339   1.00 12.30 ? 38  SER B C   1 
ATOM   285 O O   . SER A 1 38 ? -1.306  -2.991  0.430   1.00 11.93 ? 38  SER B O   1 
ATOM   286 C CB  . SER A 1 38 ? -3.747  -4.511  2.134   1.00 12.38 ? 38  SER B CB  1 
ATOM   287 O OG  . SER A 1 38 ? -3.834  -3.150  2.512   1.00 12.64 ? 38  SER B OG  1 
ATOM   288 N N   . VAL A 1 39 ? -2.704  -4.283  -0.784  1.00 12.37 ? 39  VAL B N   1 
ATOM   289 C CA  . VAL A 1 39 ? -2.607  -3.495  -2.009  1.00 12.44 ? 39  VAL B CA  1 
ATOM   290 C C   . VAL A 1 39 ? -3.990  -3.376  -2.642  1.00 12.43 ? 39  VAL B C   1 
ATOM   291 O O   . VAL A 1 39 ? -4.813  -4.286  -2.528  1.00 12.38 ? 39  VAL B O   1 
ATOM   292 C CB  . VAL A 1 39 ? -1.587  -4.097  -3.024  1.00 12.74 ? 39  VAL B CB  1 
ATOM   293 C CG1 . VAL A 1 39 ? -1.971  -5.517  -3.422  1.00 12.95 ? 39  VAL B CG1 1 
ATOM   294 C CG2 . VAL A 1 39 ? -1.458  -3.213  -4.270  1.00 12.90 ? 39  VAL B CG2 1 
ATOM   295 N N   . HIS A 1 40 ? -4.233  -2.243  -3.291  1.00 12.36 ? 40  HIS B N   1 
ATOM   296 C CA  . HIS A 1 40 ? -5.455  -2.020  -4.048  1.00 12.56 ? 40  HIS B CA  1 
ATOM   297 C C   . HIS A 1 40 ? -5.137  -1.330  -5.367  1.00 12.49 ? 40  HIS B C   1 
ATOM   298 O O   . HIS A 1 40 ? -4.319  -0.410  -5.415  1.00 12.62 ? 40  HIS B O   1 
ATOM   299 C CB  . HIS A 1 40 ? -6.445  -1.182  -3.235  1.00 12.51 ? 40  HIS B CB  1 
ATOM   300 C CG  . HIS A 1 40 ? -7.709  -0.852  -3.969  1.00 13.21 ? 40  HIS B CG  1 
ATOM   301 N ND1 . HIS A 1 40 ? -8.022  0.428   -4.373  1.00 13.81 ? 40  HIS B ND1 1 
ATOM   302 C CD2 . HIS A 1 40 ? -8.737  -1.637  -4.373  1.00 13.25 ? 40  HIS B CD2 1 
ATOM   303 C CE1 . HIS A 1 40 ? -9.191  0.419   -4.989  1.00 13.52 ? 40  HIS B CE1 1 
ATOM   304 N NE2 . HIS A 1 40 ? -9.643  -0.822  -5.007  1.00 13.40 ? 40  HIS B NE2 1 
ATOM   305 N N   . ASP A 1 41 ? -5.786  -1.797  -6.430  1.00 12.24 ? 41  ASP B N   1 
ATOM   306 C CA  . ASP A 1 41 ? -5.698  -1.178  -7.747  1.00 12.09 ? 41  ASP B CA  1 
ATOM   307 C C   . ASP A 1 41 ? -7.009  -0.423  -7.958  1.00 12.29 ? 41  ASP B C   1 
ATOM   308 O O   . ASP A 1 41 ? -8.068  -1.041  -8.090  1.00 12.07 ? 41  ASP B O   1 
ATOM   309 C CB  . ASP A 1 41 ? -5.489  -2.261  -8.819  1.00 11.91 ? 41  ASP B CB  1 
ATOM   310 C CG  . ASP A 1 41 ? -5.357  -1.697  -10.235 1.00 11.77 ? 41  ASP B CG  1 
ATOM   311 O OD1 . ASP A 1 41 ? -5.884  -0.604  -10.527 1.00 11.09 ? 41  ASP B OD1 1 
ATOM   312 O OD2 . ASP A 1 41 ? -4.737  -2.372  -11.079 1.00 11.50 ? 41  ASP B OD2 1 
ATOM   313 N N   . SER A 1 42 ? -6.932  0.905   -7.978  1.00 12.43 ? 42  SER B N   1 
ATOM   314 C CA  . SER A 1 42 ? -8.125  1.749   -8.145  1.00 12.68 ? 42  SER B CA  1 
ATOM   315 C C   . SER A 1 42 ? -8.702  1.757   -9.568  1.00 12.85 ? 42  SER B C   1 
ATOM   316 O O   . SER A 1 42 ? -9.834  2.201   -9.776  1.00 12.83 ? 42  SER B O   1 
ATOM   317 C CB  . SER A 1 42 ? -7.851  3.176   -7.662  1.00 12.78 ? 42  SER B CB  1 
ATOM   318 O OG  . SER A 1 42 ? -7.805  3.222   -6.245  1.00 13.44 ? 42  SER B OG  1 
HETATM 319 N N   . MLY A 1 43 ? -7.927  1.266   -10.533 1.00 12.91 ? 43  MLY B N   1 
HETATM 320 C CA  . MLY A 1 43 ? -8.386  1.143   -11.918 1.00 13.46 ? 43  MLY B CA  1 
HETATM 321 C CB  . MLY A 1 43 ? -7.176  1.169   -12.844 1.00 13.64 ? 43  MLY B CB  1 
HETATM 322 C CG  . MLY A 1 43 ? -7.521  1.587   -14.265 1.00 15.17 ? 43  MLY B CG  1 
HETATM 323 C CD  . MLY A 1 43 ? -6.263  2.131   -14.929 1.00 17.53 ? 43  MLY B CD  1 
HETATM 324 C CE  . MLY A 1 43 ? -6.506  2.467   -16.396 1.00 19.09 ? 43  MLY B CE  1 
HETATM 325 N NZ  . MLY A 1 43 ? -5.348  2.074   -17.217 1.00 20.13 ? 43  MLY B NZ  1 
HETATM 326 C CH1 . MLY A 1 43 ? -4.185  2.924   -16.919 1.00 20.21 ? 43  MLY B CH1 1 
HETATM 327 C CH2 . MLY A 1 43 ? -5.698  2.226   -18.637 1.00 19.90 ? 43  MLY B CH2 1 
HETATM 328 C C   . MLY A 1 43 ? -9.194  -0.108  -12.158 1.00 13.33 ? 43  MLY B C   1 
HETATM 329 O O   . MLY A 1 43 ? -10.190 -0.076  -12.885 1.00 13.28 ? 43  MLY B O   1 
ATOM   330 N N   . THR A 1 44 ? -8.777  -1.218  -11.549 1.00 13.19 ? 44  THR B N   1 
ATOM   331 C CA  . THR A 1 44 ? -9.405  -2.529  -11.792 1.00 13.11 ? 44  THR B CA  1 
ATOM   332 C C   . THR A 1 44 ? -10.271 -3.014  -10.632 1.00 13.18 ? 44  THR B C   1 
ATOM   333 O O   . THR A 1 44 ? -11.140 -3.873  -10.816 1.00 13.41 ? 44  THR B O   1 
ATOM   334 C CB  . THR A 1 44 ? -8.351  -3.626  -12.072 1.00 13.09 ? 44  THR B CB  1 
ATOM   335 O OG1 . THR A 1 44 ? -7.552  -3.830  -10.901 1.00 12.33 ? 44  THR B OG1 1 
ATOM   336 C CG2 . THR A 1 44 ? -7.458  -3.246  -13.247 1.00 13.00 ? 44  THR B CG2 1 
ATOM   337 N N   . GLY A 1 45 ? -10.017 -2.485  -9.439  1.00 13.16 ? 45  GLY B N   1 
ATOM   338 C CA  . GLY A 1 45 ? -10.714 -2.923  -8.234  1.00 13.18 ? 45  GLY B CA  1 
ATOM   339 C C   . GLY A 1 45 ? -10.017 -4.066  -7.513  1.00 13.33 ? 45  GLY B C   1 
ATOM   340 O O   . GLY A 1 45 ? -10.465 -4.495  -6.450  1.00 13.56 ? 45  GLY B O   1 
ATOM   341 N N   . TYR A 1 46 ? -8.922  -4.559  -8.091  1.00 13.22 ? 46  TYR B N   1 
ATOM   342 C CA  . TYR A 1 46 ? -8.141  -5.638  -7.488  1.00 13.42 ? 46  TYR B CA  1 
ATOM   343 C C   . TYR A 1 46 ? -7.621  -5.267  -6.104  1.00 12.94 ? 46  TYR B C   1 
ATOM   344 O O   . TYR A 1 46 ? -7.214  -4.126  -5.867  1.00 12.60 ? 46  TYR B O   1 
ATOM   345 C CB  . TYR A 1 46 ? -6.961  -6.032  -8.382  1.00 13.91 ? 46  TYR B CB  1 
ATOM   346 C CG  . TYR A 1 46 ? -6.071  -7.102  -7.776  1.00 14.92 ? 46  TYR B CG  1 
ATOM   347 C CD1 . TYR A 1 46 ? -6.499  -8.430  -7.703  1.00 15.33 ? 46  TYR B CD1 1 
ATOM   348 C CD2 . TYR A 1 46 ? -4.811  -6.787  -7.262  1.00 15.41 ? 46  TYR B CD2 1 
ATOM   349 C CE1 . TYR A 1 46 ? -5.700  -9.414  -7.140  1.00 15.85 ? 46  TYR B CE1 1 
ATOM   350 C CE2 . TYR A 1 46 ? -3.999  -7.773  -6.695  1.00 15.81 ? 46  TYR B CE2 1 
ATOM   351 C CZ  . TYR A 1 46 ? -4.453  -9.082  -6.645  1.00 15.20 ? 46  TYR B CZ  1 
ATOM   352 O OH  . TYR A 1 46 ? -3.667  -10.068 -6.095  1.00 16.10 ? 46  TYR B OH  1 
ATOM   353 N N   . ARG A 1 47 ? -7.648  -6.235  -5.192  1.00 12.53 ? 47  ARG B N   1 
ATOM   354 C CA  . ARG A 1 47 ? -6.974  -6.076  -3.907  1.00 12.52 ? 47  ARG B CA  1 
ATOM   355 C C   . ARG A 1 47 ? -6.328  -7.374  -3.433  1.00 12.70 ? 47  ARG B C   1 
ATOM   356 O O   . ARG A 1 47 ? -6.755  -8.470  -3.805  1.00 12.64 ? 47  ARG B O   1 
ATOM   357 C CB  . ARG A 1 47 ? -7.919  -5.495  -2.837  1.00 12.47 ? 47  ARG B CB  1 
ATOM   358 C CG  . ARG A 1 47 ? -8.867  -6.493  -2.151  1.00 12.00 ? 47  ARG B CG  1 
ATOM   359 C CD  . ARG A 1 47 ? -9.897  -7.079  -3.111  1.00 12.34 ? 47  ARG B CD  1 
ATOM   360 N NE  . ARG A 1 47 ? -10.623 -6.054  -3.866  1.00 12.74 ? 47  ARG B NE  1 
ATOM   361 C CZ  . ARG A 1 47 ? -11.739 -5.456  -3.459  1.00 13.44 ? 47  ARG B CZ  1 
ATOM   362 N NH1 . ARG A 1 47 ? -12.285 -5.765  -2.289  1.00 13.50 ? 47  ARG B NH1 1 
ATOM   363 N NH2 . ARG A 1 47 ? -12.316 -4.540  -4.229  1.00 13.61 ? 47  ARG B NH2 1 
ATOM   364 N N   . ALA A 1 48 ? -5.283  -7.224  -2.627  1.00 12.89 ? 48  ALA B N   1 
ATOM   365 C CA  . ALA A 1 48 ? -4.669  -8.330  -1.906  1.00 13.18 ? 48  ALA B CA  1 
ATOM   366 C C   . ALA A 1 48 ? -4.477  -7.860  -0.465  1.00 13.57 ? 48  ALA B C   1 
ATOM   367 O O   . ALA A 1 48 ? -4.078  -6.716  -0.245  1.00 13.29 ? 48  ALA B O   1 
ATOM   368 C CB  . ALA A 1 48 ? -3.341  -8.719  -2.538  1.00 13.17 ? 48  ALA B CB  1 
ATOM   369 N N   . PRO A 1 49 ? -4.788  -8.721  0.525   1.00 13.96 ? 49  PRO B N   1 
ATOM   370 C CA  . PRO A 1 49 ? -5.261  -10.100 0.368   1.00 14.33 ? 49  PRO B CA  1 
ATOM   371 C C   . PRO A 1 49 ? -6.685  -10.179 -0.185  1.00 14.88 ? 49  PRO B C   1 
ATOM   372 O O   . PRO A 1 49 ? -7.329  -9.146  -0.409  1.00 14.35 ? 49  PRO B O   1 
ATOM   373 C CB  . PRO A 1 49 ? -5.210  -10.651 1.799   1.00 14.48 ? 49  PRO B CB  1 
ATOM   374 C CG  . PRO A 1 49 ? -5.411  -9.463  2.659   1.00 14.21 ? 49  PRO B CG  1 
ATOM   375 C CD  . PRO A 1 49 ? -4.698  -8.335  1.946   1.00 14.07 ? 49  PRO B CD  1 
ATOM   376 N N   . GLU A 1 50 ? -7.166  -11.403 -0.388  1.00 15.51 ? 50  GLU B N   1 
ATOM   377 C CA  . GLU A 1 50 ? -8.462  -11.640 -1.008  1.00 16.66 ? 50  GLU B CA  1 
ATOM   378 C C   . GLU A 1 50 ? -9.609  -11.356 -0.032  1.00 17.29 ? 50  GLU B C   1 
ATOM   379 O O   . GLU A 1 50 ? -10.116 -12.264 0.634   1.00 17.04 ? 50  GLU B O   1 
ATOM   380 C CB  . GLU A 1 50 ? -8.525  -13.076 -1.531  1.00 16.57 ? 50  GLU B CB  1 
ATOM   381 C CG  . GLU A 1 50 ? -9.675  -13.360 -2.474  1.00 17.72 ? 50  GLU B CG  1 
ATOM   382 C CD  . GLU A 1 50 ? -9.834  -14.839 -2.763  1.00 18.65 ? 50  GLU B CD  1 
ATOM   383 O OE1 . GLU A 1 50 ? -8.834  -15.582 -2.666  1.00 18.79 ? 50  GLU B OE1 1 
ATOM   384 O OE2 . GLU A 1 50 ? -10.965 -15.256 -3.085  1.00 19.65 ? 50  GLU B OE2 1 
ATOM   385 N N   . VAL A 1 51 ? -9.997  -10.084 0.050   1.00 18.39 ? 51  VAL B N   1 
ATOM   386 C CA  . VAL A 1 51 ? -11.108 -9.651  0.903   1.00 19.28 ? 51  VAL B CA  1 
ATOM   387 C C   . VAL A 1 51 ? -12.149 -8.882  0.085   1.00 19.95 ? 51  VAL B C   1 
ATOM   388 O O   . VAL A 1 51 ? -11.868 -7.801  -0.440  1.00 19.90 ? 51  VAL B O   1 
ATOM   389 C CB  . VAL A 1 51 ? -10.635 -8.831  2.153   1.00 19.26 ? 51  VAL B CB  1 
ATOM   390 C CG1 . VAL A 1 51 ? -9.975  -9.743  3.171   1.00 19.44 ? 51  VAL B CG1 1 
ATOM   391 C CG2 . VAL A 1 51 ? -9.690  -7.680  1.770   1.00 19.35 ? 51  VAL B CG2 1 
ATOM   392 N N   . TYR A 1 52 ? -13.335 -9.470  -0.020  1.00 20.61 ? 52  TYR B N   1 
ATOM   393 C CA  . TYR A 1 52 ? -14.394 -8.958  -0.854  1.00 21.56 ? 52  TYR B CA  1 
ATOM   394 C C   . TYR A 1 52 ? -15.695 -8.914  -0.077  1.00 22.03 ? 52  TYR B C   1 
ATOM   395 O O   . TYR A 1 52 ? -15.948 -9.746  0.774   1.00 22.15 ? 52  TYR B O   1 
ATOM   396 C CB  . TYR A 1 52 ? -14.545 -9.807  -2.115  1.00 21.69 ? 52  TYR B CB  1 
ATOM   397 C CG  . TYR A 1 52 ? -13.446 -9.679  -3.124  1.00 22.08 ? 52  TYR B CG  1 
ATOM   398 C CD1 . TYR A 1 52 ? -13.483 -8.720  -4.094  1.00 22.24 ? 52  TYR B CD1 1 
ATOM   399 C CD2 . TYR A 1 52 ? -12.394 -10.534 -3.137  1.00 22.41 ? 52  TYR B CD2 1 
ATOM   400 C CE1 . TYR A 1 52 ? -12.517 -8.618  -4.989  1.00 22.51 ? 52  TYR B CE1 1 
ATOM   401 C CE2 . TYR A 1 52 ? -11.400 -10.412 -4.047  1.00 22.54 ? 52  TYR B CE2 1 
ATOM   402 C CZ  . TYR A 1 52 ? -11.460 -9.453  -4.964  1.00 22.32 ? 52  TYR B CZ  1 
ATOM   403 O OH  . TYR A 1 52 ? -10.466 -9.307  -5.865  1.00 22.80 ? 52  TYR B OH  1 
ATOM   404 N N   . CYS A 1 53 ? -16.530 -7.938  -0.362  1.00 22.63 ? 53  CYS B N   1 
ATOM   405 C CA  . CYS A 1 53 ? -17.862 -7.911  0.208   1.00 23.19 ? 53  CYS B CA  1 
ATOM   406 C C   . CYS A 1 53 ? -17.948 -7.763  1.719   1.00 23.57 ? 53  CYS B C   1 
ATOM   407 O O   . CYS A 1 53 ? -18.812 -8.387  2.341   1.00 23.54 ? 53  CYS B O   1 
ATOM   408 N N   . CYS A 1 54 ? -17.097 -6.891  2.289   1.00 23.89 ? 54  CYS B N   1 
ATOM   409 C CA  . CYS A 1 54 ? -16.927 -6.787  3.730   1.00 24.27 ? 54  CYS B CA  1 
ATOM   410 C C   . CYS A 1 54 ? -16.324 -5.563  4.457   1.00 24.31 ? 54  CYS B C   1 
ATOM   411 O O   . CYS A 1 54 ? -15.523 -5.770  5.319   1.00 24.51 ? 54  CYS B O   1 
ATOM   412 C CB  . CYS A 1 54 ? -16.132 -7.992  4.165   1.00 24.26 ? 54  CYS B CB  1 
ATOM   413 S SG  . CYS A 1 54 ? -14.586 -8.052  3.377   1.00 24.95 ? 54  CYS B SG  1 
ATOM   414 N N   . GLY A 1 55 ? -16.687 -4.312  4.208   1.00 24.33 ? 55  GLY B N   1 
ATOM   415 C CA  . GLY A 1 55 ? -17.571 -3.890  3.122   1.00 24.04 ? 55  GLY B CA  1 
ATOM   416 C C   . GLY A 1 55 ? -16.939 -2.705  2.406   1.00 23.82 ? 55  GLY B C   1 
ATOM   417 O O   . GLY A 1 55 ? -16.615 -2.788  1.220   1.00 23.95 ? 55  GLY B O   1 
ATOM   418 N N   . GLU A 1 56 ? -16.753 -1.605  3.138   1.00 23.51 ? 56  GLU B N   1 
ATOM   419 C CA  . GLU A 1 56 ? -16.096 -0.406  2.608   1.00 23.00 ? 56  GLU B CA  1 
ATOM   420 C C   . GLU A 1 56 ? -14.583 -0.447  2.762   1.00 22.75 ? 56  GLU B C   1 
ATOM   421 O O   . GLU A 1 56 ? -14.069 -0.530  3.880   1.00 22.83 ? 56  GLU B O   1 
ATOM   422 N N   . LYS A 1 57 ? -13.879 -0.381  1.630   1.00 22.25 ? 57  LYS B N   1 
ATOM   423 C CA  . LYS A 1 57 ? -12.406 -0.465  1.567   1.00 21.87 ? 57  LYS B CA  1 
ATOM   424 C C   . LYS A 1 57 ? -11.802 -1.529  2.504   1.00 21.51 ? 57  LYS B C   1 
ATOM   425 O O   . LYS A 1 57 ? -10.981 -1.201  3.367   1.00 21.41 ? 57  LYS B O   1 
ATOM   426 C CB  . LYS A 1 57 ? -11.767 0.909   1.831   1.00 21.92 ? 57  LYS B CB  1 
ATOM   427 C CG  . LYS A 1 57 ? -12.222 2.021   0.890   1.00 21.86 ? 57  LYS B CG  1 
ATOM   428 C CD  . LYS A 1 57 ? -11.624 3.364   1.294   1.00 22.05 ? 57  LYS B CD  1 
ATOM   429 N N   . PRO A 1 58 ? -12.201 -2.810  2.334   1.00 21.22 ? 58  PRO B N   1 
ATOM   430 C CA  . PRO A 1 58 ? -11.772 -3.873  3.256   1.00 20.97 ? 58  PRO B CA  1 
ATOM   431 C C   . PRO A 1 58 ? -10.256 -4.090  3.332   1.00 20.75 ? 58  PRO B C   1 
ATOM   432 O O   . PRO A 1 58 ? -9.754  -4.519  4.373   1.00 20.54 ? 58  PRO B O   1 
ATOM   433 C CB  . PRO A 1 58 ? -12.472 -5.124  2.705   1.00 20.90 ? 58  PRO B CB  1 
ATOM   434 C CG  . PRO A 1 58 ? -12.769 -4.804  1.281   1.00 21.19 ? 58  PRO B CG  1 
ATOM   435 C CD  . PRO A 1 58 ? -13.078 -3.341  1.271   1.00 21.26 ? 58  PRO B CD  1 
ATOM   436 N N   . TRP A 1 59 ? -9.546  -3.800  2.242   1.00 20.46 ? 59  TRP B N   1 
ATOM   437 C CA  . TRP A 1 59 ? -8.083  -3.922  2.199   1.00 20.43 ? 59  TRP B CA  1 
ATOM   438 C C   . TRP A 1 59 ? -7.418  -2.915  3.144   1.00 20.40 ? 59  TRP B C   1 
ATOM   439 O O   . TRP A 1 59 ? -6.362  -3.193  3.713   1.00 20.50 ? 59  TRP B O   1 
ATOM   440 C CB  . TRP A 1 59 ? -7.562  -3.730  0.770   1.00 20.17 ? 59  TRP B CB  1 
ATOM   441 C CG  . TRP A 1 59 ? -7.948  -2.410  0.191   1.00 20.23 ? 59  TRP B CG  1 
ATOM   442 C CD1 . TRP A 1 59 ? -7.244  -1.243  0.270   1.00 19.81 ? 59  TRP B CD1 1 
ATOM   443 C CD2 . TRP A 1 59 ? -9.144  -2.110  -0.533  1.00 20.01 ? 59  TRP B CD2 1 
ATOM   444 N NE1 . TRP A 1 59 ? -7.927  -0.236  -0.363  1.00 20.20 ? 59  TRP B NE1 1 
ATOM   445 C CE2 . TRP A 1 59 ? -9.098  -0.739  -0.864  1.00 19.91 ? 59  TRP B CE2 1 
ATOM   446 C CE3 . TRP A 1 59 ? -10.255 -2.869  -0.934  1.00 19.60 ? 59  TRP B CE3 1 
ATOM   447 C CZ2 . TRP A 1 59 ? -10.117 -0.106  -1.582  1.00 19.98 ? 59  TRP B CZ2 1 
ATOM   448 C CZ3 . TRP A 1 59 ? -11.267 -2.240  -1.650  1.00 20.11 ? 59  TRP B CZ3 1 
ATOM   449 C CH2 . TRP A 1 59 ? -11.189 -0.870  -1.966  1.00 19.99 ? 59  TRP B CH2 1 
ATOM   450 N N   . GLU A 1 60 ? -8.045  -1.749  3.298   1.00 20.32 ? 60  GLU B N   1 
ATOM   451 C CA  . GLU A 1 60 ? -7.546  -0.708  4.189   1.00 20.18 ? 60  GLU B CA  1 
ATOM   452 C C   . GLU A 1 60 ? -7.859  -1.049  5.645   1.00 20.11 ? 60  GLU B C   1 
ATOM   453 O O   . GLU A 1 60 ? -6.996  -0.917  6.517   1.00 20.00 ? 60  GLU B O   1 
ATOM   454 C CB  . GLU A 1 60 ? -8.123  0.657   3.803   1.00 20.31 ? 60  GLU B CB  1 
ATOM   455 C CG  . GLU A 1 60 ? -7.594  1.815   4.639   1.00 20.77 ? 60  GLU B CG  1 
ATOM   456 C CD  . GLU A 1 60 ? -7.839  3.168   3.997   1.00 21.65 ? 60  GLU B CD  1 
ATOM   457 O OE1 . GLU A 1 60 ? -8.895  3.356   3.357   1.00 22.49 ? 60  GLU B OE1 1 
ATOM   458 O OE2 . GLU A 1 60 ? -6.968  4.049   4.138   1.00 22.70 ? 60  GLU B OE2 1 
ATOM   459 N N   . VAL A 1 61 ? -9.091  -1.489  5.896   1.00 19.96 ? 61  VAL B N   1 
ATOM   460 C CA  . VAL A 1 61 ? -9.509  -1.933  7.226   1.00 19.95 ? 61  VAL B CA  1 
ATOM   461 C C   . VAL A 1 61 ? -8.597  -3.059  7.724   1.00 19.82 ? 61  VAL B C   1 
ATOM   462 O O   . VAL A 1 61 ? -8.120  -3.019  8.860   1.00 19.77 ? 61  VAL B O   1 
ATOM   463 C CB  . VAL A 1 61 ? -10.998 -2.378  7.244   1.00 20.01 ? 61  VAL B CB  1 
ATOM   464 C CG1 . VAL A 1 61 ? -11.415 -2.840  8.639   1.00 20.23 ? 61  VAL B CG1 1 
ATOM   465 C CG2 . VAL A 1 61 ? -11.903 -1.243  6.770   1.00 20.02 ? 61  VAL B CG2 1 
ATOM   466 N N   . TYR A 1 62 ? -8.346  -4.041  6.856   1.00 19.75 ? 62  TYR B N   1 
ATOM   467 C CA  . TYR A 1 62 ? -7.437  -5.152  7.150   1.00 19.56 ? 62  TYR B CA  1 
ATOM   468 C C   . TYR A 1 62 ? -6.063  -4.654  7.599   1.00 19.36 ? 62  TYR B C   1 
ATOM   469 O O   . TYR A 1 62 ? -5.548  -5.082  8.635   1.00 19.28 ? 62  TYR B O   1 
ATOM   470 C CB  . TYR A 1 62 ? -7.298  -6.072  5.927   1.00 19.66 ? 62  TYR B CB  1 
ATOM   471 C CG  . TYR A 1 62 ? -6.194  -7.105  6.043   1.00 19.78 ? 62  TYR B CG  1 
ATOM   472 C CD1 . TYR A 1 62 ? -6.404  -8.299  6.730   1.00 20.07 ? 62  TYR B CD1 1 
ATOM   473 C CD2 . TYR A 1 62 ? -4.941  -6.890  5.461   1.00 19.43 ? 62  TYR B CD2 1 
ATOM   474 C CE1 . TYR A 1 62 ? -5.394  -9.249  6.843   1.00 20.13 ? 62  TYR B CE1 1 
ATOM   475 C CE2 . TYR A 1 62 ? -3.925  -7.837  5.568   1.00 19.58 ? 62  TYR B CE2 1 
ATOM   476 C CZ  . TYR A 1 62 ? -4.161  -9.015  6.261   1.00 19.70 ? 62  TYR B CZ  1 
ATOM   477 O OH  . TYR A 1 62 ? -3.173  -9.965  6.372   1.00 20.22 ? 62  TYR B OH  1 
ATOM   478 N N   . ALA A 1 63 ? -5.483  -3.749  6.812   1.00 18.87 ? 63  ALA B N   1 
ATOM   479 C CA  . ALA A 1 63 ? -4.159  -3.200  7.084   1.00 18.54 ? 63  ALA B CA  1 
ATOM   480 C C   . ALA A 1 63 ? -4.124  -2.418  8.398   1.00 18.44 ? 63  ALA B C   1 
ATOM   481 O O   . ALA A 1 63 ? -3.218  -2.603  9.211   1.00 18.29 ? 63  ALA B O   1 
ATOM   482 C CB  . ALA A 1 63 ? -3.708  -2.330  5.924   1.00 18.46 ? 63  ALA B CB  1 
ATOM   483 N N   . CYS A 1 64 ? -5.125  -1.564  8.607   1.00 18.34 ? 64  CYS B N   1 
ATOM   484 C CA  . CYS A 1 64 ? -5.198  -0.729  9.806   1.00 18.50 ? 64  CYS B CA  1 
ATOM   485 C C   . CYS A 1 64 ? -5.333  -1.553  11.084  1.00 18.34 ? 64  CYS B C   1 
ATOM   486 O O   . CYS A 1 64 ? -4.774  -1.193  12.125  1.00 18.29 ? 64  CYS B O   1 
ATOM   487 C CB  . CYS A 1 64 ? -6.332  0.285   9.683   1.00 18.52 ? 64  CYS B CB  1 
ATOM   488 S SG  . CYS A 1 64 ? -6.000  1.561   8.443   1.00 19.75 ? 64  CYS B SG  1 
ATOM   489 N N   . ASN A 1 65 ? -6.060  -2.666  10.988  1.00 18.05 ? 65  ASN B N   1 
ATOM   490 C CA  . ASN A 1 65 ? -6.177  -3.623  12.087  1.00 18.04 ? 65  ASN B CA  1 
ATOM   491 C C   . ASN A 1 65 ? -4.869  -4.371  12.377  1.00 17.89 ? 65  ASN B C   1 
ATOM   492 O O   . ASN A 1 65 ? -4.721  -4.970  13.444  1.00 17.88 ? 65  ASN B O   1 
ATOM   493 C CB  . ASN A 1 65 ? -7.321  -4.611  11.822  1.00 18.09 ? 65  ASN B CB  1 
ATOM   494 C CG  . ASN A 1 65 ? -8.698  -3.960  11.914  1.00 18.44 ? 65  ASN B CG  1 
ATOM   495 O OD1 . ASN A 1 65 ? -8.840  -2.828  12.380  1.00 19.17 ? 65  ASN B OD1 1 
ATOM   496 N ND2 . ASN A 1 65 ? -9.721  -4.681  11.468  1.00 18.61 ? 65  ASN B ND2 1 
ATOM   497 N N   . ARG A 1 66 ? -3.934  -4.334  11.426  1.00 17.70 ? 66  ARG B N   1 
ATOM   498 C CA  . ARG A 1 66 ? -2.601  -4.929  11.605  1.00 17.67 ? 66  ARG B CA  1 
ATOM   499 C C   . ARG A 1 66 ? -1.511  -3.866  11.812  1.00 17.30 ? 66  ARG B C   1 
ATOM   500 O O   . ARG A 1 66 ? -0.329  -4.124  11.578  1.00 17.41 ? 66  ARG B O   1 
ATOM   501 C CB  . ARG A 1 66 ? -2.216  -5.840  10.424  1.00 17.82 ? 66  ARG B CB  1 
ATOM   502 C CG  . ARG A 1 66 ? -3.259  -6.863  9.964   1.00 19.39 ? 66  ARG B CG  1 
ATOM   503 C CD  . ARG A 1 66 ? -3.789  -7.748  11.081  1.00 21.24 ? 66  ARG B CD  1 
ATOM   504 N NE  . ARG A 1 66 ? -4.612  -8.847  10.571  1.00 22.54 ? 66  ARG B NE  1 
ATOM   505 C CZ  . ARG A 1 66 ? -5.862  -8.726  10.125  1.00 22.69 ? 66  ARG B CZ  1 
ATOM   506 N NH1 . ARG A 1 66 ? -6.470  -7.545  10.089  1.00 22.73 ? 66  ARG B NH1 1 
ATOM   507 N N   . GLY A 1 67 ? -1.913  -2.675  12.242  1.00 16.68 ? 67  GLY B N   1 
ATOM   508 C CA  . GLY A 1 67 ? -0.964  -1.624  12.611  1.00 16.10 ? 67  GLY B CA  1 
ATOM   509 C C   . GLY A 1 67 ? -0.277  -0.911  11.461  1.00 15.74 ? 67  GLY B C   1 
ATOM   510 O O   . GLY A 1 67 ? 0.860   -0.446  11.605  1.00 15.61 ? 67  GLY B O   1 
ATOM   511 N N   . ALA A 1 68 ? -0.959  -0.811  10.320  1.00 15.27 ? 68  ALA B N   1 
ATOM   512 C CA  . ALA A 1 68 ? -0.445  -0.029  9.196   1.00 15.11 ? 68  ALA B CA  1 
ATOM   513 C C   . ALA A 1 68 ? -0.178  1.405   9.651   1.00 14.95 ? 68  ALA B C   1 
ATOM   514 O O   . ALA A 1 68 ? -0.999  2.003   10.353  1.00 14.90 ? 68  ALA B O   1 
ATOM   515 C CB  . ALA A 1 68 ? -1.423  -0.046  8.033   1.00 15.13 ? 68  ALA B CB  1 
ATOM   516 N N   . ASN A 1 69 ? 0.978   1.939   9.264   1.00 14.63 ? 69  ASN B N   1 
ATOM   517 C CA  . ASN A 1 69 ? 1.360   3.302   9.639   1.00 14.59 ? 69  ASN B CA  1 
ATOM   518 C C   . ASN A 1 69 ? 1.911   4.146   8.486   1.00 14.43 ? 69  ASN B C   1 
ATOM   519 O O   . ASN A 1 69 ? 2.321   5.291   8.686   1.00 14.16 ? 69  ASN B O   1 
ATOM   520 C CB  . ASN A 1 69 ? 2.334   3.296   10.830  1.00 14.65 ? 69  ASN B CB  1 
ATOM   521 C CG  . ASN A 1 69 ? 3.577   2.443   10.582  1.00 15.05 ? 69  ASN B CG  1 
ATOM   522 O OD1 . ASN A 1 69 ? 3.863   2.040   9.454   1.00 14.65 ? 69  ASN B OD1 1 
ATOM   523 N ND2 . ASN A 1 69 ? 4.318   2.166   11.648  1.00 15.71 ? 69  ASN B ND2 1 
ATOM   524 N N   . LEU A 1 70 ? 1.920   3.572   7.283   1.00 14.37 ? 70  LEU B N   1 
ATOM   525 C CA  . LEU A 1 70 ? 2.340   4.303   6.086   1.00 14.52 ? 70  LEU B CA  1 
ATOM   526 C C   . LEU A 1 70 ? 1.603   3.817   4.843   1.00 14.52 ? 70  LEU B C   1 
ATOM   527 O O   . LEU A 1 70 ? 1.659   2.634   4.495   1.00 14.72 ? 70  LEU B O   1 
ATOM   528 C CB  . LEU A 1 70 ? 3.858   4.207   5.879   1.00 14.19 ? 70  LEU B CB  1 
ATOM   529 C CG  . LEU A 1 70 ? 4.479   4.972   4.700   1.00 14.70 ? 70  LEU B CG  1 
ATOM   530 C CD1 . LEU A 1 70 ? 4.269   6.486   4.801   1.00 15.04 ? 70  LEU B CD1 1 
ATOM   531 C CD2 . LEU A 1 70 ? 5.961   4.648   4.593   1.00 14.55 ? 70  LEU B CD2 1 
HETATM 532 N N   . MLY A 1 71 ? 0.910   4.745   4.192   1.00 14.33 ? 71  MLY B N   1 
HETATM 533 C CA  . MLY A 1 71 ? 0.225   4.481   2.934   1.00 14.50 ? 71  MLY B CA  1 
HETATM 534 C CB  . MLY A 1 71 ? -1.161  5.114   3.008   1.00 14.36 ? 71  MLY B CB  1 
HETATM 535 C CG  . MLY A 1 71 ? -1.950  5.009   1.709   1.00 14.88 ? 71  MLY B CG  1 
HETATM 536 C CD  . MLY A 1 71 ? -3.127  5.980   1.741   1.00 15.62 ? 71  MLY B CD  1 
HETATM 537 C CE  . MLY A 1 71 ? -4.101  5.695   0.603   1.00 16.49 ? 71  MLY B CE  1 
HETATM 538 N NZ  . MLY A 1 71 ? -5.244  6.629   0.616   1.00 16.65 ? 71  MLY B NZ  1 
HETATM 539 C CH1 . MLY A 1 71 ? -6.158  6.335   1.729   1.00 17.87 ? 71  MLY B CH1 1 
HETATM 540 C CH2 . MLY A 1 71 ? -5.991  6.478   -0.638  1.00 17.40 ? 71  MLY B CH2 1 
HETATM 541 C C   . MLY A 1 71 ? 1.014   5.074   1.804   1.00 14.40 ? 71  MLY B C   1 
HETATM 542 O O   . MLY A 1 71 ? 1.288   6.273   1.797   1.00 14.45 ? 71  MLY B O   1 
ATOM   543 N N   . ILE A 1 72 ? 1.396   4.239   0.840   1.00 14.60 ? 72  ILE B N   1 
ATOM   544 C CA  . ILE A 1 72 ? 2.107   4.724   -0.345  1.00 14.61 ? 72  ILE B CA  1 
ATOM   545 C C   . ILE A 1 72 ? 1.293   4.425   -1.598  1.00 14.43 ? 72  ILE B C   1 
ATOM   546 O O   . ILE A 1 72 ? 0.994   3.263   -1.896  1.00 14.65 ? 72  ILE B O   1 
ATOM   547 C CB  . ILE A 1 72 ? 3.538   4.130   -0.479  1.00 14.38 ? 72  ILE B CB  1 
ATOM   548 C CG1 . ILE A 1 72 ? 4.392   4.478   0.750   1.00 14.90 ? 72  ILE B CG1 1 
ATOM   549 C CG2 . ILE A 1 72 ? 4.204   4.628   -1.776  1.00 14.99 ? 72  ILE B CG2 1 
ATOM   550 C CD1 . ILE A 1 72 ? 5.722   3.736   0.820   1.00 14.39 ? 72  ILE B CD1 1 
ATOM   551 N N   . SER A 1 73 ? 0.918   5.481   -2.316  1.00 14.28 ? 73  SER B N   1 
ATOM   552 C CA  . SER A 1 73 ? 0.231   5.323   -3.595  1.00 14.09 ? 73  SER B CA  1 
ATOM   553 C C   . SER A 1 73 ? 1.204   5.544   -4.745  1.00 13.78 ? 73  SER B C   1 
ATOM   554 O O   . SER A 1 73 ? 2.027   6.463   -4.703  1.00 13.84 ? 73  SER B O   1 
ATOM   555 C CB  . SER A 1 73 ? -0.961  6.283   -3.710  1.00 14.17 ? 73  SER B CB  1 
ATOM   556 O OG  . SER A 1 73 ? -1.941  6.002   -2.723  1.00 15.46 ? 73  SER B OG  1 
ATOM   557 N N   . VAL A 1 74 ? 1.121   4.682   -5.754  1.00 13.43 ? 74  VAL B N   1 
ATOM   558 C CA  . VAL A 1 74 ? 1.909   4.819   -6.977  1.00 13.09 ? 74  VAL B CA  1 
ATOM   559 C C   . VAL A 1 74 ? 0.929   4.717   -8.140  1.00 12.78 ? 74  VAL B C   1 
ATOM   560 O O   . VAL A 1 74 ? 0.376   3.641   -8.411  1.00 12.67 ? 74  VAL B O   1 
ATOM   561 C CB  . VAL A 1 74 ? 3.027   3.741   -7.080  1.00 13.10 ? 74  VAL B CB  1 
ATOM   562 C CG1 . VAL A 1 74 ? 3.868   3.947   -8.340  1.00 13.50 ? 74  VAL B CG1 1 
ATOM   563 C CG2 . VAL A 1 74 ? 3.913   3.753   -5.832  1.00 13.53 ? 74  VAL B CG2 1 
ATOM   564 N N   . ASN A 1 75 ? 0.711   5.848   -8.812  1.00 12.20 ? 75  ASN B N   1 
ATOM   565 C CA  . ASN A 1 75 ? -0.375  5.994   -9.786  1.00 11.95 ? 75  ASN B CA  1 
ATOM   566 C C   . ASN A 1 75 ? -1.693  5.396   -9.258  1.00 11.84 ? 75  ASN B C   1 
ATOM   567 O O   . ASN A 1 75 ? -2.186  5.837   -8.216  1.00 11.68 ? 75  ASN B O   1 
ATOM   568 C CB  . ASN A 1 75 ? 0.038   5.446   -11.164 1.00 11.66 ? 75  ASN B CB  1 
ATOM   569 C CG  . ASN A 1 75 ? 1.147   6.271   -11.813 1.00 11.73 ? 75  ASN B CG  1 
ATOM   570 O OD1 . ASN A 1 75 ? 1.647   7.237   -11.228 1.00 11.25 ? 75  ASN B OD1 1 
ATOM   571 N ND2 . ASN A 1 75 ? 1.538   5.889   -13.029 1.00 10.44 ? 75  ASN B ND2 1 
ATOM   572 N N   . GLN A 1 76 ? -2.234  4.382   -9.936  1.00 11.80 ? 76  GLN B N   1 
ATOM   573 C CA  . GLN A 1 76 ? -3.525  3.791   -9.556  1.00 11.78 ? 76  GLN B CA  1 
ATOM   574 C C   . GLN A 1 76 ? -3.477  2.832   -8.356  1.00 11.82 ? 76  GLN B C   1 
ATOM   575 O O   . GLN A 1 76 ? -4.521  2.378   -7.881  1.00 11.84 ? 76  GLN B O   1 
ATOM   576 C CB  . GLN A 1 76 ? -4.182  3.088   -10.756 1.00 12.01 ? 76  GLN B CB  1 
ATOM   577 C CG  . GLN A 1 76 ? -3.491  1.802   -11.213 1.00 11.56 ? 76  GLN B CG  1 
ATOM   578 C CD  . GLN A 1 76 ? -2.494  2.022   -12.338 1.00 12.11 ? 76  GLN B CD  1 
ATOM   579 O OE1 . GLN A 1 76 ? -1.760  3.011   -12.355 1.00 11.98 ? 76  GLN B OE1 1 
ATOM   580 N NE2 . GLN A 1 76 ? -2.465  1.092   -13.289 1.00 11.50 ? 76  GLN B NE2 1 
ATOM   581 N N   . PHE A 1 77 ? -2.274  2.517   -7.884  1.00 11.88 ? 77  PHE B N   1 
ATOM   582 C CA  . PHE A 1 77 ? -2.095  1.526   -6.815  1.00 11.83 ? 77  PHE B CA  1 
ATOM   583 C C   . PHE A 1 77 ? -1.929  2.182   -5.448  1.00 11.98 ? 77  PHE B C   1 
ATOM   584 O O   . PHE A 1 77 ? -1.288  3.225   -5.330  1.00 11.94 ? 77  PHE B O   1 
ATOM   585 C CB  . PHE A 1 77 ? -0.886  0.629   -7.106  1.00 11.75 ? 77  PHE B CB  1 
ATOM   586 C CG  . PHE A 1 77 ? -0.992  -0.143  -8.390  1.00 11.46 ? 77  PHE B CG  1 
ATOM   587 C CD1 . PHE A 1 77 ? -1.634  -1.380  -8.421  1.00 11.16 ? 77  PHE B CD1 1 
ATOM   588 C CD2 . PHE A 1 77 ? -0.446  0.363   -9.571  1.00 11.58 ? 77  PHE B CD2 1 
ATOM   589 C CE1 . PHE A 1 77 ? -1.738  -2.104  -9.611  1.00 11.36 ? 77  PHE B CE1 1 
ATOM   590 C CE2 . PHE A 1 77 ? -0.545  -0.354  -10.769 1.00 11.22 ? 77  PHE B CE2 1 
ATOM   591 C CZ  . PHE A 1 77 ? -1.195  -1.586  -10.789 1.00 11.59 ? 77  PHE B CZ  1 
ATOM   592 N N   . GLU A 1 78 ? -2.519  1.572   -4.422  1.00 12.07 ? 78  GLU B N   1 
ATOM   593 C CA  . GLU A 1 78 ? -2.288  1.993   -3.037  1.00 12.39 ? 78  GLU B CA  1 
ATOM   594 C C   . GLU A 1 78 ? -1.713  0.825   -2.254  1.00 12.48 ? 78  GLU B C   1 
ATOM   595 O O   . GLU A 1 78 ? -2.232  -0.293  -2.319  1.00 12.59 ? 78  GLU B O   1 
ATOM   596 C CB  . GLU A 1 78 ? -3.564  2.509   -2.358  1.00 12.42 ? 78  GLU B CB  1 
ATOM   597 C CG  . GLU A 1 78 ? -4.291  3.618   -3.109  1.00 12.80 ? 78  GLU B CG  1 
ATOM   598 C CD  . GLU A 1 78 ? -5.375  3.073   -4.016  1.00 14.15 ? 78  GLU B CD  1 
ATOM   599 O OE1 . GLU A 1 78 ? -6.163  2.225   -3.549  1.00 14.58 ? 78  GLU B OE1 1 
ATOM   600 O OE2 . GLU A 1 78 ? -5.442  3.491   -5.192  1.00 15.59 ? 78  GLU B OE2 1 
ATOM   601 N N   . PHE A 1 79 ? -0.634  1.097   -1.528  1.00 12.63 ? 79  PHE B N   1 
ATOM   602 C CA  . PHE A 1 79 ? 0.057   0.089   -0.735  1.00 12.49 ? 79  PHE B CA  1 
ATOM   603 C C   . PHE A 1 79 ? 0.030   0.496   0.730   1.00 12.54 ? 79  PHE B C   1 
ATOM   604 O O   . PHE A 1 79 ? 0.374   1.623   1.071   1.00 12.56 ? 79  PHE B O   1 
ATOM   605 C CB  . PHE A 1 79 ? 1.510   -0.049  -1.196  1.00 12.44 ? 79  PHE B CB  1 
ATOM   606 C CG  . PHE A 1 79 ? 1.654   -0.494  -2.623  1.00 12.54 ? 79  PHE B CG  1 
ATOM   607 C CD1 . PHE A 1 79 ? 1.723   -1.845  -2.934  1.00 12.09 ? 79  PHE B CD1 1 
ATOM   608 C CD2 . PHE A 1 79 ? 1.724   0.440   -3.657  1.00 12.39 ? 79  PHE B CD2 1 
ATOM   609 C CE1 . PHE A 1 79 ? 1.855   -2.269  -4.259  1.00 12.57 ? 79  PHE B CE1 1 
ATOM   610 C CE2 . PHE A 1 79 ? 1.856   0.027   -4.986  1.00 12.96 ? 79  PHE B CE2 1 
ATOM   611 C CZ  . PHE A 1 79 ? 1.916   -1.328  -5.286  1.00 12.39 ? 79  PHE B CZ  1 
ATOM   612 N N   . TYR A 1 80 ? -0.377  -0.431  1.591   1.00 12.28 ? 80  TYR B N   1 
ATOM   613 C CA  . TYR A 1 80 ? -0.441  -0.162  3.022   1.00 12.17 ? 80  TYR B CA  1 
ATOM   614 C C   . TYR A 1 80 ? 0.633   -0.961  3.756   1.00 11.85 ? 80  TYR B C   1 
ATOM   615 O O   . TYR A 1 80 ? 0.628   -2.198  3.729   1.00 11.40 ? 80  TYR B O   1 
ATOM   616 C CB  . TYR A 1 80 ? -1.843  -0.468  3.560   1.00 12.58 ? 80  TYR B CB  1 
ATOM   617 C CG  . TYR A 1 80 ? -2.911  0.433   2.980   1.00 12.84 ? 80  TYR B CG  1 
ATOM   618 C CD1 . TYR A 1 80 ? -3.287  1.608   3.631   1.00 13.57 ? 80  TYR B CD1 1 
ATOM   619 C CD2 . TYR A 1 80 ? -3.534  0.122   1.768   1.00 12.81 ? 80  TYR B CD2 1 
ATOM   620 C CE1 . TYR A 1 80 ? -4.264  2.448   3.093   1.00 13.90 ? 80  TYR B CE1 1 
ATOM   621 C CE2 . TYR A 1 80 ? -4.508  0.953   1.222   1.00 13.36 ? 80  TYR B CE2 1 
ATOM   622 C CZ  . TYR A 1 80 ? -4.864  2.113   1.890   1.00 13.71 ? 80  TYR B CZ  1 
ATOM   623 O OH  . TYR A 1 80 ? -5.827  2.936   1.354   1.00 14.71 ? 80  TYR B OH  1 
ATOM   624 N N   . PHE A 1 81 ? 1.549   -0.236  4.398   1.00 11.56 ? 81  PHE B N   1 
ATOM   625 C CA  . PHE A 1 81 ? 2.689   -0.819  5.107   1.00 11.55 ? 81  PHE B CA  1 
ATOM   626 C C   . PHE A 1 81 ? 2.588   -0.644  6.619   1.00 11.46 ? 81  PHE B C   1 
ATOM   627 O O   . PHE A 1 81 ? 2.093   0.381   7.100   1.00 11.07 ? 81  PHE B O   1 
ATOM   628 C CB  . PHE A 1 81 ? 3.990   -0.120  4.690   1.00 11.77 ? 81  PHE B CB  1 
ATOM   629 C CG  . PHE A 1 81 ? 4.439   -0.407  3.286   1.00 12.07 ? 81  PHE B CG  1 
ATOM   630 C CD1 . PHE A 1 81 ? 5.287   -1.481  3.018   1.00 12.59 ? 81  PHE B CD1 1 
ATOM   631 C CD2 . PHE A 1 81 ? 4.065   0.429   2.237   1.00 11.96 ? 81  PHE B CD2 1 
ATOM   632 C CE1 . PHE A 1 81 ? 5.729   -1.735  1.713   1.00 12.40 ? 81  PHE B CE1 1 
ATOM   633 C CE2 . PHE A 1 81 ? 4.500   0.183   0.933   1.00 11.95 ? 81  PHE B CE2 1 
ATOM   634 C CZ  . PHE A 1 81 ? 5.338   -0.900  0.672   1.00 12.18 ? 81  PHE B CZ  1 
ATOM   635 N N   . ARG A 1 82 ? 3.074   -1.644  7.355   1.00 11.33 ? 82  ARG B N   1 
ATOM   636 C CA  . ARG A 1 82 ? 3.524   -1.445  8.731   1.00 11.61 ? 82  ARG B CA  1 
ATOM   637 C C   . ARG A 1 82 ? 5.047   -1.299  8.699   1.00 11.64 ? 82  ARG B C   1 
ATOM   638 O O   . ARG A 1 82 ? 5.769   -2.263  8.435   1.00 11.62 ? 82  ARG B O   1 
ATOM   639 C CB  . ARG A 1 82 ? 3.096   -2.599  9.648   1.00 11.39 ? 82  ARG B CB  1 
ATOM   640 C CG  . ARG A 1 82 ? 3.552   -2.435  11.116  1.00 11.53 ? 82  ARG B CG  1 
ATOM   641 C CD  . ARG A 1 82 ? 3.067   -3.566  12.026  1.00 12.05 ? 82  ARG B CD  1 
ATOM   642 N NE  . ARG A 1 82 ? 3.697   -4.850  11.712  1.00 14.00 ? 82  ARG B NE  1 
ATOM   643 C CZ  . ARG A 1 82 ? 3.064   -5.900  11.188  1.00 14.60 ? 82  ARG B CZ  1 
ATOM   644 N NH1 . ARG A 1 82 ? 1.764   -5.846  10.924  1.00 14.69 ? 82  ARG B NH1 1 
ATOM   645 N NH2 . ARG A 1 82 ? 3.733   -7.017  10.939  1.00 15.06 ? 82  ARG B NH2 1 
ATOM   646 N N   . ILE A 1 83 ? 5.526   -0.079  8.934   1.00 11.77 ? 83  ILE B N   1 
ATOM   647 C CA  . ILE A 1 83 ? 6.958   0.182   9.004   1.00 11.84 ? 83  ILE B CA  1 
ATOM   648 C C   . ILE A 1 83 ? 7.441   -0.178  10.404  1.00 11.90 ? 83  ILE B C   1 
ATOM   649 O O   . ILE A 1 83 ? 7.011   0.422   11.394  1.00 11.46 ? 83  ILE B O   1 
ATOM   650 C CB  . ILE A 1 83 ? 7.314   1.661   8.673   1.00 11.84 ? 83  ILE B CB  1 
ATOM   651 C CG1 . ILE A 1 83 ? 6.742   2.094   7.308   1.00 12.16 ? 83  ILE B CG1 1 
ATOM   652 C CG2 . ILE A 1 83 ? 8.834   1.897   8.765   1.00 12.05 ? 83  ILE B CG2 1 
ATOM   653 C CD1 . ILE A 1 83 ? 7.285   1.333   6.086   1.00 11.52 ? 83  ILE B CD1 1 
ATOM   654 N N   . GLU A 1 84 ? 8.308   -1.182  10.476  1.00 12.15 ? 84  GLU B N   1 
ATOM   655 C CA  . GLU A 1 84 ? 8.886   -1.617  11.740  1.00 12.79 ? 84  GLU B CA  1 
ATOM   656 C C   . GLU A 1 84 ? 10.289  -1.051  11.899  1.00 13.08 ? 84  GLU B C   1 
ATOM   657 O O   . GLU A 1 84 ? 11.073  -1.023  10.946  1.00 12.97 ? 84  GLU B O   1 
ATOM   658 C CB  . GLU A 1 84 ? 8.897   -3.146  11.839  1.00 12.71 ? 84  GLU B CB  1 
ATOM   659 C CG  . GLU A 1 84 ? 7.495   -3.759  11.920  1.00 12.61 ? 84  GLU B CG  1 
ATOM   660 C CD  . GLU A 1 84 ? 7.495   -5.275  12.046  1.00 13.05 ? 84  GLU B CD  1 
ATOM   661 O OE1 . GLU A 1 84 ? 8.584   -5.894  12.084  1.00 12.84 ? 84  GLU B OE1 1 
ATOM   662 O OE2 . GLU A 1 84 ? 6.389   -5.850  12.108  1.00 13.97 ? 84  GLU B OE2 1 
ATOM   663 N N   . VAL A 1 85 ? 10.584  -0.578  13.106  1.00 13.57 ? 85  VAL B N   1 
ATOM   664 C CA  . VAL A 1 85 ? 11.894  -0.018  13.437  1.00 14.26 ? 85  VAL B CA  1 
ATOM   665 C C   . VAL A 1 85 ? 12.539  -0.790  14.590  1.00 14.73 ? 85  VAL B C   1 
ATOM   666 O O   . VAL A 1 85 ? 11.852  -1.503  15.332  1.00 14.62 ? 85  VAL B O   1 
ATOM   667 C CB  . VAL A 1 85 ? 11.816  1.501   13.770  1.00 14.28 ? 85  VAL B CB  1 
ATOM   668 C CG1 . VAL A 1 85 ? 11.403  2.311   12.537  1.00 14.46 ? 85  VAL B CG1 1 
ATOM   669 C CG2 . VAL A 1 85 ? 10.868  1.766   14.941  1.00 14.43 ? 85  VAL B CG2 1 
ATOM   670 N N   . GLU A 1 86 ? 13.854  -0.644  14.734  1.00 15.29 ? 86  GLU B N   1 
ATOM   671 C CA  . GLU A 1 86 ? 14.615  -1.378  15.747  1.00 16.05 ? 86  GLU B CA  1 
ATOM   672 C C   . GLU A 1 86 ? 14.245  -0.936  17.161  1.00 16.54 ? 86  GLU B C   1 
ATOM   673 O O   . GLU A 1 86 ? 14.239  -1.749  18.090  1.00 16.87 ? 86  GLU B O   1 
ATOM   674 C CB  . GLU A 1 86 ? 16.123  -1.228  15.511  1.00 15.96 ? 86  GLU B CB  1 
ATOM   675 C CG  . GLU A 1 86 ? 16.604  -1.775  14.165  1.00 16.16 ? 86  GLU B CG  1 
ATOM   676 C CD  . GLU A 1 86 ? 18.108  -1.660  13.980  1.00 16.08 ? 86  GLU B CD  1 
ATOM   677 O OE1 . GLU A 1 86 ? 18.543  -1.062  12.973  1.00 16.71 ? 86  GLU B OE1 1 
ATOM   678 O OE2 . GLU A 1 86 ? 18.861  -2.165  14.837  1.00 16.18 ? 86  GLU B OE2 1 
ATOM   679 N N   . GLY A 1 87 ? 13.934  0.355   17.302  1.00 17.07 ? 87  GLY B N   1 
ATOM   680 C CA  . GLY A 1 87 ? 13.487  0.956   18.565  1.00 17.67 ? 87  GLY B CA  1 
ATOM   681 C C   . GLY A 1 87 ? 14.291  0.494   19.776  1.00 17.80 ? 87  GLY B C   1 
ATOM   682 O O   . GLY A 1 87 ? 14.323  1.165   20.807  1.00 18.42 ? 87  GLY B O   1 
HETATM 683 O O   . HOH B 2 .  ? -3.921  -1.309  -13.397 1.00 21.05 ? 92  HOH B O   1 
HETATM 684 O O   . HOH B 2 .  ? 11.974  -1.978  4.168   1.00 19.36 ? 93  HOH B O   1 
HETATM 685 O O   . HOH B 2 .  ? 12.544  10.767  3.334   1.00 21.28 ? 94  HOH B O   1 
HETATM 686 O O   . HOH B 2 .  ? -12.338 -1.178  -5.702  1.00 26.60 ? 95  HOH B O   1 
HETATM 687 O O   . HOH B 2 .  ? 2.838   -6.924  -12.360 1.00 21.51 ? 96  HOH B O   1 
HETATM 688 O O   . HOH B 2 .  ? -0.524  -9.254  1.480   1.00 56.39 ? 97  HOH B O   1 
HETATM 689 O O   . HOH B 2 .  ? -0.793  7.768   -6.718  1.00 22.26 ? 98  HOH B O   1 
HETATM 690 O O   . HOH B 2 .  ? 9.033   -3.939  1.894   1.00 18.23 ? 99  HOH B O   1 
HETATM 691 O O   . HOH B 2 .  ? 12.525  2.856   -7.189  1.00 22.38 ? 100 HOH B O   1 
HETATM 692 O O   . HOH B 2 .  ? 6.862   -6.657  3.010   1.00 20.92 ? 101 HOH B O   1 
HETATM 693 O O   . HOH B 2 .  ? -4.115  5.533   -6.313  1.00 20.82 ? 102 HOH B O   1 
HETATM 694 O O   . HOH B 2 .  ? 10.172  -1.567  1.989   1.00 22.92 ? 103 HOH B O   1 
HETATM 695 O O   . HOH B 2 .  ? -5.199  -0.956  -15.807 1.00 25.56 ? 104 HOH B O   1 
HETATM 696 O O   . HOH B 2 .  ? -7.018  2.321   -0.965  1.00 23.73 ? 105 HOH B O   1 
HETATM 697 O O   . HOH B 2 .  ? -6.354  -11.118 -3.970  1.00 22.78 ? 106 HOH B O   1 
HETATM 698 O O   . HOH B 2 .  ? 15.040  1.260   12.856  1.00 28.00 ? 107 HOH B O   1 
HETATM 699 O O   . HOH B 2 .  ? 8.402   -8.447  11.042  1.00 25.70 ? 108 HOH B O   1 
HETATM 700 O O   . HOH B 2 .  ? -12.733 -3.169  11.898  1.00 41.36 ? 109 HOH B O   1 
HETATM 701 O O   . HOH B 2 .  ? -1.158  12.013  6.648   1.00 28.50 ? 110 HOH B O   1 
HETATM 702 O O   . HOH B 2 .  ? -0.889  1.048   -15.811 1.00 30.06 ? 111 HOH B O   1 
HETATM 703 O O   . HOH B 2 .  ? 0.096   3.671   -14.181 1.00 23.16 ? 112 HOH B O   1 
HETATM 704 O O   . HOH B 2 .  ? -1.054  -9.209  4.435   1.00 24.85 ? 113 HOH B O   1 
HETATM 705 O O   . HOH B 2 .  ? -2.011  10.183  -0.235  1.00 30.87 ? 114 HOH B O   1 
HETATM 706 O O   . HOH B 2 .  ? -1.090  7.606   -0.606  1.00 28.75 ? 115 HOH B O   1 
HETATM 707 O O   . HOH B 2 .  ? 8.112   6.290   -6.676  1.00 44.68 ? 116 HOH B O   1 
HETATM 708 O O   . HOH B 2 .  ? -10.092 -7.929  -8.881  1.00 32.37 ? 117 HOH B O   1 
HETATM 709 O O   . HOH B 2 .  ? 4.364   12.100  11.025  1.00 27.92 ? 118 HOH B O   1 
HETATM 710 O O   . HOH B 2 .  ? 8.468   -0.611  15.214  1.00 25.74 ? 119 HOH B O   1 
HETATM 711 O O   . HOH B 2 .  ? 10.809  5.631   10.537  1.00 35.00 ? 120 HOH B O   1 
HETATM 712 O O   . HOH B 2 .  ? 18.976  -0.499  17.239  1.00 38.69 ? 121 HOH B O   1 
HETATM 713 O O   . HOH B 2 .  ? -9.236  -7.306  10.764  1.00 37.12 ? 122 HOH B O   1 
HETATM 714 O O   . HOH B 2 .  ? 1.482   6.996   10.446  1.00 24.93 ? 123 HOH B O   1 
HETATM 715 O O   . HOH B 2 .  ? 0.432   9.914   -12.852 1.00 34.70 ? 124 HOH B O   1 
HETATM 716 O O   . HOH B 2 .  ? -7.911  -1.859  -16.677 1.00 28.17 ? 125 HOH B O   1 
HETATM 717 O O   . HOH B 2 .  ? 4.995   -4.262  14.788  1.00 41.65 ? 126 HOH B O   1 
HETATM 718 O O   . HOH B 2 .  ? 2.135   -9.300  0.834   1.00 61.29 ? 127 HOH B O   1 
HETATM 719 O O   . HOH B 2 .  ? 3.838   4.551   -20.107 1.00 38.80 ? 128 HOH B O   1 
HETATM 720 O O   . HOH B 2 .  ? 7.401   -5.923  -7.092  1.00 31.68 ? 129 HOH B O   1 
HETATM 721 O O   . HOH B 2 .  ? -9.247  4.010   -1.633  1.00 41.57 ? 130 HOH B O   1 
HETATM 722 O O   . HOH B 2 .  ? 3.773   -7.514  -14.743 1.00 39.80 ? 131 HOH B O   1 
HETATM 723 O O   . HOH B 2 .  ? 5.044   -8.369  13.985  1.00 42.99 ? 132 HOH B O   1 
HETATM 724 O O   . HOH B 2 .  ? 10.071  15.814  -16.806 1.00 35.33 ? 133 HOH B O   1 
HETATM 725 O O   . HOH B 2 .  ? 16.621  3.041   1.560   1.00 36.64 ? 134 HOH B O   1 
HETATM 726 O O   . HOH B 2 .  ? 21.072  -0.084  13.117  1.00 29.36 ? 135 HOH B O   1 
HETATM 727 O O   . HOH B 2 .  ? 6.797   7.017   7.977   1.00 46.76 ? 136 HOH B O   1 
HETATM 728 O O   . HOH B 2 .  ? -6.696  10.025  3.781   1.00 58.63 ? 137 HOH B O   1 
HETATM 729 O O   . HOH B 2 .  ? -1.386  14.214  -5.999  1.00 48.84 ? 138 HOH B O   1 
HETATM 730 O O   . HOH B 2 .  ? 6.249   -5.283  -14.976 1.00 36.19 ? 139 HOH B O   1 
HETATM 731 O O   . HOH B 2 .  ? -3.195  1.399   12.124  1.00 42.56 ? 140 HOH B O   1 
HETATM 732 O O   . HOH B 2 .  ? -14.389 -3.174  5.371   1.00 42.46 ? 141 HOH B O   1 
HETATM 733 O O   . HOH B 2 .  ? -3.064  7.534   -11.276 1.00 38.30 ? 142 HOH B O   1 
HETATM 734 O O   . HOH B 2 .  ? 5.766   -9.580  9.933   1.00 36.82 ? 143 HOH B O   1 
HETATM 735 O O   . HOH B 2 .  ? 5.473   5.619   9.831   1.00 38.05 ? 144 HOH B O   1 
HETATM 736 O O   . HOH B 2 .  ? 16.835  0.773   4.071   1.00 36.79 ? 145 HOH B O   1 
HETATM 737 O O   . HOH B 2 .  ? 3.445   8.278   11.752  1.00 40.01 ? 146 HOH B O   1 
HETATM 738 O O   . HOH B 2 .  ? 21.862  -2.217  13.015  1.00 37.36 ? 147 HOH B O   1 
HETATM 739 O O   . HOH B 2 .  ? -4.007  8.139   5.606   1.00 45.79 ? 148 HOH B O   1 
HETATM 740 O O   . HOH B 2 .  ? 9.526   0.134   -10.262 1.00 40.12 ? 149 HOH B O   1 
HETATM 741 O O   . HOH B 2 .  ? 11.874  7.172   0.869   1.00 32.16 ? 150 HOH B O   1 
HETATM 742 O O   . HOH B 2 .  ? -14.799 -4.202  -1.942  1.00 31.32 ? 151 HOH B O   1 
HETATM 743 O O   . HOH B 2 .  ? 2.086   -0.091  13.857  1.00 30.78 ? 152 HOH B O   1 
HETATM 744 O O   . HOH B 2 .  ? 16.690  6.082   0.132   0.50 25.33 ? 153 HOH B O   1 
HETATM 745 O O   . HOH B 2 .  ? 8.216   8.892   -17.935 1.00 42.58 ? 154 HOH B O   1 
HETATM 746 O O   . HOH B 2 .  ? -6.471  -15.944 -1.232  1.00 34.83 ? 155 HOH B O   1 
HETATM 747 O O   . HOH B 2 .  ? -1.972  -11.105 0.075   1.00 49.68 ? 156 HOH B O   1 
HETATM 748 O O   . HOH B 2 .  ? -16.297 -4.896  0.400   1.00 36.36 ? 157 HOH B O   1 
HETATM 749 O O   . HOH B 2 .  ? 14.991  -1.168  -7.318  1.00 39.90 ? 158 HOH B O   1 
HETATM 750 O O   . HOH B 2 .  ? -5.984  6.517   -8.197  1.00 32.63 ? 159 HOH B O   1 
HETATM 751 O O   . HOH B 2 .  ? 0.643   -8.564  10.029  1.00 39.62 ? 160 HOH B O   1 
HETATM 752 O O   . HOH B 2 .  ? 3.703   -8.959  4.548   1.00 39.75 ? 161 HOH B O   1 
HETATM 753 O O   . HOH B 2 .  ? 7.847   8.575   6.764   1.00 43.95 ? 162 HOH B O   1 
HETATM 754 O O   . HOH B 2 .  ? -14.634 -0.175  -1.080  1.00 46.83 ? 163 HOH B O   1 
HETATM 755 O O   . HOH B 2 .  ? -5.309  -13.577 -0.103  1.00 32.97 ? 164 HOH B O   1 
HETATM 756 O O   . HOH B 2 .  ? -4.421  7.077   -3.212  1.00 45.14 ? 165 HOH B O   1 
HETATM 757 O O   . HOH B 2 .  ? 5.363   -0.881  13.850  1.00 40.00 ? 166 HOH B O   1 
HETATM 758 O O   . HOH B 2 .  ? -14.614 -2.142  -3.075  1.00 50.30 ? 167 HOH B O   1 
HETATM 759 O O   . HOH B 2 .  ? 17.721  8.560   7.314   1.00 52.62 ? 168 HOH B O   1 
HETATM 760 O O   . HOH B 2 .  ? 6.551   9.158   9.189   1.00 40.95 ? 169 HOH B O   1 
HETATM 761 O O   . HOH B 2 .  ? -4.437  -12.413 -2.520  1.00 44.10 ? 170 HOH B O   1 
HETATM 762 O O   . HOH B 2 .  ? -7.326  5.035   -10.714 1.00 41.26 ? 171 HOH B O   1 
HETATM 763 O O   . HOH B 2 .  ? -19.076 -9.934  -1.902  1.00 50.96 ? 172 HOH B O   1 
HETATM 764 O O   . HOH B 2 .  ? -6.888  6.782   -3.746  1.00 59.02 ? 173 HOH B O   1 
HETATM 765 O O   . HOH B 2 .  ? -3.066  15.381  -3.431  0.50 27.84 ? 174 HOH B O   1 
HETATM 766 O O   . HOH B 2 .  ? 8.212   10.098  4.753   1.00 40.07 ? 175 HOH B O   1 
HETATM 767 O O   . HOH B 2 .  ? 7.882   5.270   10.231  1.00 44.85 ? 176 HOH B O   1 
HETATM 768 O O   . HOH B 2 .  ? 16.985  0.163   11.326  1.00 35.49 ? 177 HOH B O   1 
HETATM 769 O O   . HOH B 2 .  ? -1.925  -12.501 -3.378  1.00 40.09 ? 178 HOH B O   1 
HETATM 770 O O   . HOH B 2 .  ? -6.473  6.254   3.403   1.00 49.22 ? 179 HOH B O   1 
HETATM 771 O O   . HOH B 2 .  ? -10.843 2.428   6.192   1.00 45.53 ? 180 HOH B O   1 
HETATM 772 O O   . HOH B 2 .  ? -10.017 1.460   8.869   1.00 53.80 ? 181 HOH B O   1 
HETATM 773 O O   . HOH B 2 .  ? 8.935   11.342  -18.364 1.00 48.19 ? 182 HOH B O   1 
HETATM 774 O O   . HOH B 2 .  ? -9.062  4.828   -4.723  1.00 58.66 ? 183 HOH B O   1 
HETATM 775 O O   . HOH B 2 .  ? 7.433   3.480   12.025  1.00 38.80 ? 184 HOH B O   1 
HETATM 776 O O   . HOH B 2 .  ? -1.720  -11.717 3.454   1.00 50.09 ? 185 HOH B O   1 
HETATM 777 O O   . HOH B 2 .  ? 0.324   7.604   -15.928 1.00 44.02 ? 186 HOH B O   1 
HETATM 778 O O   . HOH B 2 .  ? 5.584   -10.339 -12.568 1.00 43.19 ? 187 HOH B O   1 
HETATM 779 O O   . HOH B 2 .  ? -5.225  3.958   11.060  1.00 50.99 ? 188 HOH B O   1 
HETATM 780 O O   . HOH B 2 .  ? -9.839  -0.126  10.537  1.00 48.81 ? 189 HOH B O   1 
HETATM 781 O O   . HOH B 2 .  ? 6.705   0.818   13.983  1.00 45.19 ? 190 HOH B O   1 
HETATM 782 O O   . HOH B 2 .  ? -7.892  7.503   -6.786  1.00 56.29 ? 191 HOH B O   1 
HETATM 783 O O   . HOH B 2 .  ? -3.981  10.943  -1.278  1.00 55.49 ? 192 HOH B O   1 
HETATM 784 O O   . HOH B 2 .  ? 0.054   -0.098  -20.231 1.00 59.56 ? 193 HOH B O   1 
HETATM 785 O O   . HOH B 2 .  ? -3.524  5.525   -13.927 1.00 49.02 ? 194 HOH B O   1 
HETATM 786 O O   . HOH B 2 .  ? -3.815  -12.432 -6.101  1.00 49.67 ? 195 HOH B O   1 
HETATM 787 O O   . HOH B 2 .  ? 13.281  -1.928  -1.436  1.00 54.35 ? 196 HOH B O   1 
HETATM 788 O O   . HOH B 2 .  ? -11.780 2.889   -2.771  1.00 43.55 ? 197 HOH B O   1 
HETATM 789 O O   . HOH B 2 .  ? 12.343  -3.680  -0.775  1.00 58.97 ? 198 HOH B O   1 
HETATM 790 O O   . HOH B 2 .  ? 16.393  4.445   9.493   1.00 63.18 ? 199 HOH B O   1 
HETATM 791 O O   . HOH B 2 .  ? 14.333  2.855   16.074  1.00 45.37 ? 200 HOH B O   1 
HETATM 792 O O   . HOH B 2 .  ? -10.383 -9.149  8.646   1.00 80.72 ? 201 HOH B O   1 
HETATM 793 O O   . HOH B 2 .  ? -11.654 -7.327  6.595   1.00 85.21 ? 202 HOH B O   1 
HETATM 794 O O   . HOH B 2 .  ? 3.330   2.738   14.242  1.00 44.71 ? 203 HOH B O   1 
HETATM 795 O O   . HOH B 2 .  ? 14.276  3.197   10.906  1.00 36.43 ? 204 HOH B O   1 
HETATM 796 O O   . HOH B 2 .  ? 6.978   3.686   14.815  1.00 57.61 ? 205 HOH B O   1 
HETATM 797 O O   . HOH B 2 .  ? -2.725  2.593   -20.744 1.00 49.67 ? 206 HOH B O   1 
HETATM 798 O O   . HOH B 2 .  ? 12.818  6.036   -15.190 1.00 67.74 ? 207 HOH B O   1 
HETATM 799 O O   . HOH B 2 .  ? -0.959  3.983   12.268  1.00 50.56 ? 208 HOH B O   1 
HETATM 800 O O   . HOH B 2 .  ? -4.856  1.302   -21.479 1.00 62.97 ? 209 HOH B O   1 
HETATM 801 O O   . HOH B 2 .  ? -1.180  9.511   -10.321 1.00 41.41 ? 210 HOH B O   1 
HETATM 802 O O   . HOH B 2 .  ? 1.938   13.220  -6.224  1.00 37.12 ? 211 HOH B O   1 
HETATM 803 O O   . HOH B 2 .  ? 11.333  -4.784  -4.652  1.00 42.72 ? 212 HOH B O   1 
# 
